data_9GXV
#
_entry.id   9GXV
#
_cell.length_a   1.00
_cell.length_b   1.00
_cell.length_c   1.00
_cell.angle_alpha   90.00
_cell.angle_beta   90.00
_cell.angle_gamma   90.00
#
_symmetry.space_group_name_H-M   'P 1'
#
loop_
_entity.id
_entity.type
_entity.pdbx_description
1 polymer 'UvrABC system protein A'
2 polymer 'DNA (50-MER) with a fluorescein modification - (random sequence built in model)'
3 non-polymer 'ZINC ION'
4 non-polymer "ADENOSINE-5'-DIPHOSPHATE"
#
loop_
_entity_poly.entity_id
_entity_poly.type
_entity_poly.pdbx_seq_one_letter_code
_entity_poly.pdbx_strand_id
1 'polypeptide(L)'
;MGSSHHHHHHSSGLVPRGSHMKKDYIVVKGAREHNLKNIDVKIPRDKFVVITGLSGSGKSSLAFDTIYAEGQRRYVESLS
SYARQFLGQMEKPDVDYIDGLSPAIAIDQKTTSRNPRSTVGTVTEIYDYLRLLFARIGTPHCYLCGREISQQTVDQMVDR
IMEFEEGTRIQLLAPVVRGRKGEYHKLIEDIKKEGYVRIRVDGEVVDVNDPVNLDKNKKHNIEIVVDRLIVRPGIQKRLT
DSIETVLRLSNGILVVDVIGGKEMLLSQNFACTECNVSMEEITPRMFSFNNPYGACPECTGLGSLMRIDPDLVIPDKKLS
LAQGAVRASGWNIANDESYARMYIDALAKHYNFSVDTPVEELPPHILDIILYGTNGEKIKIEYERENEKGTFMASFPGII
NSMERRYKETTSEVMKQYYENFMSNIPCPVCKGARLKKESLAVTIGGKNIYEVCCLSIGEAKEFFANLNLTERQQLIARQ
ILKEINARLGFLVDVGLDYLTLARAAGTLSGGEAQRIRLATQIGSGLMGVIYILDEPSIGLHQRDNDRLLRSLKKLRDLG
NTLLVVEHDEDTMYASDYIIDLGPGAGSHGGQIVAEGTVEEIKQNPNSVTGEYLSGRKKIEVPKERRKPNGKWLEIIGAR
ENNLKNINVRIPLGVFTCITGVSGSGKSSLINEILYKRLAAELNRASVKPGEHDLIKGIEYLDKVIDIDQSPIGRTPRSN
PATYTGVFDFIREIFANTTEAKTRGYKAGRFSFNVKGGRCEACAGDGINKIEMHFLPDIYVPCEVCKGKRYNRETLEVRY
KGKNIAEVLDMTVEEALEFFKNIPRIHKKIETLYDVGLGYIKLGQSSTTLSGGEAQRVKLATELSRKSTGKTMYILDEPT
TGLHMADVHRLVGILHRLVEAGNSVVVIEHNLDVIKTADYIIDLGPEGGSGGGLVVAEGTPEEVAKVENSYTGQFLKKVL
ST
;
A,B
2 'polydeoxyribonucleotide'
;(DG)(DC)(DA)(DT)(DC)(DG)(DT)(DA)(DC)(DT)(DG)(DT)(DT)(DA)(DC)(DG)(DG)(DC)(DT)(DC)
(DC)(DA)(DT)(DC)(DA)(DG)(DA)(DT)(DG)(DG)(DA)(DG)(DC)(DC)(DG)(DT)(DA)(DA)(DC)(DA)
(DG)(DT)(DA)(DC)(DG)(DA)(DT)(DG)(DC)(DA)
;
C,D
#
# COMPACT_ATOMS: atom_id res chain seq x y z
N ASP A 24 11.58 -20.64 -18.86
CA ASP A 24 12.32 -19.37 -18.97
C ASP A 24 11.71 -18.49 -20.06
N TYR A 25 10.40 -18.60 -20.26
CA TYR A 25 9.67 -17.80 -21.23
C TYR A 25 8.47 -17.17 -20.54
N ILE A 26 8.29 -15.87 -20.73
CA ILE A 26 7.10 -15.17 -20.22
C ILE A 26 6.05 -15.27 -21.32
N VAL A 27 5.37 -16.41 -21.34
CA VAL A 27 4.36 -16.66 -22.36
C VAL A 27 3.05 -16.00 -21.96
N VAL A 28 2.53 -15.15 -22.84
CA VAL A 28 1.23 -14.52 -22.64
C VAL A 28 0.34 -14.90 -23.82
N LYS A 29 -0.86 -15.38 -23.53
CA LYS A 29 -1.80 -15.81 -24.54
C LYS A 29 -3.14 -15.14 -24.30
N GLY A 30 -3.78 -14.71 -25.38
CA GLY A 30 -5.07 -14.06 -25.28
C GLY A 30 -5.00 -12.72 -24.60
N ALA A 31 -4.27 -11.78 -25.19
CA ALA A 31 -4.19 -10.41 -24.69
C ALA A 31 -5.12 -9.54 -25.53
N ARG A 32 -6.11 -8.93 -24.87
CA ARG A 32 -7.12 -8.14 -25.56
C ARG A 32 -7.33 -6.78 -24.91
N GLU A 33 -6.40 -6.33 -24.09
CA GLU A 33 -6.53 -5.04 -23.44
C GLU A 33 -6.46 -3.91 -24.46
N HIS A 34 -7.30 -2.89 -24.26
CA HIS A 34 -7.39 -1.73 -25.13
C HIS A 34 -7.66 -2.13 -26.58
N ASN A 35 -6.69 -1.93 -27.46
CA ASN A 35 -6.87 -2.17 -28.89
C ASN A 35 -5.86 -3.20 -29.41
N LEU A 36 -5.68 -4.29 -28.66
CA LEU A 36 -4.81 -5.37 -29.07
C LEU A 36 -5.65 -6.50 -29.65
N LYS A 37 -5.26 -6.99 -30.83
CA LYS A 37 -6.07 -7.95 -31.58
C LYS A 37 -5.65 -9.39 -31.27
N ASN A 38 -5.79 -9.75 -29.98
CA ASN A 38 -5.58 -11.11 -29.50
C ASN A 38 -4.20 -11.64 -29.89
N ILE A 39 -3.17 -10.95 -29.40
CA ILE A 39 -1.80 -11.28 -29.72
C ILE A 39 -1.33 -12.46 -28.89
N ASP A 40 -0.19 -13.04 -29.25
CA ASP A 40 0.40 -14.14 -28.50
C ASP A 40 1.92 -14.08 -28.71
N VAL A 41 2.63 -13.53 -27.72
CA VAL A 41 4.07 -13.33 -27.83
C VAL A 41 4.76 -14.23 -26.81
N LYS A 42 6.07 -14.40 -27.01
CA LYS A 42 6.91 -15.22 -26.14
C LYS A 42 8.17 -14.41 -25.82
N ILE A 43 8.11 -13.63 -24.75
CA ILE A 43 9.24 -12.79 -24.35
C ILE A 43 10.27 -13.63 -23.60
N PRO A 44 11.51 -13.69 -24.07
CA PRO A 44 12.53 -14.46 -23.36
C PRO A 44 12.87 -13.83 -22.01
N ARG A 45 13.33 -14.67 -21.09
CA ARG A 45 13.66 -14.25 -19.73
C ARG A 45 15.15 -13.98 -19.61
N ASP A 46 15.49 -13.02 -18.74
CA ASP A 46 16.88 -12.66 -18.45
C ASP A 46 17.62 -12.23 -19.71
N LYS A 47 16.94 -11.48 -20.57
CA LYS A 47 17.56 -10.96 -21.79
C LYS A 47 16.98 -9.59 -22.09
N PHE A 48 17.73 -8.81 -22.87
CA PHE A 48 17.36 -7.44 -23.19
C PHE A 48 16.30 -7.44 -24.28
N VAL A 49 15.08 -7.04 -23.93
CA VAL A 49 13.95 -7.03 -24.84
C VAL A 49 13.46 -5.61 -24.99
N VAL A 50 13.33 -5.15 -26.24
CA VAL A 50 12.89 -3.80 -26.55
C VAL A 50 11.60 -3.86 -27.35
N ILE A 51 10.65 -3.00 -26.99
CA ILE A 51 9.35 -2.93 -27.64
C ILE A 51 9.30 -1.64 -28.46
N THR A 52 9.02 -1.77 -29.76
CA THR A 52 9.04 -0.64 -30.68
C THR A 52 7.73 -0.58 -31.45
N GLY A 53 7.22 0.63 -31.62
CA GLY A 53 6.02 0.82 -32.42
C GLY A 53 5.75 2.31 -32.59
N LEU A 54 4.82 2.60 -33.50
CA LEU A 54 4.42 3.97 -33.73
C LEU A 54 3.65 4.51 -32.53
N SER A 55 3.48 5.83 -32.48
CA SER A 55 2.80 6.47 -31.37
C SER A 55 1.34 6.04 -31.35
N GLY A 56 0.97 5.23 -30.36
CA GLY A 56 -0.38 4.72 -30.26
C GLY A 56 -0.60 3.35 -30.86
N SER A 57 0.45 2.68 -31.35
CA SER A 57 0.32 1.35 -31.93
C SER A 57 -0.05 0.29 -30.91
N GLY A 58 0.07 0.59 -29.62
CA GLY A 58 -0.16 -0.40 -28.58
C GLY A 58 1.09 -0.91 -27.90
N LYS A 59 2.25 -0.35 -28.20
CA LYS A 59 3.48 -0.78 -27.54
C LYS A 59 3.44 -0.52 -26.05
N SER A 60 2.89 0.63 -25.64
CA SER A 60 2.80 0.94 -24.22
C SER A 60 1.73 0.13 -23.52
N SER A 61 0.62 -0.15 -24.20
CA SER A 61 -0.44 -0.94 -23.57
C SER A 61 0.05 -2.35 -23.23
N LEU A 62 0.63 -3.05 -24.21
CA LEU A 62 1.07 -4.43 -24.00
C LEU A 62 1.99 -4.54 -22.79
N ALA A 63 2.83 -3.54 -22.56
CA ALA A 63 3.71 -3.60 -21.40
C ALA A 63 2.97 -3.18 -20.13
N PHE A 64 2.58 -1.90 -20.05
CA PHE A 64 2.10 -1.37 -18.78
C PHE A 64 0.76 -1.95 -18.38
N ASP A 65 -0.21 -1.96 -19.29
CA ASP A 65 -1.57 -2.34 -18.89
C ASP A 65 -1.68 -3.83 -18.63
N THR A 66 -0.91 -4.65 -19.36
CA THR A 66 -0.99 -6.09 -19.21
C THR A 66 0.08 -6.65 -18.26
N ILE A 67 1.36 -6.53 -18.61
CA ILE A 67 2.38 -7.32 -17.93
C ILE A 67 2.70 -6.74 -16.57
N TYR A 68 2.97 -5.43 -16.50
CA TYR A 68 3.25 -4.81 -15.22
C TYR A 68 2.05 -4.90 -14.29
N ALA A 69 0.85 -4.66 -14.80
CA ALA A 69 -0.34 -4.75 -13.97
C ALA A 69 -0.53 -6.15 -13.43
N GLU A 70 -0.36 -7.17 -14.27
CA GLU A 70 -0.53 -8.54 -13.81
C GLU A 70 0.51 -8.91 -12.77
N GLY A 71 1.78 -8.54 -13.00
CA GLY A 71 2.81 -8.86 -12.04
C GLY A 71 2.59 -8.17 -10.70
N GLN A 72 2.28 -6.88 -10.75
CA GLN A 72 2.04 -6.14 -9.51
C GLN A 72 0.83 -6.69 -8.76
N ARG A 73 -0.23 -7.03 -9.48
CA ARG A 73 -1.40 -7.61 -8.82
C ARG A 73 -1.07 -8.96 -8.21
N ARG A 74 -0.32 -9.80 -8.91
CA ARG A 74 0.05 -11.11 -8.40
C ARG A 74 0.87 -10.97 -7.11
N TYR A 75 1.80 -10.02 -7.07
CA TYR A 75 2.60 -9.85 -5.87
C TYR A 75 1.78 -9.25 -4.73
N VAL A 76 0.95 -8.24 -5.03
CA VAL A 76 0.23 -7.53 -3.98
C VAL A 76 -0.83 -8.43 -3.35
N GLU A 77 -1.50 -9.24 -4.16
CA GLU A 77 -2.53 -10.14 -3.63
C GLU A 77 -1.93 -11.19 -2.70
N SER A 78 -0.62 -11.38 -2.72
CA SER A 78 0.03 -12.39 -1.89
C SER A 78 0.46 -11.84 -0.54
N LEU A 79 1.01 -10.63 -0.50
CA LEU A 79 1.47 -10.03 0.74
C LEU A 79 0.28 -9.62 1.62
N GLU A 91 -7.54 -4.28 -10.37
CA GLU A 91 -7.37 -3.93 -11.77
C GLU A 91 -6.81 -5.11 -12.56
N LYS A 92 -7.59 -6.16 -12.68
CA LYS A 92 -7.15 -7.34 -13.41
C LYS A 92 -7.10 -7.06 -14.90
N PRO A 93 -5.98 -7.33 -15.57
CA PRO A 93 -5.91 -7.12 -17.01
C PRO A 93 -6.79 -8.11 -17.76
N ASP A 94 -7.23 -7.68 -18.94
CA ASP A 94 -8.08 -8.52 -19.80
C ASP A 94 -7.19 -9.46 -20.61
N VAL A 95 -6.65 -10.45 -19.92
CA VAL A 95 -5.76 -11.44 -20.51
C VAL A 95 -6.15 -12.82 -20.01
N ASP A 96 -6.07 -13.82 -20.88
CA ASP A 96 -6.48 -15.18 -20.51
C ASP A 96 -5.61 -15.74 -19.39
N TYR A 97 -4.31 -15.91 -19.67
CA TYR A 97 -3.41 -16.47 -18.68
C TYR A 97 -1.97 -16.11 -19.05
N ILE A 98 -1.15 -15.85 -18.03
CA ILE A 98 0.26 -15.54 -18.20
C ILE A 98 1.06 -16.49 -17.32
N ASP A 99 2.02 -17.19 -17.90
CA ASP A 99 2.82 -18.18 -17.20
C ASP A 99 4.27 -17.74 -17.14
N GLY A 100 4.86 -17.80 -15.96
CA GLY A 100 6.24 -17.41 -15.77
C GLY A 100 6.47 -15.99 -15.32
N LEU A 101 5.42 -15.30 -14.88
CA LEU A 101 5.56 -13.92 -14.47
C LEU A 101 6.36 -13.81 -13.17
N SER A 102 6.91 -12.63 -12.93
CA SER A 102 7.65 -12.29 -11.73
C SER A 102 7.20 -10.92 -11.27
N PRO A 103 7.44 -10.57 -10.00
CA PRO A 103 7.12 -9.21 -9.55
C PRO A 103 7.87 -8.18 -10.39
N ALA A 104 7.15 -7.13 -10.78
CA ALA A 104 7.68 -6.14 -11.72
C ALA A 104 7.67 -4.77 -11.08
N ILE A 105 8.68 -3.97 -11.41
CA ILE A 105 8.80 -2.59 -10.96
C ILE A 105 8.80 -1.69 -12.19
N ALA A 106 7.94 -0.68 -12.19
CA ALA A 106 7.79 0.22 -13.32
C ALA A 106 8.58 1.50 -13.05
N ILE A 107 9.37 1.91 -14.04
CA ILE A 107 10.16 3.13 -13.98
C ILE A 107 9.61 4.07 -15.04
N ASP A 108 9.01 5.17 -14.61
CA ASP A 108 8.38 6.12 -15.50
C ASP A 108 8.82 7.54 -15.14
N GLN A 109 8.65 8.45 -16.11
CA GLN A 109 9.06 9.84 -15.95
C GLN A 109 7.99 10.65 -15.21
N LYS A 110 7.58 10.18 -14.04
CA LYS A 110 6.57 10.83 -13.23
C LYS A 110 7.13 11.12 -11.84
N THR A 111 6.82 12.31 -11.32
CA THR A 111 7.28 12.71 -10.00
C THR A 111 6.24 13.62 -9.38
N THR A 112 6.29 13.70 -8.05
CA THR A 112 5.36 14.54 -7.29
C THR A 112 6.15 15.39 -6.30
N SER A 113 5.44 16.26 -5.58
CA SER A 113 6.08 17.10 -4.59
C SER A 113 6.69 16.26 -3.47
N ARG A 114 6.03 15.16 -3.09
CA ARG A 114 6.50 14.25 -2.05
C ARG A 114 6.63 15.06 -0.76
N ASN A 115 7.77 15.03 -0.08
CA ASN A 115 7.96 15.78 1.15
C ASN A 115 9.32 16.45 1.12
N PRO A 116 9.48 17.58 1.81
CA PRO A 116 10.80 18.22 1.88
C PRO A 116 11.86 17.36 2.56
N ARG A 117 11.45 16.36 3.34
CA ARG A 117 12.42 15.49 4.00
C ARG A 117 13.27 14.73 2.98
N SER A 118 12.65 14.21 1.94
CA SER A 118 13.37 13.39 0.97
C SER A 118 14.23 14.26 0.08
N THR A 119 15.50 13.91 -0.04
CA THR A 119 16.46 14.58 -0.91
C THR A 119 17.06 13.56 -1.88
N VAL A 120 18.01 14.03 -2.68
CA VAL A 120 18.72 13.12 -3.58
C VAL A 120 19.52 12.11 -2.78
N GLY A 121 20.17 12.55 -1.71
CA GLY A 121 20.95 11.64 -0.88
C GLY A 121 20.09 10.58 -0.23
N THR A 122 18.88 10.94 0.20
CA THR A 122 17.98 9.97 0.82
C THR A 122 17.43 9.00 -0.22
N VAL A 123 17.00 9.51 -1.37
CA VAL A 123 16.41 8.66 -2.40
C VAL A 123 17.45 7.68 -2.94
N THR A 124 18.67 8.15 -3.19
CA THR A 124 19.73 7.29 -3.69
C THR A 124 20.20 6.27 -2.64
N GLU A 125 19.77 6.43 -1.39
CA GLU A 125 20.17 5.54 -0.29
C GLU A 125 21.67 5.60 -0.06
N ILE A 126 22.23 6.81 -0.14
CA ILE A 126 23.61 7.05 0.21
C ILE A 126 23.75 7.75 1.57
N TYR A 127 22.75 8.54 1.97
CA TYR A 127 22.83 9.27 3.23
C TYR A 127 22.95 8.32 4.42
N ASP A 128 22.32 7.15 4.34
CA ASP A 128 22.43 6.18 5.44
C ASP A 128 23.87 5.69 5.59
N TYR A 129 24.52 5.35 4.47
CA TYR A 129 25.91 4.93 4.54
C TYR A 129 26.82 6.06 4.98
N LEU A 130 26.52 7.30 4.57
CA LEU A 130 27.28 8.44 5.06
C LEU A 130 27.14 8.61 6.57
N ARG A 131 25.92 8.41 7.08
CA ARG A 131 25.70 8.46 8.52
C ARG A 131 26.51 7.39 9.23
N LEU A 132 26.50 6.17 8.69
CA LEU A 132 27.28 5.10 9.31
C LEU A 132 28.77 5.43 9.30
N LEU A 133 29.28 5.96 8.19
CA LEU A 133 30.69 6.31 8.10
C LEU A 133 31.05 7.40 9.10
N PHE A 134 30.20 8.42 9.22
CA PHE A 134 30.48 9.50 10.17
C PHE A 134 30.41 9.02 11.61
N ALA A 135 29.49 8.10 11.90
CA ALA A 135 29.39 7.57 13.26
C ALA A 135 30.59 6.69 13.59
N ARG A 136 31.10 5.93 12.62
CA ARG A 136 32.14 4.97 12.90
C ARG A 136 33.53 5.59 12.89
N ILE A 137 33.82 6.47 11.92
CA ILE A 137 35.16 7.02 11.74
C ILE A 137 35.25 8.49 12.09
N GLY A 138 34.12 9.18 12.29
CA GLY A 138 34.17 10.59 12.59
C GLY A 138 34.84 10.88 13.91
N THR A 139 35.53 12.03 13.96
CA THR A 139 36.25 12.44 15.15
C THR A 139 35.63 13.69 15.75
N PRO A 140 35.62 13.83 17.07
CA PRO A 140 35.05 15.03 17.68
C PRO A 140 35.90 16.26 17.38
N HIS A 141 35.24 17.41 17.38
CA HIS A 141 35.92 18.68 17.13
C HIS A 141 35.30 19.81 17.94
N ILE A 282 29.24 9.64 19.42
CA ILE A 282 29.51 9.11 18.09
C ILE A 282 28.59 7.94 17.78
N THR A 283 27.34 8.24 17.48
CA THR A 283 26.32 7.26 17.15
C THR A 283 25.61 7.67 15.87
N PRO A 284 25.09 6.70 15.11
CA PRO A 284 24.39 7.03 13.86
C PRO A 284 22.96 7.53 14.05
N ARG A 285 22.56 7.87 15.28
CA ARG A 285 21.21 8.34 15.53
C ARG A 285 21.08 9.85 15.40
N MET A 286 22.12 10.60 15.78
CA MET A 286 22.08 12.05 15.76
C MET A 286 22.64 12.65 14.48
N PHE A 287 23.03 11.82 13.51
CA PHE A 287 23.55 12.30 12.24
C PHE A 287 22.47 12.46 11.19
N SER A 288 21.20 12.23 11.53
CA SER A 288 20.11 12.29 10.59
C SER A 288 19.09 13.35 11.02
N PHE A 289 18.47 13.98 10.03
CA PHE A 289 17.44 14.97 10.29
C PHE A 289 16.04 14.36 10.37
N ASN A 290 15.91 13.05 10.17
CA ASN A 290 14.63 12.37 10.23
C ASN A 290 14.29 11.88 11.63
N ASN A 291 15.18 12.10 12.60
CA ASN A 291 14.96 11.68 13.98
C ASN A 291 15.19 12.85 14.92
N PRO A 292 14.50 12.87 16.06
CA PRO A 292 14.69 13.98 17.01
C PRO A 292 16.08 14.07 17.59
N TYR A 293 16.89 13.00 17.48
CA TYR A 293 18.21 13.00 18.10
C TYR A 293 19.12 14.06 17.50
N GLY A 294 19.04 14.26 16.17
CA GLY A 294 19.97 15.17 15.52
C GLY A 294 19.34 16.32 14.76
N ALA A 295 18.03 16.25 14.52
CA ALA A 295 17.35 17.30 13.77
C ALA A 295 17.43 18.63 14.50
N CYS A 296 17.55 19.71 13.74
CA CYS A 296 17.62 21.04 14.34
C CYS A 296 16.28 21.40 14.96
N PRO A 297 16.24 21.76 16.25
CA PRO A 297 14.94 22.06 16.88
C PRO A 297 14.22 23.25 16.26
N GLU A 298 14.94 24.25 15.77
CA GLU A 298 14.29 25.46 15.29
C GLU A 298 13.50 25.19 14.01
N CYS A 299 14.11 24.52 13.04
CA CYS A 299 13.47 24.24 11.77
C CYS A 299 12.84 22.85 11.71
N THR A 300 12.83 22.12 12.82
CA THR A 300 12.24 20.79 12.93
C THR A 300 12.88 19.80 11.95
N GLY A 301 14.08 20.08 11.48
CA GLY A 301 14.79 19.20 10.58
C GLY A 301 14.53 19.42 9.10
N LEU A 302 13.55 20.26 8.75
CA LEU A 302 13.29 20.53 7.33
C LEU A 302 14.44 21.26 6.68
N GLY A 303 15.06 22.19 7.39
CA GLY A 303 16.16 22.97 6.86
C GLY A 303 15.77 24.27 6.19
N SER A 304 14.47 24.56 6.07
CA SER A 304 14.02 25.79 5.46
C SER A 304 12.66 26.14 6.04
N LEU A 305 12.62 27.19 6.87
CA LEU A 305 11.37 27.62 7.49
C LEU A 305 10.45 28.19 6.42
N MET A 306 9.42 27.44 6.05
CA MET A 306 8.48 27.84 5.01
C MET A 306 7.21 28.34 5.69
N ARG A 307 7.18 29.63 6.02
CA ARG A 307 6.03 30.26 6.64
C ARG A 307 5.23 31.03 5.59
N ILE A 308 4.23 31.77 6.05
CA ILE A 308 3.37 32.55 5.16
C ILE A 308 3.84 34.01 5.21
N ASP A 309 4.20 34.55 4.05
CA ASP A 309 4.65 35.94 3.99
C ASP A 309 3.48 36.88 4.24
N PRO A 310 3.60 37.82 5.17
CA PRO A 310 2.49 38.77 5.40
C PRO A 310 2.14 39.58 4.17
N ASP A 311 3.12 39.92 3.32
CA ASP A 311 2.83 40.66 2.10
C ASP A 311 1.96 39.83 1.16
N LEU A 312 2.24 38.54 1.04
CA LEU A 312 1.43 37.68 0.17
C LEU A 312 0.02 37.50 0.71
N VAL A 313 -0.14 37.47 2.03
CA VAL A 313 -1.46 37.32 2.62
C VAL A 313 -2.35 38.51 2.30
N ILE A 314 -1.80 39.72 2.39
CA ILE A 314 -2.55 40.94 2.13
C ILE A 314 -1.78 41.79 1.12
N PRO A 315 -1.81 41.44 -0.17
CA PRO A 315 -1.07 42.25 -1.16
C PRO A 315 -1.56 43.69 -1.25
N ASP A 316 -2.85 43.93 -1.04
CA ASP A 316 -3.43 45.27 -1.13
C ASP A 316 -3.80 45.73 0.28
N LYS A 317 -2.85 46.40 0.94
CA LYS A 317 -3.12 46.92 2.28
C LYS A 317 -4.01 48.16 2.23
N LYS A 318 -3.99 48.88 1.11
CA LYS A 318 -4.83 50.06 0.99
C LYS A 318 -6.31 49.71 0.99
N LEU A 319 -6.67 48.60 0.34
CA LEU A 319 -8.07 48.17 0.28
C LEU A 319 -8.58 47.78 1.66
N SER A 320 -9.86 48.05 1.89
CA SER A 320 -10.47 47.76 3.18
C SER A 320 -10.86 46.28 3.27
N LEU A 321 -11.31 45.88 4.46
CA LEU A 321 -11.71 44.50 4.68
C LEU A 321 -12.92 44.14 3.83
N ALA A 322 -13.88 45.06 3.71
CA ALA A 322 -15.07 44.79 2.90
C ALA A 322 -14.73 44.64 1.42
N GLN A 323 -13.71 45.36 0.94
CA GLN A 323 -13.32 45.28 -0.46
C GLN A 323 -12.66 43.96 -0.82
N GLY A 324 -12.31 43.12 0.17
CA GLY A 324 -11.68 41.86 -0.11
C GLY A 324 -10.18 41.89 0.03
N ALA A 325 -9.69 42.46 1.13
CA ALA A 325 -8.24 42.52 1.37
C ALA A 325 -7.65 41.13 1.52
N VAL A 326 -8.34 40.24 2.24
CA VAL A 326 -7.87 38.88 2.45
C VAL A 326 -8.33 38.04 1.27
N ARG A 327 -7.39 37.74 0.36
CA ARG A 327 -7.67 36.95 -0.83
C ARG A 327 -7.38 35.46 -0.62
N ALA A 328 -6.93 35.06 0.56
CA ALA A 328 -6.62 33.67 0.82
C ALA A 328 -7.90 32.83 0.83
N SER A 329 -7.79 31.61 0.31
CA SER A 329 -8.93 30.71 0.29
C SER A 329 -9.33 30.29 1.71
N GLY A 330 -10.63 30.20 1.94
CA GLY A 330 -11.15 29.85 3.25
C GLY A 330 -11.23 31.00 4.23
N TRP A 331 -10.90 32.22 3.81
CA TRP A 331 -10.97 33.37 4.70
C TRP A 331 -11.57 34.60 4.01
N ASN A 332 -12.33 34.41 2.95
CA ASN A 332 -12.92 35.52 2.22
C ASN A 332 -14.20 35.99 2.90
N ILE A 333 -14.35 37.30 3.06
CA ILE A 333 -15.52 37.88 3.71
C ILE A 333 -16.40 38.61 2.69
N ALA A 334 -16.37 38.19 1.42
CA ALA A 334 -17.19 38.84 0.40
C ALA A 334 -18.68 38.68 0.69
N ASN A 335 -19.10 37.49 1.10
CA ASN A 335 -20.48 37.21 1.43
C ASN A 335 -20.66 37.22 2.94
N ASP A 336 -21.61 38.02 3.42
CA ASP A 336 -21.85 38.13 4.86
C ASP A 336 -22.38 36.84 5.47
N GLU A 337 -22.97 35.96 4.67
CA GLU A 337 -23.51 34.71 5.17
C GLU A 337 -22.44 33.62 5.31
N SER A 338 -21.22 33.86 4.85
CA SER A 338 -20.17 32.87 4.95
C SER A 338 -19.67 32.76 6.40
N TYR A 339 -19.08 31.61 6.72
CA TYR A 339 -18.53 31.40 8.05
C TYR A 339 -17.34 32.34 8.30
N ALA A 340 -16.55 32.61 7.26
CA ALA A 340 -15.43 33.54 7.42
C ALA A 340 -15.93 34.94 7.78
N ARG A 341 -17.03 35.38 7.16
CA ARG A 341 -17.60 36.68 7.50
C ARG A 341 -18.08 36.71 8.95
N MET A 342 -18.70 35.62 9.41
CA MET A 342 -19.13 35.55 10.81
C MET A 342 -17.93 35.60 11.76
N TYR A 343 -16.86 34.90 11.42
CA TYR A 343 -15.66 34.94 12.25
C TYR A 343 -15.05 36.34 12.27
N ILE A 344 -15.04 37.02 11.13
CA ILE A 344 -14.51 38.38 11.07
C ILE A 344 -15.36 39.31 11.91
N ASP A 345 -16.69 39.16 11.84
CA ASP A 345 -17.57 39.99 12.65
C ASP A 345 -17.37 39.74 14.14
N ALA A 346 -17.20 38.47 14.52
CA ALA A 346 -16.94 38.15 15.92
C ALA A 346 -15.62 38.74 16.39
N LEU A 347 -14.58 38.67 15.56
CA LEU A 347 -13.29 39.26 15.92
C LEU A 347 -13.41 40.77 16.05
N ALA A 348 -14.15 41.41 15.14
CA ALA A 348 -14.34 42.86 15.23
C ALA A 348 -15.11 43.25 16.48
N LYS A 349 -16.12 42.45 16.85
CA LYS A 349 -16.85 42.71 18.08
C LYS A 349 -15.95 42.55 19.30
N HIS A 350 -15.11 41.51 19.31
CA HIS A 350 -14.22 41.29 20.46
C HIS A 350 -13.18 42.40 20.58
N TYR A 351 -12.62 42.83 19.46
CA TYR A 351 -11.55 43.83 19.48
C TYR A 351 -12.05 45.26 19.33
N ASN A 352 -13.36 45.46 19.23
CA ASN A 352 -13.97 46.77 19.06
C ASN A 352 -13.38 47.49 17.83
N PHE A 353 -13.60 46.88 16.67
CA PHE A 353 -13.11 47.39 15.41
C PHE A 353 -14.24 47.40 14.39
N SER A 354 -13.98 48.02 13.23
CA SER A 354 -14.95 48.14 12.16
C SER A 354 -14.37 47.52 10.89
N VAL A 355 -15.18 46.70 10.23
CA VAL A 355 -14.72 46.05 9.00
C VAL A 355 -14.59 47.08 7.88
N ASP A 356 -15.50 48.06 7.82
CA ASP A 356 -15.46 49.06 6.77
C ASP A 356 -14.24 49.97 6.86
N THR A 357 -13.58 50.01 8.02
CA THR A 357 -12.40 50.84 8.16
C THR A 357 -11.27 50.31 7.28
N PRO A 358 -10.45 51.18 6.70
CA PRO A 358 -9.34 50.72 5.86
C PRO A 358 -8.35 49.90 6.66
N VAL A 359 -7.72 48.94 5.98
CA VAL A 359 -6.74 48.08 6.65
C VAL A 359 -5.55 48.89 7.13
N GLU A 360 -5.07 49.83 6.30
CA GLU A 360 -3.94 50.67 6.70
C GLU A 360 -4.32 51.56 7.88
N GLU A 361 -5.53 52.11 7.88
CA GLU A 361 -5.96 52.97 8.98
C GLU A 361 -6.21 52.18 10.26
N LEU A 362 -6.41 50.87 10.18
CA LEU A 362 -6.64 50.08 11.36
C LEU A 362 -5.37 50.00 12.21
N PRO A 363 -5.51 49.90 13.53
CA PRO A 363 -4.33 49.79 14.39
C PRO A 363 -3.53 48.55 14.07
N PRO A 364 -2.19 48.63 14.11
CA PRO A 364 -1.37 47.44 13.83
C PRO A 364 -1.61 46.30 14.79
N HIS A 365 -1.93 46.60 16.06
CA HIS A 365 -2.17 45.53 17.03
C HIS A 365 -3.39 44.69 16.65
N ILE A 366 -4.46 45.35 16.20
CA ILE A 366 -5.67 44.62 15.82
C ILE A 366 -5.39 43.71 14.62
N LEU A 367 -4.67 44.24 13.62
CA LEU A 367 -4.34 43.42 12.46
C LEU A 367 -3.45 42.24 12.83
N ASP A 368 -2.47 42.48 13.71
CA ASP A 368 -1.59 41.38 14.14
C ASP A 368 -2.38 40.32 14.90
N ILE A 369 -3.30 40.74 15.76
CA ILE A 369 -4.11 39.79 16.50
C ILE A 369 -5.00 38.99 15.56
N ILE A 370 -5.57 39.66 14.56
CA ILE A 370 -6.43 38.96 13.59
C ILE A 370 -5.62 37.95 12.78
N LEU A 371 -4.41 38.34 12.37
CA LEU A 371 -3.61 37.46 11.51
C LEU A 371 -3.06 36.28 12.29
N TYR A 372 -2.53 36.52 13.49
CA TYR A 372 -1.90 35.46 14.28
C TYR A 372 -2.85 34.78 15.25
N GLY A 373 -4.11 35.17 15.28
CA GLY A 373 -5.07 34.56 16.17
C GLY A 373 -4.97 35.10 17.58
N THR A 374 -5.76 34.50 18.47
CA THR A 374 -5.79 34.88 19.88
C THR A 374 -4.89 34.01 20.74
N ASN A 375 -4.16 33.06 20.13
CA ASN A 375 -3.26 32.16 20.86
C ASN A 375 -4.01 31.39 21.95
N GLY A 376 -5.22 30.94 21.63
CA GLY A 376 -6.02 30.18 22.57
C GLY A 376 -6.83 30.99 23.55
N GLU A 377 -6.80 32.31 23.47
CA GLU A 377 -7.57 33.14 24.38
C GLU A 377 -9.06 32.95 24.14
N LYS A 378 -9.82 32.91 25.23
CA LYS A 378 -11.26 32.73 25.14
C LYS A 378 -11.91 34.01 24.62
N ILE A 379 -12.77 33.88 23.61
CA ILE A 379 -13.47 35.00 23.01
C ILE A 379 -14.93 34.63 22.82
N LYS A 380 -15.76 35.67 22.65
CA LYS A 380 -17.19 35.50 22.43
C LYS A 380 -17.48 35.63 20.94
N ILE A 381 -18.23 34.67 20.39
CA ILE A 381 -18.57 34.64 18.98
C ILE A 381 -20.09 34.60 18.86
N GLU A 382 -20.63 35.46 18.01
CA GLU A 382 -22.06 35.53 17.75
C GLU A 382 -22.34 34.95 16.38
N TYR A 383 -23.30 34.02 16.32
CA TYR A 383 -23.66 33.35 15.08
C TYR A 383 -25.06 33.77 14.66
N GLU A 384 -25.19 34.23 13.42
CA GLU A 384 -26.46 34.65 12.86
C GLU A 384 -26.71 33.88 11.57
N ARG A 385 -27.91 33.32 11.43
CA ARG A 385 -28.25 32.54 10.25
C ARG A 385 -29.60 32.96 9.69
N GLU A 386 -30.09 32.23 8.68
CA GLU A 386 -31.39 32.56 8.08
C GLU A 386 -32.52 32.37 9.08
N ASN A 387 -32.48 31.29 9.87
CA ASN A 387 -33.53 31.02 10.83
C ASN A 387 -33.01 30.57 12.18
N GLU A 388 -31.70 30.62 12.42
CA GLU A 388 -31.11 30.21 13.68
C GLU A 388 -30.28 31.36 14.24
N LYS A 389 -30.51 31.67 15.52
CA LYS A 389 -29.78 32.73 16.20
C LYS A 389 -29.25 32.21 17.53
N GLY A 390 -28.01 32.58 17.84
CA GLY A 390 -27.40 32.14 19.08
C GLY A 390 -25.97 32.64 19.18
N THR A 391 -25.32 32.23 20.26
CA THR A 391 -23.94 32.61 20.53
C THR A 391 -23.19 31.43 21.12
N PHE A 392 -21.87 31.46 20.97
CA PHE A 392 -21.02 30.40 21.49
C PHE A 392 -19.66 31.00 21.86
N MET A 393 -18.94 30.28 22.71
CA MET A 393 -17.62 30.71 23.18
C MET A 393 -16.57 29.78 22.61
N ALA A 394 -15.56 30.35 21.96
CA ALA A 394 -14.48 29.60 21.35
C ALA A 394 -13.28 30.51 21.22
N SER A 395 -12.28 30.06 20.44
CA SER A 395 -11.07 30.83 20.21
C SER A 395 -10.87 31.01 18.71
N PHE A 396 -10.23 32.12 18.33
CA PHE A 396 -10.00 32.43 16.94
C PHE A 396 -8.59 32.00 16.55
N PRO A 397 -8.44 30.97 15.71
CA PRO A 397 -7.07 30.56 15.32
C PRO A 397 -6.31 31.62 14.55
N GLY A 398 -7.00 32.45 13.77
CA GLY A 398 -6.34 33.41 12.92
C GLY A 398 -6.16 32.89 11.51
N ILE A 399 -6.14 33.81 10.55
CA ILE A 399 -6.05 33.42 9.14
C ILE A 399 -4.72 32.74 8.84
N ILE A 400 -3.62 33.33 9.31
CA ILE A 400 -2.29 32.79 9.01
C ILE A 400 -2.12 31.43 9.67
N ASN A 401 -2.52 31.31 10.94
CA ASN A 401 -2.39 30.05 11.65
C ASN A 401 -3.27 28.96 11.03
N SER A 402 -4.49 29.32 10.64
CA SER A 402 -5.38 28.35 9.99
C SER A 402 -4.79 27.89 8.66
N MET A 403 -4.26 28.82 7.87
CA MET A 403 -3.65 28.44 6.60
C MET A 403 -2.44 27.53 6.82
N GLU A 404 -1.60 27.85 7.81
CA GLU A 404 -0.45 27.02 8.10
C GLU A 404 -0.87 25.62 8.54
N ARG A 405 -1.90 25.53 9.38
CA ARG A 405 -2.39 24.22 9.82
C ARG A 405 -2.96 23.42 8.65
N ARG A 406 -3.70 24.09 7.75
CA ARG A 406 -4.23 23.40 6.59
C ARG A 406 -3.11 22.90 5.68
N TYR A 407 -2.07 23.70 5.50
CA TYR A 407 -0.94 23.27 4.69
C TYR A 407 -0.21 22.09 5.35
N LYS A 408 -0.06 22.13 6.67
CA LYS A 408 0.60 21.03 7.38
C LYS A 408 -0.21 19.75 7.28
N GLU A 409 -1.54 19.85 7.38
CA GLU A 409 -2.40 18.67 7.31
C GLU A 409 -2.66 18.21 5.88
N THR A 410 -2.21 18.96 4.88
CA THR A 410 -2.41 18.57 3.49
C THR A 410 -1.48 17.45 3.09
N VAL A 414 -2.92 21.26 -6.60
CA VAL A 414 -4.05 22.13 -6.36
C VAL A 414 -3.92 22.83 -5.02
N MET A 415 -4.30 22.12 -3.95
CA MET A 415 -4.18 22.69 -2.60
C MET A 415 -2.73 22.97 -2.24
N LYS A 416 -1.81 22.05 -2.59
CA LYS A 416 -0.40 22.27 -2.30
C LYS A 416 0.14 23.48 -3.05
N GLN A 417 -0.23 23.61 -4.33
CA GLN A 417 0.21 24.77 -5.11
C GLN A 417 -0.34 26.07 -4.54
N TYR A 418 -1.62 26.07 -4.15
CA TYR A 418 -2.21 27.26 -3.56
C TYR A 418 -1.52 27.63 -2.26
N TYR A 419 -1.20 26.64 -1.42
CA TYR A 419 -0.49 26.92 -0.18
C TYR A 419 0.91 27.45 -0.44
N GLU A 420 1.61 26.87 -1.43
CA GLU A 420 2.97 27.31 -1.74
C GLU A 420 2.99 28.67 -2.40
N ASN A 421 1.89 29.10 -3.02
CA ASN A 421 1.86 30.41 -3.66
C ASN A 421 2.02 31.55 -2.65
N PHE A 422 1.47 31.40 -1.44
CA PHE A 422 1.57 32.42 -0.41
C PHE A 422 2.74 32.16 0.54
N MET A 423 3.54 31.14 0.28
CA MET A 423 4.65 30.75 1.13
C MET A 423 5.97 31.07 0.44
N SER A 424 6.88 31.70 1.17
CA SER A 424 8.20 32.05 0.67
C SER A 424 9.23 31.19 1.40
N ASN A 425 10.05 30.47 0.65
CA ASN A 425 11.05 29.59 1.25
C ASN A 425 12.29 30.38 1.64
N ILE A 426 12.73 30.20 2.88
CA ILE A 426 13.94 30.86 3.37
C ILE A 426 14.75 29.88 4.20
N PRO A 427 16.07 30.01 4.16
CA PRO A 427 16.91 29.13 4.99
C PRO A 427 16.72 29.40 6.47
N CYS A 428 16.95 28.36 7.27
CA CYS A 428 16.81 28.49 8.71
C CYS A 428 17.83 29.48 9.26
N PRO A 429 17.44 30.45 10.07
CA PRO A 429 18.41 31.44 10.58
C PRO A 429 19.53 30.83 11.41
N VAL A 430 19.27 29.73 12.12
CA VAL A 430 20.25 29.16 13.03
C VAL A 430 21.16 28.19 12.29
N CYS A 431 20.57 27.14 11.73
CA CYS A 431 21.34 26.09 11.08
C CYS A 431 21.83 26.47 9.69
N LYS A 432 21.36 27.59 9.14
CA LYS A 432 21.78 28.07 7.82
C LYS A 432 21.54 27.03 6.74
N GLY A 433 20.39 26.36 6.81
CA GLY A 433 20.01 25.38 5.82
C GLY A 433 20.62 24.01 5.98
N ALA A 434 21.44 23.79 7.02
CA ALA A 434 22.06 22.49 7.22
C ALA A 434 21.07 21.44 7.73
N ARG A 435 20.02 21.87 8.44
CA ARG A 435 19.01 20.96 8.99
C ARG A 435 19.62 19.94 9.93
N LEU A 436 20.60 20.37 10.73
CA LEU A 436 21.24 19.50 11.71
C LEU A 436 21.59 20.32 12.95
N LYS A 437 21.78 19.61 14.06
CA LYS A 437 22.16 20.25 15.31
C LYS A 437 23.62 20.63 15.28
N LYS A 438 24.02 21.51 16.21
CA LYS A 438 25.40 21.98 16.26
C LYS A 438 26.36 20.84 16.57
N GLU A 439 25.98 19.97 17.50
CA GLU A 439 26.87 18.86 17.90
C GLU A 439 27.14 17.93 16.73
N SER A 440 26.10 17.63 15.95
CA SER A 440 26.29 16.77 14.78
C SER A 440 27.18 17.42 13.74
N LEU A 441 27.00 18.72 13.51
CA LEU A 441 27.84 19.44 12.56
C LEU A 441 29.28 19.60 13.05
N ALA A 442 29.50 19.49 14.36
CA ALA A 442 30.86 19.65 14.89
C ALA A 442 31.79 18.57 14.36
N VAL A 443 31.31 17.33 14.28
CA VAL A 443 32.15 16.22 13.82
C VAL A 443 32.49 16.42 12.35
N THR A 444 33.77 16.31 12.02
CA THR A 444 34.25 16.49 10.66
C THR A 444 35.23 15.39 10.29
N ILE A 445 35.25 15.05 9.00
CA ILE A 445 36.17 14.06 8.45
C ILE A 445 37.11 14.78 7.50
N GLY A 446 38.39 14.80 7.83
CA GLY A 446 39.38 15.45 6.99
C GLY A 446 39.14 16.93 6.78
N GLY A 447 38.67 17.62 7.81
CA GLY A 447 38.42 19.04 7.73
C GLY A 447 37.09 19.43 7.10
N LYS A 448 36.25 18.47 6.73
CA LYS A 448 34.95 18.74 6.14
C LYS A 448 33.88 18.01 6.92
N ASN A 449 32.83 18.73 7.30
CA ASN A 449 31.74 18.14 8.06
C ASN A 449 30.80 17.39 7.13
N ILE A 450 29.64 16.97 7.65
CA ILE A 450 28.70 16.21 6.84
C ILE A 450 28.11 17.07 5.72
N TYR A 451 27.81 18.34 6.02
CA TYR A 451 27.17 19.20 5.03
C TYR A 451 28.13 19.54 3.89
N GLU A 452 29.42 19.69 4.19
CA GLU A 452 30.39 19.98 3.15
C GLU A 452 30.47 18.85 2.14
N VAL A 453 30.46 17.60 2.61
CA VAL A 453 30.48 16.46 1.70
C VAL A 453 29.15 16.34 0.97
N CYS A 454 28.04 16.57 1.66
CA CYS A 454 26.72 16.38 1.08
C CYS A 454 26.29 17.53 0.17
N CYS A 455 27.05 18.63 0.13
CA CYS A 455 26.66 19.77 -0.69
C CYS A 455 27.72 20.07 -1.75
N LEU A 456 28.21 19.03 -2.42
CA LEU A 456 29.18 19.18 -3.50
C LEU A 456 28.74 18.34 -4.69
N SER A 457 29.46 18.49 -5.79
CA SER A 457 29.17 17.70 -6.98
C SER A 457 29.46 16.23 -6.73
N ILE A 458 28.74 15.36 -7.43
CA ILE A 458 28.93 13.92 -7.26
C ILE A 458 30.32 13.51 -7.70
N GLY A 459 30.79 14.04 -8.84
CA GLY A 459 32.14 13.73 -9.28
C GLY A 459 33.20 14.21 -8.31
N GLU A 460 33.04 15.44 -7.82
CA GLU A 460 33.99 15.98 -6.84
C GLU A 460 33.94 15.18 -5.54
N ALA A 461 32.75 14.80 -5.09
CA ALA A 461 32.64 13.99 -3.89
C ALA A 461 33.31 12.63 -4.05
N LYS A 462 33.12 12.00 -5.21
CA LYS A 462 33.78 10.72 -5.47
C LYS A 462 35.29 10.89 -5.50
N GLU A 463 35.78 11.95 -6.12
CA GLU A 463 37.22 12.21 -6.15
C GLU A 463 37.77 12.41 -4.74
N PHE A 464 37.05 13.16 -3.91
CA PHE A 464 37.49 13.41 -2.55
C PHE A 464 37.49 12.13 -1.71
N PHE A 465 36.46 11.29 -1.89
CA PHE A 465 36.41 10.03 -1.17
C PHE A 465 37.53 9.09 -1.60
N ALA A 466 37.84 9.06 -2.90
CA ALA A 466 38.89 8.17 -3.39
C ALA A 466 40.25 8.56 -2.83
N ASN A 467 40.52 9.86 -2.73
CA ASN A 467 41.80 10.35 -2.24
C ASN A 467 41.89 10.43 -0.73
N LEU A 468 40.81 10.07 -0.01
CA LEU A 468 40.83 10.10 1.44
C LEU A 468 41.84 9.09 1.99
N ASN A 469 42.57 9.50 3.02
CA ASN A 469 43.59 8.67 3.64
C ASN A 469 43.26 8.48 5.12
N LEU A 470 43.54 7.29 5.64
CA LEU A 470 43.25 6.97 7.03
C LEU A 470 44.25 5.92 7.50
N THR A 471 44.29 5.72 8.82
CA THR A 471 45.19 4.75 9.41
C THR A 471 44.76 3.33 9.07
N GLU A 472 45.59 2.36 9.48
CA GLU A 472 45.30 0.97 9.19
C GLU A 472 44.03 0.51 9.88
N ARG A 473 43.86 0.85 11.17
CA ARG A 473 42.66 0.47 11.88
C ARG A 473 41.42 1.14 11.31
N GLN A 474 41.53 2.42 10.95
CA GLN A 474 40.40 3.13 10.36
C GLN A 474 40.03 2.52 9.01
N GLN A 475 41.03 2.16 8.20
CA GLN A 475 40.76 1.51 6.93
C GLN A 475 40.09 0.16 7.14
N LEU A 476 40.55 -0.60 8.13
CA LEU A 476 39.96 -1.91 8.41
C LEU A 476 38.50 -1.78 8.86
N ILE A 477 38.20 -0.79 9.69
CA ILE A 477 36.85 -0.65 10.21
C ILE A 477 35.93 0.14 9.30
N ALA A 478 36.46 0.78 8.26
CA ALA A 478 35.64 1.58 7.35
C ALA A 478 35.65 1.06 5.92
N ARG A 479 36.27 -0.10 5.67
CA ARG A 479 36.32 -0.63 4.31
C ARG A 479 34.93 -1.01 3.81
N GLN A 480 34.13 -1.66 4.67
CA GLN A 480 32.81 -2.14 4.25
C GLN A 480 31.85 -1.01 3.91
N ILE A 481 32.12 0.21 4.38
CA ILE A 481 31.30 1.36 4.05
C ILE A 481 31.90 2.15 2.88
N LEU A 482 33.22 2.31 2.87
CA LEU A 482 33.87 3.04 1.78
C LEU A 482 33.67 2.33 0.45
N LYS A 483 33.74 0.99 0.44
CA LYS A 483 33.53 0.25 -0.80
C LYS A 483 32.13 0.48 -1.35
N GLU A 484 31.12 0.41 -0.48
CA GLU A 484 29.74 0.64 -0.92
C GLU A 484 29.55 2.06 -1.41
N ILE A 485 30.12 3.04 -0.71
CA ILE A 485 29.98 4.43 -1.12
C ILE A 485 30.62 4.65 -2.48
N ASN A 486 31.83 4.11 -2.68
CA ASN A 486 32.52 4.25 -3.95
C ASN A 486 31.72 3.59 -5.08
N ALA A 487 31.19 2.39 -4.83
CA ALA A 487 30.43 1.70 -5.86
C ALA A 487 29.18 2.49 -6.24
N ARG A 488 28.45 2.98 -5.23
CA ARG A 488 27.22 3.72 -5.51
C ARG A 488 27.51 5.01 -6.26
N LEU A 489 28.55 5.74 -5.84
CA LEU A 489 28.90 6.98 -6.54
C LEU A 489 29.35 6.70 -7.95
N GLY A 490 30.10 5.61 -8.17
CA GLY A 490 30.50 5.26 -9.51
C GLY A 490 29.32 4.93 -10.40
N PHE A 491 28.34 4.19 -9.87
CA PHE A 491 27.14 3.90 -10.65
C PHE A 491 26.37 5.17 -10.97
N LEU A 492 26.23 6.06 -9.98
CA LEU A 492 25.48 7.30 -10.20
C LEU A 492 26.15 8.17 -11.26
N VAL A 493 27.49 8.27 -11.23
CA VAL A 493 28.18 9.06 -12.24
C VAL A 493 28.23 8.36 -13.59
N ASP A 494 28.12 7.03 -13.61
CA ASP A 494 28.09 6.31 -14.87
C ASP A 494 26.73 6.41 -15.55
N VAL A 495 25.66 6.58 -14.77
CA VAL A 495 24.33 6.77 -15.36
C VAL A 495 24.30 8.01 -16.22
N GLY A 496 24.89 9.10 -15.74
CA GLY A 496 24.95 10.32 -16.52
C GLY A 496 24.81 11.58 -15.69
N LEU A 497 24.44 11.43 -14.42
CA LEU A 497 24.29 12.57 -13.52
C LEU A 497 25.62 12.83 -12.83
N ASP A 498 26.43 13.68 -13.47
CA ASP A 498 27.72 14.08 -12.94
C ASP A 498 27.72 15.52 -12.44
N TYR A 499 26.54 16.09 -12.21
CA TYR A 499 26.43 17.48 -11.79
C TYR A 499 25.46 17.70 -10.63
N LEU A 500 24.82 16.65 -10.12
CA LEU A 500 23.85 16.81 -9.06
C LEU A 500 24.55 17.09 -7.73
N THR A 501 23.76 17.52 -6.75
CA THR A 501 24.23 17.77 -5.40
C THR A 501 23.44 16.90 -4.44
N LEU A 502 24.15 16.23 -3.53
CA LEU A 502 23.52 15.28 -2.62
C LEU A 502 22.54 15.93 -1.66
N ALA A 503 22.60 17.25 -1.49
CA ALA A 503 21.70 17.97 -0.61
C ALA A 503 20.50 18.55 -1.34
N ARG A 504 20.39 18.34 -2.65
CA ARG A 504 19.29 18.91 -3.42
C ARG A 504 17.97 18.24 -3.05
N ALA A 505 16.93 19.05 -2.88
CA ALA A 505 15.61 18.52 -2.57
C ALA A 505 15.06 17.73 -3.76
N ALA A 506 14.46 16.59 -3.47
CA ALA A 506 13.95 15.71 -4.53
C ALA A 506 12.70 16.28 -5.20
N GLY A 507 12.06 17.28 -4.61
CA GLY A 507 10.86 17.85 -5.23
C GLY A 507 11.15 18.56 -6.54
N THR A 508 12.28 19.25 -6.62
CA THR A 508 12.62 20.04 -7.80
C THR A 508 13.47 19.24 -8.80
N LEU A 509 12.96 18.08 -9.21
CA LEU A 509 13.64 17.22 -10.16
C LEU A 509 12.74 16.96 -11.36
N SER A 510 13.32 16.99 -12.56
CA SER A 510 12.56 16.73 -13.77
C SER A 510 12.29 15.24 -13.92
N GLY A 511 11.53 14.89 -14.97
CA GLY A 511 11.21 13.49 -15.19
C GLY A 511 12.42 12.63 -15.51
N GLY A 512 13.26 13.11 -16.41
CA GLY A 512 14.43 12.32 -16.80
C GLY A 512 15.43 12.14 -15.67
N GLU A 513 15.70 13.21 -14.93
CA GLU A 513 16.63 13.11 -13.80
C GLU A 513 16.10 12.15 -12.75
N ALA A 514 14.81 12.24 -12.43
CA ALA A 514 14.23 11.34 -11.44
C ALA A 514 14.27 9.89 -11.91
N GLN A 515 13.96 9.66 -13.19
CA GLN A 515 13.99 8.31 -13.73
C GLN A 515 15.40 7.72 -13.68
N ARG A 516 16.40 8.51 -14.05
CA ARG A 516 17.77 8.00 -14.02
C ARG A 516 18.27 7.82 -12.58
N ILE A 517 17.84 8.67 -11.66
CA ILE A 517 18.16 8.46 -10.24
C ILE A 517 17.58 7.14 -9.77
N ARG A 518 16.32 6.87 -10.11
CA ARG A 518 15.70 5.62 -9.69
C ARG A 518 16.40 4.42 -10.32
N LEU A 519 16.80 4.54 -11.59
CA LEU A 519 17.53 3.45 -12.23
C LEU A 519 18.86 3.19 -11.54
N ALA A 520 19.59 4.25 -11.18
CA ALA A 520 20.84 4.08 -10.46
C ALA A 520 20.63 3.43 -9.10
N THR A 521 19.58 3.85 -8.39
CA THR A 521 19.28 3.26 -7.09
C THR A 521 18.97 1.78 -7.24
N GLN A 522 18.18 1.40 -8.24
CA GLN A 522 17.87 -0.01 -8.44
C GLN A 522 19.09 -0.80 -8.85
N ILE A 523 19.97 -0.23 -9.67
CA ILE A 523 21.19 -0.93 -10.06
C ILE A 523 22.09 -1.15 -8.86
N GLY A 524 22.12 -0.19 -7.94
CA GLY A 524 22.96 -0.33 -6.77
C GLY A 524 22.39 -1.10 -5.60
N SER A 525 21.06 -1.26 -5.55
CA SER A 525 20.45 -1.94 -4.41
C SER A 525 20.79 -3.42 -4.38
N GLY A 526 20.83 -4.06 -5.55
CA GLY A 526 21.14 -5.47 -5.64
C GLY A 526 19.94 -6.40 -5.75
N LEU A 527 18.75 -5.88 -6.04
CA LEU A 527 17.58 -6.73 -6.19
C LEU A 527 17.76 -7.70 -7.34
N MET A 528 17.40 -8.96 -7.11
CA MET A 528 17.60 -10.02 -8.09
C MET A 528 16.29 -10.76 -8.34
N GLY A 529 16.03 -11.08 -9.61
CA GLY A 529 14.84 -11.82 -9.98
C GLY A 529 13.58 -10.97 -10.04
N VAL A 530 13.63 -9.88 -10.80
CA VAL A 530 12.51 -8.97 -10.94
C VAL A 530 12.42 -8.49 -12.38
N ILE A 531 11.21 -8.42 -12.93
CA ILE A 531 11.00 -7.86 -14.25
C ILE A 531 11.05 -6.34 -14.15
N TYR A 532 11.96 -5.73 -14.90
CA TYR A 532 12.11 -4.28 -14.93
C TYR A 532 11.48 -3.74 -16.21
N ILE A 533 10.46 -2.91 -16.07
CA ILE A 533 9.77 -2.31 -17.19
C ILE A 533 10.10 -0.82 -17.20
N LEU A 534 10.83 -0.38 -18.22
CA LEU A 534 11.29 0.98 -18.33
C LEU A 534 10.43 1.75 -19.33
N ASP A 535 10.56 3.07 -19.31
CA ASP A 535 9.83 3.96 -20.21
C ASP A 535 10.82 4.92 -20.86
N GLU A 536 11.43 4.48 -21.97
CA GLU A 536 12.40 5.28 -22.71
C GLU A 536 13.50 5.80 -21.80
N PRO A 537 14.43 4.96 -21.37
CA PRO A 537 15.48 5.42 -20.43
C PRO A 537 16.29 6.59 -20.97
N SER A 538 16.58 6.62 -22.27
CA SER A 538 17.38 7.69 -22.85
C SER A 538 16.46 8.86 -23.24
N ILE A 539 15.94 9.53 -22.21
CA ILE A 539 15.09 10.69 -22.37
C ILE A 539 15.80 11.90 -21.76
N GLY A 540 15.87 12.98 -22.52
CA GLY A 540 16.57 14.17 -22.05
C GLY A 540 18.04 13.93 -21.79
N LEU A 541 18.71 13.17 -22.65
CA LEU A 541 20.10 12.81 -22.48
C LEU A 541 20.83 12.95 -23.80
N HIS A 542 21.98 13.61 -23.78
CA HIS A 542 22.73 13.85 -25.00
C HIS A 542 23.28 12.54 -25.56
N GLN A 543 23.51 12.52 -26.87
CA GLN A 543 23.94 11.31 -27.54
C GLN A 543 25.35 10.87 -27.13
N ARG A 544 26.11 11.71 -26.44
CA ARG A 544 27.44 11.33 -25.98
C ARG A 544 27.40 10.40 -24.77
N ASP A 545 26.29 10.35 -24.05
CA ASP A 545 26.16 9.51 -22.87
C ASP A 545 25.44 8.19 -23.14
N ASN A 546 25.07 7.92 -24.39
CA ASN A 546 24.40 6.66 -24.71
C ASN A 546 25.33 5.47 -24.51
N ASP A 547 26.60 5.62 -24.87
CA ASP A 547 27.55 4.52 -24.73
C ASP A 547 27.75 4.11 -23.28
N ARG A 548 27.44 5.00 -22.33
CA ARG A 548 27.51 4.66 -20.91
C ARG A 548 26.16 4.27 -20.33
N LEU A 549 25.07 4.88 -20.79
CA LEU A 549 23.74 4.46 -20.33
C LEU A 549 23.46 3.02 -20.74
N LEU A 550 23.83 2.64 -21.98
CA LEU A 550 23.64 1.27 -22.42
C LEU A 550 24.47 0.30 -21.58
N ARG A 551 25.69 0.70 -21.23
CA ARG A 551 26.52 -0.15 -20.37
C ARG A 551 25.89 -0.33 -19.00
N SER A 552 25.34 0.75 -18.44
CA SER A 552 24.67 0.64 -17.15
C SER A 552 23.45 -0.28 -17.24
N LEU A 553 22.67 -0.15 -18.32
CA LEU A 553 21.49 -1.01 -18.48
C LEU A 553 21.91 -2.47 -18.65
N LYS A 554 22.98 -2.72 -19.41
CA LYS A 554 23.47 -4.09 -19.56
C LYS A 554 23.98 -4.66 -18.25
N LYS A 555 24.62 -3.83 -17.42
CA LYS A 555 25.03 -4.30 -16.10
C LYS A 555 23.82 -4.65 -15.25
N LEU A 556 22.78 -3.82 -15.30
CA LEU A 556 21.55 -4.13 -14.56
C LEU A 556 20.94 -5.44 -15.04
N ARG A 557 20.92 -5.67 -16.35
CA ARG A 557 20.41 -6.93 -16.87
C ARG A 557 21.27 -8.11 -16.42
N ASP A 558 22.60 -7.95 -16.45
CA ASP A 558 23.49 -9.01 -16.02
C ASP A 558 23.41 -9.28 -14.52
N LEU A 559 22.88 -8.34 -13.75
CA LEU A 559 22.71 -8.56 -12.32
C LEU A 559 21.78 -9.74 -12.03
N GLY A 560 20.99 -10.17 -13.01
CA GLY A 560 20.08 -11.29 -12.83
C GLY A 560 18.62 -10.91 -12.99
N ASN A 561 18.35 -9.94 -13.85
CA ASN A 561 17.00 -9.44 -14.08
C ASN A 561 16.65 -9.56 -15.56
N THR A 562 15.49 -9.02 -15.93
CA THR A 562 15.08 -8.91 -17.32
C THR A 562 14.51 -7.52 -17.54
N LEU A 563 14.58 -7.04 -18.79
CA LEU A 563 14.24 -5.67 -19.11
C LEU A 563 13.21 -5.61 -20.22
N LEU A 564 12.30 -4.64 -20.10
CA LEU A 564 11.27 -4.38 -21.09
C LEU A 564 11.40 -2.95 -21.61
N VAL A 565 12.63 -2.56 -21.97
CA VAL A 565 12.91 -1.18 -22.35
C VAL A 565 12.09 -0.81 -23.59
N VAL A 566 11.33 0.27 -23.50
CA VAL A 566 10.54 0.77 -24.62
C VAL A 566 11.33 1.93 -25.21
N GLU A 567 12.16 1.64 -26.20
CA GLU A 567 13.08 2.62 -26.76
C GLU A 567 12.88 2.74 -28.26
N HIS A 568 13.12 3.95 -28.77
CA HIS A 568 13.02 4.24 -30.19
C HIS A 568 14.33 4.65 -30.83
N ASP A 569 15.34 5.02 -30.04
CA ASP A 569 16.59 5.51 -30.60
C ASP A 569 17.31 4.43 -31.37
N GLU A 570 17.93 4.81 -32.48
CA GLU A 570 18.64 3.85 -33.33
C GLU A 570 19.87 3.28 -32.65
N ASP A 571 20.40 3.95 -31.63
CA ASP A 571 21.57 3.45 -30.91
C ASP A 571 21.22 2.39 -29.88
N THR A 572 19.94 2.25 -29.53
CA THR A 572 19.53 1.27 -28.53
C THR A 572 19.25 -0.11 -29.16
N MET A 573 18.72 -0.13 -30.37
CA MET A 573 18.36 -1.40 -31.00
C MET A 573 19.59 -2.23 -31.32
N TYR A 574 20.70 -1.59 -31.68
CA TYR A 574 21.90 -2.32 -32.04
C TYR A 574 22.56 -3.03 -30.87
N ALA A 575 22.15 -2.73 -29.64
CA ALA A 575 22.72 -3.35 -28.45
C ALA A 575 21.68 -4.12 -27.66
N SER A 576 20.69 -4.67 -28.34
CA SER A 576 19.62 -5.44 -27.71
C SER A 576 19.70 -6.90 -28.14
N ASP A 577 18.83 -7.72 -27.56
CA ASP A 577 18.80 -9.15 -27.82
C ASP A 577 17.52 -9.60 -28.51
N TYR A 578 16.37 -9.14 -28.05
CA TYR A 578 15.09 -9.48 -28.63
C TYR A 578 14.33 -8.20 -28.96
N ILE A 579 13.81 -8.13 -30.18
CA ILE A 579 13.09 -6.95 -30.66
C ILE A 579 11.67 -7.38 -31.00
N ILE A 580 10.69 -6.71 -30.39
CA ILE A 580 9.28 -6.97 -30.63
C ILE A 580 8.69 -5.70 -31.23
N ASP A 581 8.28 -5.77 -32.50
CA ASP A 581 7.76 -4.61 -33.21
C ASP A 581 6.26 -4.77 -33.42
N LEU A 582 5.50 -3.77 -32.98
CA LEU A 582 4.06 -3.77 -33.11
C LEU A 582 3.67 -2.99 -34.37
N GLY A 583 2.37 -2.78 -34.56
CA GLY A 583 1.87 -2.06 -35.70
C GLY A 583 0.79 -2.81 -36.44
N PRO A 584 0.79 -2.72 -37.78
CA PRO A 584 1.72 -1.96 -38.63
C PRO A 584 1.34 -0.49 -38.69
N GLY A 585 0.16 -0.14 -38.19
CA GLY A 585 -0.27 1.25 -38.19
C GLY A 585 -0.44 1.79 -36.79
N ALA A 586 -1.59 2.40 -36.51
CA ALA A 586 -1.87 2.93 -35.18
C ALA A 586 -3.37 2.89 -34.94
N GLY A 587 -3.74 2.92 -33.67
CA GLY A 587 -5.15 2.91 -33.32
C GLY A 587 -5.82 1.62 -33.74
N SER A 588 -6.90 1.76 -34.51
CA SER A 588 -7.67 0.58 -34.94
C SER A 588 -6.83 -0.31 -35.83
N HIS A 589 -6.07 0.26 -36.75
CA HIS A 589 -5.28 -0.55 -37.68
C HIS A 589 -4.20 -1.33 -36.94
N GLY A 590 -3.51 -0.68 -35.99
CA GLY A 590 -2.42 -1.32 -35.28
C GLY A 590 -2.89 -2.14 -34.09
N GLY A 591 -1.98 -2.97 -33.59
CA GLY A 591 -2.26 -3.80 -32.43
C GLY A 591 -1.71 -5.20 -32.53
N GLN A 592 -1.55 -5.70 -33.75
CA GLN A 592 -1.03 -7.05 -33.96
C GLN A 592 0.49 -7.01 -34.05
N ILE A 593 1.11 -8.10 -33.59
CA ILE A 593 2.57 -8.22 -33.60
C ILE A 593 3.02 -8.38 -35.05
N VAL A 594 3.80 -7.42 -35.55
CA VAL A 594 4.20 -7.44 -36.95
C VAL A 594 5.36 -8.39 -37.17
N ALA A 595 6.49 -8.13 -36.50
CA ALA A 595 7.67 -8.95 -36.68
C ALA A 595 8.48 -8.97 -35.38
N GLU A 596 9.12 -10.11 -35.14
CA GLU A 596 9.98 -10.30 -33.98
C GLU A 596 11.31 -10.90 -34.45
N GLY A 597 12.25 -10.99 -33.52
CA GLY A 597 13.55 -11.56 -33.78
C GLY A 597 14.65 -10.61 -33.36
N THR A 598 15.86 -10.87 -33.84
CA THR A 598 17.00 -10.03 -33.53
C THR A 598 16.98 -8.80 -34.43
N VAL A 599 18.04 -8.00 -34.37
CA VAL A 599 18.08 -6.76 -35.15
C VAL A 599 18.19 -7.07 -36.64
N GLU A 600 19.00 -8.07 -37.00
CA GLU A 600 19.19 -8.40 -38.42
C GLU A 600 17.90 -8.89 -39.05
N GLU A 601 17.16 -9.76 -38.35
CA GLU A 601 15.94 -10.31 -38.92
C GLU A 601 14.88 -9.24 -39.15
N ILE A 602 14.71 -8.32 -38.20
CA ILE A 602 13.74 -7.24 -38.41
C ILE A 602 14.26 -6.26 -39.46
N LYS A 603 15.57 -6.10 -39.56
CA LYS A 603 16.12 -5.23 -40.61
C LYS A 603 15.83 -5.77 -41.99
N GLN A 604 15.95 -7.09 -42.16
CA GLN A 604 15.68 -7.72 -43.45
C GLN A 604 14.20 -8.03 -43.67
N ASN A 605 13.35 -7.77 -42.68
CA ASN A 605 11.92 -8.02 -42.83
C ASN A 605 11.31 -6.97 -43.75
N PRO A 606 10.62 -7.37 -44.83
CA PRO A 606 10.10 -6.38 -45.78
C PRO A 606 8.86 -5.64 -45.28
N ASN A 607 8.10 -6.21 -44.34
CA ASN A 607 6.84 -5.63 -43.90
C ASN A 607 6.97 -4.97 -42.52
N SER A 608 8.10 -4.37 -42.23
CA SER A 608 8.34 -3.71 -40.95
C SER A 608 8.76 -2.27 -41.20
N VAL A 609 8.05 -1.33 -40.58
CA VAL A 609 8.39 0.08 -40.72
C VAL A 609 9.71 0.39 -40.02
N THR A 610 9.85 -0.10 -38.78
CA THR A 610 11.09 0.12 -38.04
C THR A 610 12.27 -0.53 -38.74
N GLY A 611 12.07 -1.75 -39.25
CA GLY A 611 13.13 -2.39 -40.02
C GLY A 611 13.46 -1.65 -41.30
N GLU A 612 12.44 -1.07 -41.95
CA GLU A 612 12.68 -0.29 -43.15
C GLU A 612 13.52 0.94 -42.85
N TYR A 613 13.23 1.63 -41.75
CA TYR A 613 14.02 2.80 -41.38
C TYR A 613 15.42 2.41 -40.94
N LEU A 614 15.56 1.28 -40.24
CA LEU A 614 16.89 0.81 -39.84
C LEU A 614 17.74 0.48 -41.06
N SER A 615 17.14 -0.16 -42.06
CA SER A 615 17.88 -0.51 -43.27
C SER A 615 18.25 0.72 -44.10
N GLY A 616 17.58 1.84 -43.87
CA GLY A 616 17.88 3.05 -44.62
C GLY A 616 17.10 3.22 -45.90
N ARG A 617 16.01 2.46 -46.09
CA ARG A 617 15.21 2.61 -47.30
C ARG A 617 14.59 4.00 -47.37
N LYS A 618 14.07 4.50 -46.25
CA LYS A 618 13.54 5.85 -46.16
C LYS A 618 14.21 6.56 -44.99
N LYS A 619 14.81 7.71 -45.26
CA LYS A 619 15.54 8.46 -44.25
C LYS A 619 15.18 9.94 -44.34
N ILE A 620 15.36 10.64 -43.23
CA ILE A 620 15.08 12.07 -43.16
C ILE A 620 16.17 12.80 -43.93
N GLU A 621 15.85 13.25 -45.15
CA GLU A 621 16.83 13.94 -45.97
C GLU A 621 17.16 15.31 -45.37
N VAL A 622 18.44 15.67 -45.41
CA VAL A 622 18.90 16.95 -44.88
C VAL A 622 18.45 18.05 -45.83
N PRO A 623 18.15 19.24 -45.33
CA PRO A 623 17.77 20.35 -46.22
C PRO A 623 18.96 20.83 -47.03
N LYS A 624 18.67 21.42 -48.18
CA LYS A 624 19.70 21.99 -49.05
C LYS A 624 19.95 23.46 -48.71
N GLU A 625 18.90 24.28 -48.73
CA GLU A 625 18.99 25.70 -48.43
C GLU A 625 18.22 25.99 -47.14
N ARG A 626 18.82 26.79 -46.26
CA ARG A 626 18.23 27.12 -44.98
C ARG A 626 17.90 28.60 -44.92
N ARG A 627 16.84 28.93 -44.17
CA ARG A 627 16.41 30.32 -44.06
C ARG A 627 17.45 31.14 -43.31
N LYS A 628 17.48 32.44 -43.63
CA LYS A 628 18.37 33.38 -42.98
C LYS A 628 17.59 34.37 -42.13
N PRO A 629 18.19 34.90 -41.07
CA PRO A 629 17.47 35.88 -40.25
C PRO A 629 17.10 37.13 -41.04
N ASN A 630 15.96 37.72 -40.69
CA ASN A 630 15.42 38.87 -41.39
C ASN A 630 15.78 40.19 -40.72
N GLY A 631 16.84 40.21 -39.90
CA GLY A 631 17.28 41.41 -39.24
C GLY A 631 16.64 41.67 -37.89
N LYS A 632 15.66 40.87 -37.48
CA LYS A 632 15.02 41.01 -36.18
C LYS A 632 15.56 39.92 -35.27
N TRP A 633 16.08 40.32 -34.11
CA TRP A 633 16.69 39.40 -33.17
C TRP A 633 16.16 39.65 -31.77
N LEU A 634 16.11 38.59 -30.97
CA LEU A 634 15.78 38.68 -29.56
C LEU A 634 17.08 38.70 -28.75
N GLU A 635 17.20 39.68 -27.86
CA GLU A 635 18.43 39.91 -27.12
C GLU A 635 18.22 39.56 -25.65
N ILE A 636 19.13 38.75 -25.11
CA ILE A 636 19.12 38.37 -23.71
C ILE A 636 20.34 39.01 -23.05
N ILE A 637 20.11 39.80 -22.00
CA ILE A 637 21.16 40.53 -21.30
C ILE A 637 21.14 40.13 -19.84
N GLY A 638 22.30 39.83 -19.29
CA GLY A 638 22.40 39.48 -17.88
C GLY A 638 21.75 38.17 -17.50
N ALA A 639 21.94 37.12 -18.30
CA ALA A 639 21.43 35.79 -17.96
C ALA A 639 22.36 35.15 -16.94
N ARG A 640 21.89 35.07 -15.68
CA ARG A 640 22.72 34.57 -14.59
C ARG A 640 21.95 33.60 -13.70
N GLU A 641 20.81 33.09 -14.16
CA GLU A 641 20.02 32.17 -13.35
C GLU A 641 20.75 30.84 -13.20
N ASN A 642 20.72 30.31 -11.97
CA ASN A 642 21.29 28.99 -11.63
C ASN A 642 22.78 29.02 -11.95
N ASN A 643 23.26 28.22 -12.89
CA ASN A 643 24.69 28.12 -13.18
C ASN A 643 25.12 28.95 -14.39
N LEU A 644 24.26 29.83 -14.88
CA LEU A 644 24.61 30.67 -16.02
C LEU A 644 25.73 31.63 -15.65
N LYS A 645 26.78 31.66 -16.46
CA LYS A 645 27.96 32.48 -16.19
C LYS A 645 27.87 33.85 -16.84
N ASN A 646 26.76 34.54 -16.62
CA ASN A 646 26.54 35.91 -17.10
C ASN A 646 26.80 36.00 -18.61
N ILE A 647 25.95 35.30 -19.36
CA ILE A 647 26.09 35.21 -20.80
C ILE A 647 24.96 35.97 -21.47
N ASN A 648 25.23 36.41 -22.70
CA ASN A 648 24.25 37.11 -23.54
C ASN A 648 24.10 36.34 -24.84
N VAL A 649 22.85 36.05 -25.22
CA VAL A 649 22.56 35.26 -26.40
C VAL A 649 21.63 36.05 -27.31
N ARG A 650 21.65 35.70 -28.59
CA ARG A 650 20.79 36.32 -29.60
C ARG A 650 20.08 35.20 -30.37
N ILE A 651 18.75 35.25 -30.37
CA ILE A 651 17.92 34.25 -31.03
C ILE A 651 17.31 34.90 -32.26
N PRO A 652 17.61 34.41 -33.47
CA PRO A 652 17.01 35.01 -34.67
C PRO A 652 15.50 34.78 -34.71
N LEU A 653 14.81 35.72 -35.34
CA LEU A 653 13.36 35.68 -35.47
C LEU A 653 12.97 35.32 -36.89
N GLY A 654 11.95 34.48 -37.02
CA GLY A 654 11.51 34.02 -38.32
C GLY A 654 12.24 32.83 -38.87
N VAL A 655 13.15 32.22 -38.10
CA VAL A 655 13.90 31.05 -38.52
C VAL A 655 13.82 30.01 -37.42
N PHE A 656 13.76 28.74 -37.82
CA PHE A 656 13.71 27.65 -36.85
C PHE A 656 14.97 27.64 -36.01
N THR A 657 14.81 27.53 -34.70
CA THR A 657 15.92 27.61 -33.76
C THR A 657 15.90 26.40 -32.84
N CYS A 658 17.04 25.72 -32.76
CA CYS A 658 17.21 24.55 -31.90
C CYS A 658 18.28 24.86 -30.86
N ILE A 659 17.94 24.70 -29.59
CA ILE A 659 18.88 24.92 -28.49
C ILE A 659 19.34 23.57 -27.99
N THR A 660 20.58 23.21 -28.30
CA THR A 660 21.18 21.97 -27.87
C THR A 660 22.00 22.20 -26.60
N GLY A 661 22.73 21.17 -26.18
CA GLY A 661 23.59 21.26 -25.01
C GLY A 661 23.60 19.96 -24.24
N VAL A 662 24.70 19.73 -23.52
CA VAL A 662 24.86 18.53 -22.71
C VAL A 662 23.92 18.60 -21.52
N SER A 663 23.73 17.49 -20.83
CA SER A 663 22.83 17.44 -19.69
C SER A 663 23.32 18.38 -18.59
N GLY A 664 22.41 19.20 -18.07
CA GLY A 664 22.73 20.10 -16.98
C GLY A 664 23.44 21.38 -17.37
N SER A 665 23.58 21.66 -18.67
CA SER A 665 24.27 22.86 -19.09
C SER A 665 23.50 24.14 -18.79
N GLY A 666 22.22 24.02 -18.43
CA GLY A 666 21.40 25.18 -18.12
C GLY A 666 20.50 25.66 -19.23
N LYS A 667 20.41 24.93 -20.34
CA LYS A 667 19.55 25.35 -21.43
C LYS A 667 18.08 25.33 -21.03
N SER A 668 17.67 24.29 -20.30
CA SER A 668 16.28 24.19 -19.86
C SER A 668 15.92 25.35 -18.94
N SER A 669 16.81 25.69 -18.01
CA SER A 669 16.57 26.85 -17.16
C SER A 669 16.52 28.12 -18.00
N LEU A 670 17.53 28.32 -18.86
CA LEU A 670 17.62 29.53 -19.67
C LEU A 670 16.35 29.75 -20.48
N ILE A 671 15.75 28.68 -20.99
CA ILE A 671 14.53 28.82 -21.77
C ILE A 671 13.35 29.03 -20.83
N ASN A 672 13.03 28.01 -20.01
CA ASN A 672 11.76 28.01 -19.30
C ASN A 672 11.70 29.10 -18.24
N GLU A 673 12.72 29.18 -17.37
CA GLU A 673 12.63 30.07 -16.23
C GLU A 673 12.94 31.52 -16.59
N ILE A 674 13.41 31.80 -17.80
CA ILE A 674 13.76 33.17 -18.16
C ILE A 674 12.92 33.64 -19.35
N LEU A 675 13.10 33.02 -20.51
CA LEU A 675 12.56 33.58 -21.73
C LEU A 675 11.04 33.45 -21.78
N TYR A 676 10.53 32.24 -21.57
CA TYR A 676 9.09 32.03 -21.59
C TYR A 676 8.41 32.81 -20.49
N LYS A 677 9.00 32.83 -19.29
CA LYS A 677 8.39 33.55 -18.17
C LYS A 677 8.30 35.05 -18.46
N ARG A 678 9.41 35.65 -18.92
CA ARG A 678 9.40 37.08 -19.20
C ARG A 678 8.46 37.41 -20.35
N LEU A 679 8.45 36.58 -21.40
CA LEU A 679 7.55 36.83 -22.53
C LEU A 679 6.09 36.74 -22.10
N ALA A 680 5.76 35.75 -21.27
CA ALA A 680 4.39 35.63 -20.77
C ALA A 680 4.02 36.84 -19.92
N ALA A 681 4.92 37.28 -19.05
CA ALA A 681 4.64 38.44 -18.23
C ALA A 681 4.44 39.69 -19.08
N GLU A 682 5.24 39.84 -20.14
CA GLU A 682 5.15 41.03 -20.97
C GLU A 682 3.95 41.03 -21.89
N LEU A 683 3.50 39.86 -22.36
CA LEU A 683 2.46 39.80 -23.37
C LEU A 683 1.13 39.27 -22.84
N ASN A 684 1.12 38.09 -22.22
CA ASN A 684 -0.11 37.48 -21.74
C ASN A 684 -0.50 37.94 -20.35
N ARG A 685 0.26 38.87 -19.76
CA ARG A 685 -0.01 39.39 -18.42
C ARG A 685 -0.04 38.27 -17.39
N ALA A 686 0.82 37.28 -17.56
CA ALA A 686 0.91 36.18 -16.62
C ALA A 686 1.60 36.63 -15.33
N SER A 687 1.29 35.93 -14.25
CA SER A 687 1.83 36.23 -12.92
C SER A 687 2.72 35.06 -12.50
N VAL A 688 3.99 35.10 -12.91
CA VAL A 688 4.98 34.11 -12.54
C VAL A 688 6.26 34.83 -12.15
N LYS A 689 7.09 34.13 -11.39
CA LYS A 689 8.35 34.70 -10.94
C LYS A 689 9.36 34.68 -12.08
N PRO A 690 9.86 35.84 -12.52
CA PRO A 690 10.85 35.85 -13.61
C PRO A 690 12.20 35.33 -13.13
N GLY A 691 13.03 34.97 -14.11
CA GLY A 691 14.37 34.51 -13.83
C GLY A 691 15.33 35.66 -13.56
N GLU A 692 16.59 35.30 -13.33
CA GLU A 692 17.64 36.27 -13.05
C GLU A 692 18.19 36.81 -14.37
N HIS A 693 17.36 37.62 -15.03
CA HIS A 693 17.70 38.25 -16.29
C HIS A 693 17.68 39.76 -16.12
N ASP A 694 18.71 40.43 -16.65
CA ASP A 694 18.80 41.87 -16.50
C ASP A 694 17.80 42.59 -17.38
N LEU A 695 17.91 42.41 -18.69
CA LEU A 695 17.00 43.06 -19.63
C LEU A 695 16.85 42.18 -20.86
N ILE A 696 15.71 42.34 -21.55
CA ILE A 696 15.44 41.63 -22.79
C ILE A 696 15.01 42.66 -23.83
N LYS A 697 15.64 42.63 -25.00
CA LYS A 697 15.37 43.57 -26.07
C LYS A 697 14.66 42.88 -27.22
N GLY A 698 13.75 43.62 -27.86
CA GLY A 698 12.97 43.07 -28.95
C GLY A 698 11.67 42.41 -28.56
N ILE A 699 11.17 42.70 -27.36
CA ILE A 699 9.92 42.07 -26.91
C ILE A 699 8.75 42.53 -27.75
N GLU A 700 8.76 43.78 -28.20
CA GLU A 700 7.63 44.34 -28.93
C GLU A 700 7.40 43.67 -30.27
N TYR A 701 8.37 42.90 -30.78
CA TYR A 701 8.23 42.22 -32.06
C TYR A 701 7.52 40.89 -31.95
N LEU A 702 7.15 40.45 -30.75
CA LEU A 702 6.47 39.18 -30.54
C LEU A 702 5.07 39.47 -30.02
N ASP A 703 4.06 39.20 -30.84
CA ASP A 703 2.68 39.50 -30.46
C ASP A 703 2.15 38.50 -29.45
N LYS A 704 2.44 37.22 -29.63
CA LYS A 704 1.90 36.17 -28.77
C LYS A 704 2.95 35.09 -28.55
N VAL A 705 2.90 34.46 -27.37
CA VAL A 705 3.76 33.34 -27.04
C VAL A 705 2.88 32.19 -26.57
N ILE A 706 3.11 31.00 -27.13
CA ILE A 706 2.33 29.81 -26.82
C ILE A 706 3.29 28.69 -26.44
N ASP A 707 3.02 28.04 -25.31
CA ASP A 707 3.83 26.94 -24.82
C ASP A 707 3.08 25.63 -25.01
N ILE A 708 3.74 24.65 -25.61
CA ILE A 708 3.16 23.34 -25.88
C ILE A 708 3.84 22.32 -24.98
N ASP A 709 3.06 21.64 -24.15
CA ASP A 709 3.58 20.69 -23.18
C ASP A 709 2.87 19.35 -23.35
N GLN A 710 3.23 18.40 -22.51
CA GLN A 710 2.66 17.06 -22.56
C GLN A 710 1.46 16.88 -21.66
N SER A 711 1.00 17.94 -21.00
CA SER A 711 -0.15 17.83 -20.12
C SER A 711 -1.41 17.52 -20.93
N PRO A 712 -2.33 16.74 -20.35
CA PRO A 712 -3.57 16.44 -21.06
C PRO A 712 -4.40 17.70 -21.31
N ILE A 713 -5.17 17.67 -22.39
CA ILE A 713 -5.97 18.85 -22.77
C ILE A 713 -6.99 19.17 -21.69
N GLY A 714 -7.67 18.16 -21.16
CA GLY A 714 -8.65 18.38 -20.11
C GLY A 714 -8.80 17.15 -19.25
N ARG A 715 -9.26 17.39 -18.02
CA ARG A 715 -9.49 16.31 -17.06
C ARG A 715 -10.94 15.87 -16.97
N THR A 716 -11.89 16.78 -17.17
CA THR A 716 -13.29 16.42 -17.14
C THR A 716 -13.65 15.53 -18.33
N PRO A 717 -14.62 14.64 -18.19
CA PRO A 717 -15.04 13.82 -19.34
C PRO A 717 -15.64 14.64 -20.48
N ARG A 718 -16.06 15.88 -20.22
CA ARG A 718 -16.66 16.72 -21.26
C ARG A 718 -15.59 17.51 -22.00
N SER A 719 -14.71 16.78 -22.68
CA SER A 719 -13.67 17.38 -23.52
C SER A 719 -13.18 16.32 -24.49
N ASN A 720 -13.25 16.62 -25.78
CA ASN A 720 -12.88 15.69 -26.84
C ASN A 720 -11.99 16.40 -27.84
N PRO A 721 -11.20 15.64 -28.62
CA PRO A 721 -10.38 16.26 -29.68
C PRO A 721 -11.21 16.92 -30.76
N ALA A 722 -12.53 16.77 -30.71
CA ALA A 722 -13.42 17.49 -31.60
C ALA A 722 -13.92 18.80 -31.02
N THR A 723 -14.11 18.85 -29.69
CA THR A 723 -14.51 20.10 -29.05
C THR A 723 -13.34 21.08 -28.94
N TYR A 724 -12.15 20.58 -28.63
CA TYR A 724 -10.99 21.47 -28.46
C TYR A 724 -10.61 22.16 -29.76
N THR A 725 -10.59 21.40 -30.87
CA THR A 725 -10.21 21.98 -32.15
C THR A 725 -11.19 23.03 -32.63
N GLY A 726 -12.44 23.00 -32.15
CA GLY A 726 -13.45 23.93 -32.59
C GLY A 726 -14.30 23.44 -33.74
N VAL A 727 -13.98 22.28 -34.32
CA VAL A 727 -14.78 21.73 -35.40
C VAL A 727 -16.19 21.37 -34.92
N PHE A 728 -16.35 21.11 -33.63
CA PHE A 728 -17.64 20.68 -33.11
C PHE A 728 -18.70 21.78 -33.26
N ASP A 729 -18.31 23.05 -33.07
CA ASP A 729 -19.26 24.13 -33.25
C ASP A 729 -19.73 24.21 -34.70
N PHE A 730 -18.81 24.09 -35.65
CA PHE A 730 -19.19 24.11 -37.06
C PHE A 730 -20.08 22.94 -37.41
N ILE A 731 -19.78 21.76 -36.87
CA ILE A 731 -20.59 20.58 -37.18
C ILE A 731 -21.97 20.71 -36.55
N ARG A 732 -22.06 21.32 -35.36
CA ARG A 732 -23.37 21.57 -34.76
C ARG A 732 -24.19 22.55 -35.59
N GLU A 733 -23.54 23.59 -36.11
CA GLU A 733 -24.23 24.54 -36.99
C GLU A 733 -24.71 23.83 -38.25
N ILE A 734 -23.88 22.95 -38.81
CA ILE A 734 -24.27 22.21 -40.01
C ILE A 734 -25.49 21.33 -39.72
N PHE A 735 -25.48 20.66 -38.56
CA PHE A 735 -26.63 19.84 -38.19
C PHE A 735 -27.88 20.68 -38.01
N ALA A 736 -27.75 21.84 -37.38
CA ALA A 736 -28.91 22.72 -37.16
C ALA A 736 -29.40 23.37 -38.44
N ASN A 737 -28.57 23.42 -39.47
CA ASN A 737 -28.98 24.02 -40.74
C ASN A 737 -29.73 23.04 -41.64
N THR A 738 -29.90 21.79 -41.22
CA THR A 738 -30.62 20.82 -42.03
C THR A 738 -32.11 21.11 -42.04
N THR A 739 -32.82 20.47 -42.99
CA THR A 739 -34.25 20.70 -43.12
C THR A 739 -35.01 20.19 -41.90
N GLU A 740 -34.64 19.02 -41.39
CA GLU A 740 -35.34 18.46 -40.24
C GLU A 740 -35.18 19.33 -39.00
N ALA A 741 -33.98 19.86 -38.78
CA ALA A 741 -33.75 20.72 -37.62
C ALA A 741 -34.59 21.99 -37.70
N LYS A 742 -34.67 22.59 -38.89
CA LYS A 742 -35.50 23.77 -39.07
C LYS A 742 -36.98 23.43 -38.88
N THR A 743 -37.40 22.26 -39.36
CA THR A 743 -38.80 21.85 -39.20
C THR A 743 -39.15 21.68 -37.73
N ARG A 744 -38.28 21.05 -36.95
CA ARG A 744 -38.55 20.81 -35.55
C ARG A 744 -38.20 21.99 -34.65
N GLY A 745 -37.64 23.06 -35.21
CA GLY A 745 -37.35 24.26 -34.44
C GLY A 745 -36.32 24.07 -33.35
N TYR A 746 -35.21 23.39 -33.66
CA TYR A 746 -34.14 23.21 -32.70
C TYR A 746 -33.20 24.42 -32.71
N LYS A 747 -32.15 24.34 -31.91
CA LYS A 747 -31.16 25.41 -31.79
C LYS A 747 -29.81 24.91 -32.30
N ALA A 748 -28.91 25.87 -32.55
CA ALA A 748 -27.58 25.52 -33.03
C ALA A 748 -26.81 24.71 -32.00
N GLY A 749 -26.92 25.08 -30.73
CA GLY A 749 -26.26 24.38 -29.65
C GLY A 749 -27.09 23.29 -29.00
N ARG A 750 -28.23 22.93 -29.57
CA ARG A 750 -29.07 21.89 -28.97
C ARG A 750 -28.37 20.54 -29.00
N PHE A 751 -27.62 20.26 -30.06
CA PHE A 751 -26.95 18.97 -30.21
C PHE A 751 -25.60 18.94 -29.51
N SER A 752 -25.59 19.30 -28.23
CA SER A 752 -24.37 19.31 -27.43
C SER A 752 -24.61 18.55 -26.13
N PHE A 753 -23.58 17.85 -25.67
CA PHE A 753 -23.69 17.03 -24.46
C PHE A 753 -23.27 17.78 -23.20
N ASN A 754 -23.44 19.10 -23.17
CA ASN A 754 -23.16 19.87 -21.96
C ASN A 754 -24.21 20.93 -21.69
N VAL A 755 -25.40 20.82 -22.30
CA VAL A 755 -26.49 21.77 -22.08
C VAL A 755 -27.77 20.98 -21.83
N LYS A 756 -28.73 21.64 -21.21
CA LYS A 756 -30.00 21.02 -20.86
C LYS A 756 -30.99 21.17 -22.01
N GLY A 757 -31.53 20.04 -22.47
CA GLY A 757 -32.52 20.06 -23.54
C GLY A 757 -32.29 19.03 -24.61
N GLY A 758 -31.03 18.70 -24.88
CA GLY A 758 -30.70 17.74 -25.92
C GLY A 758 -30.03 16.49 -25.41
N ARG A 759 -29.26 16.62 -24.33
CA ARG A 759 -28.56 15.47 -23.78
C ARG A 759 -29.51 14.54 -23.05
N CYS A 760 -29.05 13.32 -22.81
CA CYS A 760 -29.85 12.34 -22.09
C CYS A 760 -29.92 12.72 -20.61
N GLU A 761 -31.13 13.04 -20.15
CA GLU A 761 -31.30 13.52 -18.77
C GLU A 761 -31.05 12.44 -17.73
N ALA A 762 -31.01 11.17 -18.13
CA ALA A 762 -30.81 10.10 -17.16
C ALA A 762 -29.43 10.18 -16.53
N CYS A 763 -28.39 10.34 -17.35
CA CYS A 763 -27.02 10.44 -16.88
C CYS A 763 -26.50 11.87 -16.90
N ALA A 764 -27.36 12.85 -17.15
CA ALA A 764 -26.99 14.27 -17.18
C ALA A 764 -25.89 14.55 -18.20
N GLY A 765 -25.86 13.79 -19.29
CA GLY A 765 -24.90 13.99 -20.34
C GLY A 765 -23.52 13.43 -20.08
N ASP A 766 -23.24 12.92 -18.88
CA ASP A 766 -21.95 12.32 -18.61
C ASP A 766 -21.75 11.04 -19.41
N GLY A 767 -22.81 10.25 -19.57
CA GLY A 767 -22.77 9.02 -20.31
C GLY A 767 -22.47 7.79 -19.48
N ILE A 768 -22.08 7.95 -18.22
CA ILE A 768 -21.79 6.83 -17.33
C ILE A 768 -22.57 7.02 -16.04
N ASN A 769 -23.31 5.99 -15.63
CA ASN A 769 -24.07 6.03 -14.39
C ASN A 769 -23.22 5.48 -13.24
N LYS A 770 -23.55 5.91 -12.03
CA LYS A 770 -22.82 5.52 -10.84
C LYS A 770 -23.69 4.62 -9.98
N ILE A 771 -23.16 3.46 -9.62
CA ILE A 771 -23.85 2.49 -8.76
C ILE A 771 -22.97 2.24 -7.54
N GLU A 772 -23.55 2.39 -6.35
CA GLU A 772 -22.83 2.22 -5.10
C GLU A 772 -23.29 0.97 -4.39
N MET A 773 -22.34 0.16 -3.93
CA MET A 773 -22.62 -1.06 -3.19
C MET A 773 -22.47 -0.82 -1.69
N HIS A 774 -22.75 -1.86 -0.91
CA HIS A 774 -22.69 -1.73 0.55
C HIS A 774 -21.25 -1.59 1.04
N PHE A 775 -20.32 -2.36 0.46
CA PHE A 775 -18.94 -2.35 0.91
C PHE A 775 -17.96 -2.21 -0.26
N LEU A 776 -18.40 -1.64 -1.38
CA LEU A 776 -17.55 -1.45 -2.54
C LEU A 776 -17.60 0.00 -3.00
N PRO A 777 -16.53 0.49 -3.60
CA PRO A 777 -16.57 1.84 -4.19
C PRO A 777 -17.53 1.87 -5.39
N ASP A 778 -17.92 3.09 -5.74
CA ASP A 778 -18.85 3.28 -6.85
C ASP A 778 -18.28 2.71 -8.13
N ILE A 779 -19.11 1.95 -8.84
CA ILE A 779 -18.72 1.29 -10.09
C ILE A 779 -19.48 1.95 -11.24
N TYR A 780 -18.74 2.42 -12.24
CA TYR A 780 -19.33 3.10 -13.38
C TYR A 780 -19.77 2.09 -14.43
N VAL A 781 -21.02 2.20 -14.86
CA VAL A 781 -21.59 1.30 -15.86
C VAL A 781 -22.25 2.14 -16.95
N PRO A 782 -22.36 1.63 -18.18
CA PRO A 782 -23.02 2.41 -19.24
C PRO A 782 -24.47 2.70 -18.89
N CYS A 783 -24.94 3.88 -19.30
CA CYS A 783 -26.30 4.28 -19.03
C CYS A 783 -27.28 3.41 -19.79
N GLU A 784 -28.33 2.97 -19.10
CA GLU A 784 -29.32 2.09 -19.72
C GLU A 784 -30.26 2.85 -20.64
N VAL A 785 -30.63 4.08 -20.26
CA VAL A 785 -31.61 4.84 -21.05
C VAL A 785 -31.02 5.26 -22.38
N CYS A 786 -29.80 5.79 -22.38
CA CYS A 786 -29.18 6.30 -23.59
C CYS A 786 -28.27 5.29 -24.29
N LYS A 787 -28.00 4.15 -23.66
CA LYS A 787 -27.16 3.10 -24.23
C LYS A 787 -25.78 3.61 -24.62
N GLY A 788 -25.25 4.55 -23.84
CA GLY A 788 -23.90 5.05 -24.06
C GLY A 788 -23.73 6.06 -25.18
N LYS A 789 -24.83 6.49 -25.80
CA LYS A 789 -24.75 7.47 -26.87
C LYS A 789 -24.74 8.91 -26.37
N ARG A 790 -24.88 9.12 -25.06
CA ARG A 790 -24.83 10.44 -24.43
C ARG A 790 -25.92 11.39 -24.95
N TYR A 791 -26.93 10.86 -25.63
CA TYR A 791 -27.96 11.70 -26.22
C TYR A 791 -29.33 11.05 -26.04
N ASN A 792 -30.36 11.88 -26.09
CA ASN A 792 -31.73 11.38 -26.01
C ASN A 792 -32.19 10.89 -27.38
N ARG A 793 -33.32 10.18 -27.37
CA ARG A 793 -33.85 9.63 -28.62
C ARG A 793 -34.32 10.73 -29.56
N GLU A 794 -34.87 11.82 -29.02
CA GLU A 794 -35.36 12.91 -29.87
C GLU A 794 -34.22 13.54 -30.66
N THR A 795 -33.06 13.76 -30.03
CA THR A 795 -31.92 14.31 -30.74
C THR A 795 -31.40 13.34 -31.80
N LEU A 796 -31.31 12.06 -31.46
CA LEU A 796 -30.85 11.06 -32.41
C LEU A 796 -31.83 10.85 -33.56
N GLU A 797 -33.08 11.27 -33.40
CA GLU A 797 -34.05 11.13 -34.48
C GLU A 797 -33.64 11.93 -35.72
N VAL A 798 -32.99 13.08 -35.53
CA VAL A 798 -32.55 13.90 -36.65
C VAL A 798 -31.39 13.18 -37.34
N ARG A 799 -31.49 13.03 -38.66
CA ARG A 799 -30.48 12.32 -39.44
C ARG A 799 -29.98 13.24 -40.55
N TYR A 800 -28.66 13.34 -40.69
CA TYR A 800 -28.01 14.13 -41.72
C TYR A 800 -27.22 13.17 -42.61
N LYS A 801 -27.68 13.00 -43.85
CA LYS A 801 -27.06 12.08 -44.82
C LYS A 801 -26.95 10.67 -44.25
N GLY A 802 -27.99 10.26 -43.52
CA GLY A 802 -28.02 8.92 -42.94
C GLY A 802 -27.19 8.72 -41.70
N LYS A 803 -26.68 9.80 -41.10
CA LYS A 803 -25.86 9.70 -39.90
C LYS A 803 -26.40 10.64 -38.84
N ASN A 804 -26.42 10.17 -37.59
CA ASN A 804 -26.88 10.96 -36.46
C ASN A 804 -25.70 11.58 -35.73
N ILE A 805 -25.98 12.30 -34.66
CA ILE A 805 -24.92 12.96 -33.90
C ILE A 805 -24.01 11.94 -33.24
N ALA A 806 -24.59 10.84 -32.74
CA ALA A 806 -23.77 9.80 -32.12
C ALA A 806 -22.87 9.12 -33.15
N GLU A 807 -23.40 8.86 -34.35
CA GLU A 807 -22.58 8.25 -35.40
C GLU A 807 -21.42 9.16 -35.79
N VAL A 808 -21.67 10.46 -35.90
CA VAL A 808 -20.61 11.40 -36.22
C VAL A 808 -19.57 11.46 -35.10
N LEU A 809 -20.03 11.53 -33.85
CA LEU A 809 -19.11 11.58 -32.73
C LEU A 809 -18.34 10.28 -32.55
N ASP A 810 -18.83 9.18 -33.11
CA ASP A 810 -18.15 7.89 -33.03
C ASP A 810 -17.45 7.52 -34.33
N MET A 811 -17.07 8.51 -35.13
CA MET A 811 -16.42 8.29 -36.41
C MET A 811 -15.01 8.84 -36.38
N THR A 812 -14.06 8.05 -36.90
CA THR A 812 -12.66 8.43 -36.89
C THR A 812 -12.40 9.57 -37.87
N VAL A 813 -11.23 10.20 -37.70
CA VAL A 813 -10.87 11.35 -38.52
C VAL A 813 -10.67 10.95 -39.98
N GLU A 814 -10.13 9.75 -40.20
CA GLU A 814 -9.87 9.30 -41.57
C GLU A 814 -11.16 9.23 -42.38
N GLU A 815 -12.23 8.70 -41.78
CA GLU A 815 -13.52 8.67 -42.47
C GLU A 815 -14.13 10.06 -42.58
N ALA A 816 -13.93 10.90 -41.56
CA ALA A 816 -14.49 12.24 -41.58
C ALA A 816 -13.86 13.09 -42.67
N LEU A 817 -12.61 12.80 -43.04
CA LEU A 817 -11.98 13.55 -44.13
C LEU A 817 -12.74 13.37 -45.43
N GLU A 818 -13.13 12.14 -45.75
CA GLU A 818 -13.91 11.89 -46.95
C GLU A 818 -15.37 12.30 -46.79
N PHE A 819 -15.92 12.16 -45.58
CA PHE A 819 -17.35 12.42 -45.37
C PHE A 819 -17.68 13.90 -45.58
N PHE A 820 -16.85 14.80 -45.08
CA PHE A 820 -17.12 16.24 -45.12
C PHE A 820 -16.28 16.95 -46.17
N LYS A 821 -16.04 16.31 -47.31
CA LYS A 821 -15.27 16.96 -48.37
C LYS A 821 -16.02 18.10 -49.03
N ASN A 822 -17.34 18.13 -48.92
CA ASN A 822 -18.12 19.18 -49.58
C ASN A 822 -17.96 20.53 -48.90
N ILE A 823 -18.03 20.56 -47.58
CA ILE A 823 -17.96 21.79 -46.81
C ILE A 823 -16.49 22.09 -46.52
N PRO A 824 -15.96 23.24 -46.96
CA PRO A 824 -14.53 23.53 -46.73
C PRO A 824 -14.22 23.99 -45.32
N ARG A 825 -15.18 24.59 -44.61
CA ARG A 825 -14.91 25.11 -43.27
C ARG A 825 -14.50 23.99 -42.32
N ILE A 826 -15.20 22.85 -42.38
CA ILE A 826 -14.81 21.70 -41.57
C ILE A 826 -13.65 20.96 -42.23
N HIS A 827 -13.60 20.97 -43.57
CA HIS A 827 -12.58 20.21 -44.29
C HIS A 827 -11.18 20.72 -43.97
N LYS A 828 -11.01 22.04 -43.84
CA LYS A 828 -9.70 22.59 -43.53
C LYS A 828 -9.17 22.08 -42.20
N LYS A 829 -10.00 22.16 -41.15
CA LYS A 829 -9.56 21.70 -39.83
C LYS A 829 -9.36 20.19 -39.81
N ILE A 830 -10.22 19.44 -40.49
CA ILE A 830 -10.06 17.99 -40.51
C ILE A 830 -8.77 17.60 -41.23
N GLU A 831 -8.47 18.27 -42.35
CA GLU A 831 -7.23 18.00 -43.07
C GLU A 831 -6.01 18.38 -42.24
N THR A 832 -6.09 19.49 -41.50
CA THR A 832 -5.00 19.85 -40.61
C THR A 832 -4.78 18.79 -39.55
N LEU A 833 -5.87 18.30 -38.93
CA LEU A 833 -5.76 17.27 -37.91
C LEU A 833 -5.17 15.98 -38.49
N TYR A 834 -5.59 15.62 -39.71
CA TYR A 834 -5.04 14.43 -40.36
C TYR A 834 -3.57 14.61 -40.67
N ASP A 835 -3.16 15.80 -41.10
CA ASP A 835 -1.76 16.05 -41.43
C ASP A 835 -0.89 16.04 -40.18
N VAL A 836 -1.43 16.43 -39.03
CA VAL A 836 -0.66 16.34 -37.79
C VAL A 836 -0.29 14.89 -37.49
N GLY A 837 -1.19 13.96 -37.80
CA GLY A 837 -0.91 12.55 -37.62
C GLY A 837 -1.87 11.83 -36.71
N LEU A 838 -3.08 12.37 -36.56
CA LEU A 838 -4.09 11.80 -35.68
C LEU A 838 -5.18 11.08 -36.45
N GLY A 839 -4.81 10.39 -37.52
CA GLY A 839 -5.78 9.73 -38.36
C GLY A 839 -6.22 8.36 -37.89
N TYR A 840 -6.15 8.10 -36.59
CA TYR A 840 -6.62 6.84 -36.01
C TYR A 840 -7.54 6.99 -34.83
N ILE A 841 -7.51 8.12 -34.10
CA ILE A 841 -8.46 8.34 -33.01
C ILE A 841 -9.77 8.83 -33.60
N LYS A 842 -10.83 8.84 -32.78
CA LYS A 842 -12.13 9.31 -33.20
C LYS A 842 -12.53 10.55 -32.42
N LEU A 843 -13.45 11.31 -32.99
CA LEU A 843 -13.81 12.63 -32.46
C LEU A 843 -14.49 12.56 -31.10
N GLY A 844 -14.93 11.39 -30.66
CA GLY A 844 -15.62 11.26 -29.39
C GLY A 844 -14.79 10.70 -28.25
N GLN A 845 -13.49 10.50 -28.44
CA GLN A 845 -12.65 9.95 -27.39
C GLN A 845 -12.55 10.93 -26.24
N SER A 846 -12.72 10.43 -25.01
CA SER A 846 -12.62 11.29 -23.84
C SER A 846 -11.19 11.75 -23.63
N SER A 847 -11.04 12.97 -23.12
CA SER A 847 -9.72 13.54 -22.89
C SER A 847 -8.95 12.80 -21.80
N THR A 848 -9.64 12.08 -20.92
CA THR A 848 -8.95 11.30 -19.89
C THR A 848 -8.12 10.19 -20.52
N THR A 849 -8.64 9.54 -21.56
CA THR A 849 -7.94 8.45 -22.21
C THR A 849 -6.81 8.93 -23.12
N LEU A 850 -6.71 10.22 -23.39
CA LEU A 850 -5.65 10.74 -24.25
C LEU A 850 -4.31 10.70 -23.52
N SER A 851 -3.26 10.37 -24.24
CA SER A 851 -1.92 10.30 -23.68
C SER A 851 -1.18 11.61 -23.97
N GLY A 852 0.10 11.67 -23.60
CA GLY A 852 0.86 12.89 -23.81
C GLY A 852 1.08 13.21 -25.27
N GLY A 853 1.45 12.21 -26.07
CA GLY A 853 1.68 12.45 -27.48
C GLY A 853 0.43 12.90 -28.22
N GLU A 854 -0.71 12.27 -27.91
CA GLU A 854 -1.96 12.68 -28.53
C GLU A 854 -2.34 14.10 -28.13
N ALA A 855 -2.11 14.46 -26.86
CA ALA A 855 -2.37 15.83 -26.42
C ALA A 855 -1.49 16.83 -27.15
N GLN A 856 -0.21 16.50 -27.33
CA GLN A 856 0.69 17.38 -28.06
C GLN A 856 0.24 17.54 -29.50
N ARG A 857 -0.17 16.44 -30.13
CA ARG A 857 -0.63 16.52 -31.51
C ARG A 857 -1.91 17.34 -31.62
N VAL A 858 -2.82 17.21 -30.65
CA VAL A 858 -4.04 18.02 -30.65
C VAL A 858 -3.70 19.50 -30.53
N LYS A 859 -2.77 19.84 -29.62
CA LYS A 859 -2.38 21.23 -29.46
C LYS A 859 -1.72 21.77 -30.72
N LEU A 860 -0.89 20.96 -31.37
CA LEU A 860 -0.27 21.38 -32.62
C LEU A 860 -1.32 21.62 -33.70
N ALA A 861 -2.31 20.74 -33.80
CA ALA A 861 -3.37 20.94 -34.77
C ALA A 861 -4.16 22.21 -34.48
N THR A 862 -4.46 22.46 -33.21
CA THR A 862 -5.18 23.68 -32.85
C THR A 862 -4.38 24.93 -33.19
N GLU A 863 -3.07 24.91 -32.92
CA GLU A 863 -2.24 26.06 -33.25
C GLU A 863 -2.14 26.26 -34.76
N LEU A 864 -2.04 25.16 -35.52
CA LEU A 864 -1.95 25.27 -36.97
C LEU A 864 -3.25 25.80 -37.58
N SER A 865 -4.40 25.40 -37.02
CA SER A 865 -5.67 25.81 -37.59
C SER A 865 -5.88 27.32 -37.48
N ARG A 866 -5.34 27.95 -36.45
CA ARG A 866 -5.53 29.38 -36.25
C ARG A 866 -4.82 30.18 -37.33
N LYS A 867 -5.35 31.37 -37.60
CA LYS A 867 -4.77 32.24 -38.60
C LYS A 867 -3.39 32.72 -38.19
N SER A 868 -2.49 32.86 -39.16
CA SER A 868 -1.11 33.26 -38.90
C SER A 868 -1.00 34.78 -38.95
N THR A 869 -0.42 35.36 -37.89
CA THR A 869 -0.21 36.79 -37.82
C THR A 869 1.22 37.21 -38.10
N GLY A 870 2.16 36.26 -38.17
CA GLY A 870 3.55 36.57 -38.44
C GLY A 870 4.36 37.00 -37.25
N LYS A 871 3.76 37.07 -36.06
CA LYS A 871 4.46 37.47 -34.84
C LYS A 871 4.12 36.51 -33.71
N THR A 872 4.19 35.21 -33.99
CA THR A 872 3.87 34.18 -33.02
C THR A 872 5.13 33.44 -32.59
N MET A 873 5.27 33.24 -31.28
CA MET A 873 6.41 32.53 -30.70
C MET A 873 5.93 31.22 -30.10
N TYR A 874 6.58 30.12 -30.48
CA TYR A 874 6.23 28.79 -30.00
C TYR A 874 7.44 28.17 -29.33
N ILE A 875 7.23 27.57 -28.16
CA ILE A 875 8.30 26.95 -27.38
C ILE A 875 7.93 25.49 -27.16
N LEU A 876 8.81 24.59 -27.58
CA LEU A 876 8.62 23.15 -27.42
C LEU A 876 9.72 22.59 -26.54
N ASP A 877 9.34 21.84 -25.52
CA ASP A 877 10.27 21.22 -24.59
C ASP A 877 10.30 19.71 -24.87
N GLU A 878 11.35 19.26 -25.56
CA GLU A 878 11.53 17.86 -25.94
C GLU A 878 10.30 17.33 -26.67
N PRO A 879 10.04 17.79 -27.90
CA PRO A 879 8.82 17.36 -28.59
C PRO A 879 8.86 15.91 -29.05
N THR A 880 10.03 15.28 -29.11
CA THR A 880 10.16 13.91 -29.58
C THR A 880 10.10 12.89 -28.45
N THR A 881 9.41 13.20 -27.37
CA THR A 881 9.28 12.28 -26.25
C THR A 881 8.23 11.23 -26.59
N GLY A 882 8.65 9.97 -26.69
CA GLY A 882 7.74 8.90 -27.04
C GLY A 882 7.22 8.95 -28.46
N LEU A 883 8.08 9.28 -29.42
CA LEU A 883 7.72 9.29 -30.84
C LEU A 883 8.70 8.43 -31.61
N HIS A 884 8.18 7.62 -32.52
CA HIS A 884 9.01 6.79 -33.39
C HIS A 884 9.69 7.68 -34.43
N MET A 885 10.55 7.06 -35.24
CA MET A 885 11.29 7.81 -36.25
C MET A 885 10.34 8.40 -37.31
N ALA A 886 9.32 7.63 -37.71
CA ALA A 886 8.34 8.17 -38.65
C ALA A 886 7.58 9.34 -38.03
N ASP A 887 7.23 9.23 -36.75
CA ASP A 887 6.60 10.35 -36.06
C ASP A 887 7.54 11.56 -36.00
N VAL A 888 8.85 11.30 -35.83
CA VAL A 888 9.82 12.38 -35.83
C VAL A 888 9.84 13.08 -37.19
N HIS A 889 9.83 12.30 -38.27
CA HIS A 889 9.80 12.89 -39.61
C HIS A 889 8.55 13.72 -39.82
N ARG A 890 7.39 13.19 -39.42
CA ARG A 890 6.14 13.93 -39.59
C ARG A 890 6.14 15.21 -38.77
N LEU A 891 6.64 15.16 -37.53
CA LEU A 891 6.71 16.35 -36.70
C LEU A 891 7.68 17.37 -37.26
N VAL A 892 8.81 16.92 -37.83
CA VAL A 892 9.74 17.85 -38.47
C VAL A 892 9.05 18.56 -39.63
N GLY A 893 8.32 17.81 -40.46
CA GLY A 893 7.59 18.42 -41.55
C GLY A 893 6.55 19.42 -41.06
N ILE A 894 5.80 19.07 -40.01
CA ILE A 894 4.79 19.96 -39.47
C ILE A 894 5.42 21.23 -38.92
N LEU A 895 6.54 21.09 -38.20
CA LEU A 895 7.21 22.26 -37.64
C LEU A 895 7.75 23.17 -38.74
N HIS A 896 8.32 22.59 -39.80
CA HIS A 896 8.79 23.41 -40.91
C HIS A 896 7.64 24.13 -41.59
N ARG A 897 6.51 23.44 -41.77
CA ARG A 897 5.34 24.10 -42.35
C ARG A 897 4.85 25.24 -41.46
N LEU A 898 4.86 25.04 -40.15
CA LEU A 898 4.45 26.10 -39.23
C LEU A 898 5.39 27.29 -39.31
N VAL A 899 6.70 27.02 -39.38
CA VAL A 899 7.68 28.11 -39.45
C VAL A 899 7.54 28.87 -40.76
N GLU A 900 7.21 28.16 -41.85
CA GLU A 900 7.06 28.82 -43.14
C GLU A 900 5.91 29.82 -43.16
N ALA A 901 4.96 29.71 -42.22
CA ALA A 901 3.83 30.63 -42.18
C ALA A 901 4.22 32.03 -41.69
N GLY A 902 5.40 32.18 -41.09
CA GLY A 902 5.83 33.48 -40.61
C GLY A 902 6.24 33.45 -39.15
N ASN A 903 5.62 32.57 -38.36
CA ASN A 903 5.96 32.45 -36.96
C ASN A 903 7.31 31.75 -36.79
N SER A 904 7.93 31.99 -35.63
CA SER A 904 9.20 31.37 -35.28
C SER A 904 9.03 30.49 -34.05
N VAL A 905 9.66 29.32 -34.07
CA VAL A 905 9.55 28.34 -32.99
C VAL A 905 10.95 27.96 -32.52
N VAL A 906 11.15 27.93 -31.21
CA VAL A 906 12.41 27.54 -30.60
C VAL A 906 12.19 26.23 -29.87
N VAL A 907 13.00 25.22 -30.20
CA VAL A 907 12.81 23.86 -29.73
C VAL A 907 14.06 23.40 -29.00
N ILE A 908 13.87 22.85 -27.81
CA ILE A 908 14.94 22.19 -27.06
C ILE A 908 14.99 20.74 -27.49
N GLU A 909 16.01 20.38 -28.28
CA GLU A 909 16.05 19.06 -28.89
C GLU A 909 17.38 18.40 -28.60
N HIS A 910 17.36 17.06 -28.63
CA HIS A 910 18.57 16.27 -28.43
C HIS A 910 18.75 15.28 -29.57
N ASN A 911 17.64 14.84 -30.16
CA ASN A 911 17.71 13.91 -31.29
C ASN A 911 18.42 14.55 -32.47
N LEU A 912 19.35 13.81 -33.06
CA LEU A 912 20.11 14.34 -34.18
C LEU A 912 19.25 14.55 -35.42
N ASP A 913 18.17 13.79 -35.55
CA ASP A 913 17.30 13.94 -36.71
C ASP A 913 16.67 15.32 -36.75
N VAL A 914 16.17 15.81 -35.61
CA VAL A 914 15.60 17.15 -35.57
C VAL A 914 16.69 18.21 -35.71
N ILE A 915 17.85 17.97 -35.09
CA ILE A 915 18.92 18.97 -35.09
C ILE A 915 19.44 19.20 -36.50
N LYS A 916 19.66 18.12 -37.27
CA LYS A 916 20.30 18.25 -38.58
C LYS A 916 19.43 18.99 -39.57
N THR A 917 18.12 19.10 -39.34
CA THR A 917 17.22 19.81 -40.23
C THR A 917 16.87 21.20 -39.73
N ALA A 918 17.53 21.67 -38.68
CA ALA A 918 17.25 22.99 -38.12
C ALA A 918 17.91 24.08 -38.95
N ASP A 919 17.62 25.33 -38.60
CA ASP A 919 18.15 26.50 -39.30
C ASP A 919 19.19 27.25 -38.50
N TYR A 920 18.94 27.50 -37.22
CA TYR A 920 19.90 28.16 -36.34
C TYR A 920 20.06 27.35 -35.08
N ILE A 921 21.30 27.11 -34.67
CA ILE A 921 21.61 26.25 -33.54
C ILE A 921 22.39 27.05 -32.50
N ILE A 922 21.94 26.99 -31.25
CA ILE A 922 22.63 27.60 -30.13
C ILE A 922 23.11 26.47 -29.22
N ASP A 923 24.41 26.43 -28.98
CA ASP A 923 25.03 25.36 -28.19
C ASP A 923 25.48 25.91 -26.85
N LEU A 924 25.12 25.21 -25.77
CA LEU A 924 25.49 25.60 -24.42
C LEU A 924 26.34 24.51 -23.80
N GLY A 925 27.51 24.88 -23.29
CA GLY A 925 28.41 23.93 -22.67
C GLY A 925 29.46 24.61 -21.82
N PRO A 926 30.68 24.07 -21.83
CA PRO A 926 31.13 22.87 -22.53
C PRO A 926 30.97 21.61 -21.68
N GLU A 927 30.44 21.75 -20.46
CA GLU A 927 30.22 20.62 -19.57
C GLU A 927 28.92 20.86 -18.81
N GLY A 928 28.61 19.98 -17.88
CA GLY A 928 27.39 20.07 -17.10
C GLY A 928 27.63 20.64 -15.72
N GLY A 929 26.59 21.26 -15.16
CA GLY A 929 26.66 21.77 -13.81
C GLY A 929 27.47 23.06 -13.70
N SER A 930 28.17 23.20 -12.58
CA SER A 930 28.94 24.41 -12.32
C SER A 930 30.10 24.59 -13.29
N GLY A 931 30.56 23.52 -13.93
CA GLY A 931 31.65 23.66 -14.88
C GLY A 931 31.27 24.46 -16.10
N GLY A 932 30.04 24.26 -16.61
CA GLY A 932 29.57 24.94 -17.80
C GLY A 932 28.49 25.97 -17.50
N GLY A 933 27.97 26.53 -18.58
CA GLY A 933 26.95 27.56 -18.48
C GLY A 933 27.11 28.67 -19.51
N LEU A 934 28.24 28.65 -20.21
CA LEU A 934 28.55 29.65 -21.22
C LEU A 934 28.15 29.15 -22.61
N VAL A 935 28.18 30.06 -23.57
CA VAL A 935 27.87 29.74 -24.96
C VAL A 935 29.14 29.33 -25.67
N VAL A 936 29.10 28.19 -26.35
CA VAL A 936 30.27 27.66 -27.03
C VAL A 936 30.21 28.01 -28.51
N ALA A 937 29.17 27.55 -29.20
CA ALA A 937 29.01 27.78 -30.62
C ALA A 937 27.59 28.28 -30.90
N GLU A 938 27.48 29.11 -31.93
CA GLU A 938 26.19 29.65 -32.36
C GLU A 938 26.26 29.99 -33.84
N GLY A 939 25.25 29.56 -34.59
CA GLY A 939 25.18 29.84 -36.01
C GLY A 939 24.58 28.66 -36.74
N THR A 940 24.89 28.57 -38.04
CA THR A 940 24.38 27.50 -38.86
C THR A 940 25.00 26.16 -38.44
N PRO A 941 24.31 25.04 -38.69
CA PRO A 941 24.89 23.74 -38.33
C PRO A 941 26.23 23.47 -38.98
N GLU A 942 26.45 23.96 -40.20
CA GLU A 942 27.74 23.76 -40.85
C GLU A 942 28.86 24.47 -40.07
N GLU A 943 28.59 25.68 -39.59
CA GLU A 943 29.59 26.39 -38.79
C GLU A 943 29.85 25.68 -37.47
N VAL A 944 28.80 25.17 -36.83
CA VAL A 944 28.96 24.48 -35.54
C VAL A 944 29.76 23.20 -35.72
N ALA A 945 29.55 22.51 -36.85
CA ALA A 945 30.25 21.25 -37.10
C ALA A 945 31.75 21.43 -37.24
N LYS A 946 32.22 22.66 -37.46
CA LYS A 946 33.64 22.94 -37.64
C LYS A 946 34.36 23.26 -36.33
N VAL A 947 33.64 23.31 -35.21
CA VAL A 947 34.23 23.65 -33.92
C VAL A 947 34.67 22.35 -33.23
N GLU A 948 35.95 22.28 -32.87
CA GLU A 948 36.46 21.09 -32.22
C GLU A 948 35.93 20.94 -30.79
N ASN A 949 35.72 22.05 -30.10
CA ASN A 949 35.29 22.03 -28.70
C ASN A 949 33.77 22.01 -28.59
N SER A 950 33.13 21.05 -29.26
CA SER A 950 31.68 20.92 -29.18
C SER A 950 31.30 19.49 -29.55
N TYR A 951 30.75 18.75 -28.59
CA TYR A 951 30.29 17.39 -28.87
C TYR A 951 29.17 17.40 -29.89
N THR A 952 28.25 18.35 -29.79
CA THR A 952 27.18 18.47 -30.77
C THR A 952 27.74 18.73 -32.16
N GLY A 953 28.75 19.58 -32.26
CA GLY A 953 29.38 19.83 -33.55
C GLY A 953 30.03 18.58 -34.13
N GLN A 954 30.72 17.82 -33.30
CA GLN A 954 31.35 16.58 -33.77
C GLN A 954 30.30 15.58 -34.25
N PHE A 955 29.21 15.43 -33.49
CA PHE A 955 28.16 14.50 -33.90
C PHE A 955 27.47 14.96 -35.18
N LEU A 956 27.24 16.27 -35.33
CA LEU A 956 26.67 16.79 -36.56
C LEU A 956 27.59 16.57 -37.74
N LYS A 957 28.90 16.73 -37.54
CA LYS A 957 29.85 16.43 -38.61
C LYS A 957 29.81 14.96 -38.98
N LYS A 958 29.71 14.08 -37.99
CA LYS A 958 29.62 12.64 -38.27
C LYS A 958 28.35 12.30 -39.05
N VAL A 959 27.22 12.90 -38.67
CA VAL A 959 25.97 12.62 -39.37
C VAL A 959 26.02 13.16 -40.79
N LEU A 960 26.48 14.38 -40.97
CA LEU A 960 26.54 15.01 -42.28
C LEU A 960 27.71 14.45 -43.10
N ASP B 24 24.54 -16.72 -5.89
CA ASP B 24 23.41 -17.57 -5.51
C ASP B 24 23.40 -17.82 -4.00
N TYR B 25 23.88 -16.85 -3.24
CA TYR B 25 23.91 -16.92 -1.78
C TYR B 25 23.28 -15.66 -1.21
N ILE B 26 22.35 -15.83 -0.26
CA ILE B 26 21.76 -14.68 0.44
C ILE B 26 22.65 -14.42 1.64
N VAL B 27 23.73 -13.69 1.39
CA VAL B 27 24.70 -13.41 2.45
C VAL B 27 24.23 -12.22 3.27
N VAL B 28 24.12 -12.42 4.57
CA VAL B 28 23.77 -11.36 5.51
C VAL B 28 24.90 -11.23 6.52
N LYS B 29 25.39 -10.00 6.70
CA LYS B 29 26.49 -9.74 7.61
C LYS B 29 26.10 -8.61 8.56
N GLY B 30 26.47 -8.75 9.82
CA GLY B 30 26.17 -7.75 10.82
C GLY B 30 24.69 -7.63 11.11
N ALA B 31 24.07 -8.71 11.58
CA ALA B 31 22.68 -8.72 11.99
C ALA B 31 22.62 -8.57 13.50
N ARG B 32 21.99 -7.49 13.98
CA ARG B 32 21.94 -7.19 15.40
C ARG B 32 20.52 -6.88 15.86
N GLU B 33 19.51 -7.26 15.09
CA GLU B 33 18.13 -6.98 15.48
C GLU B 33 17.75 -7.78 16.71
N HIS B 34 16.98 -7.14 17.61
CA HIS B 34 16.53 -7.74 18.85
C HIS B 34 17.70 -8.26 19.69
N ASN B 35 17.81 -9.58 19.84
CA ASN B 35 18.82 -10.19 20.69
C ASN B 35 19.72 -11.13 19.90
N LEU B 36 20.16 -10.70 18.72
CA LEU B 36 21.09 -11.46 17.92
C LEU B 36 22.50 -10.93 18.11
N LYS B 37 23.45 -11.82 18.37
CA LYS B 37 24.81 -11.43 18.74
C LYS B 37 25.72 -11.36 17.51
N ASN B 38 25.34 -10.48 16.59
CA ASN B 38 26.15 -10.16 15.41
C ASN B 38 26.49 -11.43 14.61
N ILE B 39 25.45 -12.10 14.13
CA ILE B 39 25.61 -13.35 13.41
C ILE B 39 26.03 -13.07 11.96
N ASP B 40 26.47 -14.12 11.26
CA ASP B 40 26.83 -14.00 9.85
C ASP B 40 26.57 -15.36 9.21
N VAL B 41 25.44 -15.47 8.53
CA VAL B 41 25.02 -16.73 7.92
C VAL B 41 25.04 -16.59 6.40
N LYS B 42 25.02 -17.74 5.73
CA LYS B 42 25.01 -17.81 4.27
C LYS B 42 23.93 -18.80 3.87
N ILE B 43 22.74 -18.28 3.58
CA ILE B 43 21.59 -19.11 3.20
C ILE B 43 21.65 -19.39 1.70
N PRO B 44 21.70 -20.66 1.30
CA PRO B 44 21.73 -20.97 -0.14
C PRO B 44 20.41 -20.61 -0.81
N ARG B 45 20.50 -20.31 -2.10
CA ARG B 45 19.36 -19.90 -2.89
C ARG B 45 18.75 -21.09 -3.63
N ASP B 46 17.43 -21.03 -3.82
CA ASP B 46 16.69 -22.06 -4.55
C ASP B 46 16.86 -23.44 -3.92
N LYS B 47 16.86 -23.49 -2.59
CA LYS B 47 16.96 -24.75 -1.87
C LYS B 47 16.13 -24.66 -0.60
N PHE B 48 15.75 -25.83 -0.09
CA PHE B 48 14.88 -25.92 1.08
C PHE B 48 15.70 -25.67 2.34
N VAL B 49 15.44 -24.54 3.01
CA VAL B 49 16.18 -24.12 4.20
C VAL B 49 15.20 -24.04 5.36
N VAL B 50 15.53 -24.70 6.47
CA VAL B 50 14.68 -24.73 7.65
C VAL B 50 15.44 -24.11 8.82
N ILE B 51 14.75 -23.28 9.58
CA ILE B 51 15.32 -22.59 10.74
C ILE B 51 14.72 -23.21 12.00
N THR B 52 15.58 -23.68 12.90
CA THR B 52 15.16 -24.40 14.09
C THR B 52 15.81 -23.77 15.32
N GLY B 53 15.02 -23.63 16.38
CA GLY B 53 15.54 -23.14 17.64
C GLY B 53 14.49 -23.25 18.72
N LEU B 54 14.95 -23.05 19.95
CA LEU B 54 14.03 -23.07 21.09
C LEU B 54 13.12 -21.84 21.05
N SER B 55 12.05 -21.90 21.85
CA SER B 55 11.08 -20.80 21.87
C SER B 55 11.72 -19.54 22.40
N GLY B 56 11.92 -18.56 21.52
CA GLY B 56 12.57 -17.32 21.89
C GLY B 56 14.06 -17.25 21.63
N SER B 57 14.63 -18.28 21.00
CA SER B 57 16.07 -18.28 20.71
C SER B 57 16.45 -17.25 19.66
N GLY B 58 15.49 -16.67 18.95
CA GLY B 58 15.78 -15.75 17.87
C GLY B 58 15.57 -16.31 16.48
N LYS B 59 15.03 -17.53 16.36
CA LYS B 59 14.76 -18.10 15.04
C LYS B 59 13.74 -17.27 14.27
N SER B 60 12.71 -16.77 14.95
CA SER B 60 11.71 -15.95 14.28
C SER B 60 12.22 -14.56 13.96
N SER B 61 13.06 -14.00 14.83
CA SER B 61 13.58 -12.66 14.57
C SER B 61 14.44 -12.64 13.31
N LEU B 62 15.41 -13.55 13.21
CA LEU B 62 16.33 -13.57 12.08
C LEU B 62 15.59 -13.63 10.75
N ALA B 63 14.46 -14.35 10.71
CA ALA B 63 13.70 -14.41 9.47
C ALA B 63 12.83 -13.16 9.31
N PHE B 64 11.83 -13.00 10.18
CA PHE B 64 10.80 -11.99 9.93
C PHE B 64 11.35 -10.58 10.08
N ASP B 65 12.05 -10.29 11.17
CA ASP B 65 12.43 -8.90 11.45
C ASP B 65 13.53 -8.44 10.51
N THR B 66 14.42 -9.34 10.10
CA THR B 66 15.54 -8.97 9.23
C THR B 66 15.25 -9.22 7.75
N ILE B 67 15.08 -10.48 7.35
CA ILE B 67 15.14 -10.80 5.93
C ILE B 67 13.85 -10.39 5.22
N TYR B 68 12.70 -10.78 5.77
CA TYR B 68 11.44 -10.40 5.15
C TYR B 68 11.26 -8.89 5.16
N ALA B 69 11.61 -8.24 6.28
CA ALA B 69 11.47 -6.78 6.35
C ALA B 69 12.36 -6.10 5.32
N GLU B 70 13.61 -6.55 5.19
CA GLU B 70 14.52 -5.94 4.22
C GLU B 70 14.03 -6.14 2.80
N GLY B 71 13.59 -7.37 2.46
CA GLY B 71 13.11 -7.61 1.11
C GLY B 71 11.88 -6.80 0.78
N GLN B 72 10.91 -6.77 1.71
CA GLN B 72 9.69 -6.01 1.47
C GLN B 72 9.98 -4.52 1.34
N ARG B 73 10.88 -3.99 2.18
CA ARG B 73 11.25 -2.59 2.07
C ARG B 73 11.94 -2.29 0.74
N ARG B 74 12.85 -3.18 0.32
CA ARG B 74 13.55 -2.97 -0.94
C ARG B 74 12.58 -2.95 -2.11
N TYR B 75 11.58 -3.84 -2.10
CA TYR B 75 10.63 -3.84 -3.21
C TYR B 75 9.69 -2.64 -3.13
N VAL B 76 9.20 -2.30 -1.94
CA VAL B 76 8.20 -1.24 -1.82
C VAL B 76 8.80 0.11 -2.14
N GLU B 77 10.05 0.36 -1.72
CA GLU B 77 10.70 1.63 -2.00
C GLU B 77 10.91 1.85 -3.49
N SER B 78 10.81 0.79 -4.30
CA SER B 78 11.02 0.90 -5.74
C SER B 78 9.74 1.19 -6.50
N LEU B 79 8.63 0.57 -6.10
CA LEU B 79 7.35 0.78 -6.78
C LEU B 79 6.60 1.96 -6.19
N GLU B 91 10.67 1.01 8.20
CA GLU B 91 11.12 0.05 9.20
C GLU B 91 12.38 -0.67 8.74
N LYS B 92 13.47 0.08 8.66
CA LYS B 92 14.74 -0.50 8.21
C LYS B 92 15.30 -1.43 9.28
N PRO B 93 15.64 -2.67 8.94
CA PRO B 93 16.23 -3.56 9.94
C PRO B 93 17.63 -3.11 10.33
N ASP B 94 18.02 -3.48 11.56
CA ASP B 94 19.34 -3.14 12.09
C ASP B 94 20.35 -4.16 11.59
N VAL B 95 20.67 -4.06 10.30
CA VAL B 95 21.61 -4.96 9.65
C VAL B 95 22.54 -4.13 8.76
N ASP B 96 23.82 -4.53 8.72
CA ASP B 96 24.81 -3.78 7.96
C ASP B 96 24.47 -3.78 6.46
N TYR B 97 24.48 -4.96 5.84
CA TYR B 97 24.22 -5.06 4.42
C TYR B 97 23.83 -6.49 4.07
N ILE B 98 22.89 -6.62 3.14
CA ILE B 98 22.43 -7.92 2.65
C ILE B 98 22.55 -7.94 1.14
N ASP B 99 23.23 -8.93 0.60
CA ASP B 99 23.50 -9.04 -0.83
C ASP B 99 22.79 -10.26 -1.40
N GLY B 100 22.08 -10.06 -2.50
CA GLY B 100 21.37 -11.15 -3.15
C GLY B 100 19.92 -11.30 -2.76
N LEU B 101 19.34 -10.32 -2.09
CA LEU B 101 17.95 -10.42 -1.65
C LEU B 101 17.00 -10.36 -2.84
N SER B 102 15.79 -10.87 -2.62
CA SER B 102 14.72 -10.84 -3.60
C SER B 102 13.45 -10.44 -2.88
N PRO B 103 12.43 -9.98 -3.62
CA PRO B 103 11.15 -9.68 -2.96
C PRO B 103 10.59 -10.91 -2.27
N ALA B 104 10.10 -10.71 -1.05
CA ALA B 104 9.68 -11.81 -0.20
C ALA B 104 8.21 -11.67 0.17
N ILE B 105 7.53 -12.81 0.30
CA ILE B 105 6.14 -12.88 0.72
C ILE B 105 6.08 -13.70 1.99
N ALA B 106 5.44 -13.16 3.02
CA ALA B 106 5.34 -13.82 4.32
C ALA B 106 3.99 -14.52 4.44
N ILE B 107 4.03 -15.78 4.85
CA ILE B 107 2.84 -16.58 5.07
C ILE B 107 2.76 -16.88 6.56
N ASP B 108 1.75 -16.32 7.23
CA ASP B 108 1.59 -16.46 8.67
C ASP B 108 0.16 -16.83 9.00
N GLN B 109 -0.03 -17.37 10.20
CA GLN B 109 -1.34 -17.84 10.66
C GLN B 109 -2.18 -16.69 11.22
N LYS B 110 -2.32 -15.62 10.44
CA LYS B 110 -3.08 -14.45 10.84
C LYS B 110 -4.18 -14.18 9.83
N THR B 111 -5.36 -13.83 10.33
CA THR B 111 -6.51 -13.52 9.47
C THR B 111 -7.36 -12.47 10.14
N THR B 112 -8.16 -11.79 9.33
CA THR B 112 -9.06 -10.73 9.81
C THR B 112 -10.44 -10.97 9.23
N SER B 113 -11.38 -10.11 9.67
CA SER B 113 -12.75 -10.21 9.15
C SER B 113 -12.80 -9.95 7.65
N ARG B 114 -11.96 -9.04 7.16
CA ARG B 114 -11.89 -8.69 5.73
C ARG B 114 -13.27 -8.20 5.30
N ASN B 115 -13.86 -8.74 4.25
CA ASN B 115 -15.17 -8.34 3.78
C ASN B 115 -15.99 -9.57 3.45
N PRO B 116 -17.31 -9.48 3.55
CA PRO B 116 -18.15 -10.62 3.15
C PRO B 116 -18.05 -10.97 1.68
N ARG B 117 -17.56 -10.05 0.85
CA ARG B 117 -17.42 -10.34 -0.58
C ARG B 117 -16.44 -11.47 -0.82
N SER B 118 -15.31 -11.47 -0.12
CA SER B 118 -14.28 -12.46 -0.36
C SER B 118 -14.69 -13.81 0.23
N THR B 119 -14.60 -14.85 -0.58
CA THR B 119 -14.88 -16.22 -0.17
C THR B 119 -13.66 -17.08 -0.46
N VAL B 120 -13.81 -18.38 -0.20
CA VAL B 120 -12.73 -19.32 -0.52
C VAL B 120 -12.51 -19.37 -2.03
N GLY B 121 -13.59 -19.37 -2.80
CA GLY B 121 -13.46 -19.40 -4.26
C GLY B 121 -12.76 -18.17 -4.80
N THR B 122 -13.03 -17.00 -4.21
CA THR B 122 -12.38 -15.77 -4.65
C THR B 122 -10.91 -15.74 -4.25
N VAL B 123 -10.62 -16.12 -3.01
CA VAL B 123 -9.24 -16.08 -2.51
C VAL B 123 -8.38 -17.07 -3.28
N THR B 124 -8.88 -18.28 -3.52
CA THR B 124 -8.14 -19.29 -4.26
C THR B 124 -7.97 -18.92 -5.73
N GLU B 125 -8.69 -17.90 -6.21
CA GLU B 125 -8.64 -17.48 -7.61
C GLU B 125 -9.13 -18.59 -8.53
N ILE B 126 -10.19 -19.27 -8.11
CA ILE B 126 -10.87 -20.24 -8.94
C ILE B 126 -12.20 -19.70 -9.48
N TYR B 127 -12.86 -18.80 -8.75
CA TYR B 127 -14.14 -18.27 -9.19
C TYR B 127 -14.04 -17.54 -10.53
N ASP B 128 -12.91 -16.89 -10.80
CA ASP B 128 -12.74 -16.23 -12.09
C ASP B 128 -12.71 -17.23 -13.23
N TYR B 129 -11.99 -18.33 -13.06
CA TYR B 129 -11.96 -19.36 -14.10
C TYR B 129 -13.32 -20.03 -14.24
N LEU B 130 -14.03 -20.21 -13.13
CA LEU B 130 -15.39 -20.74 -13.20
C LEU B 130 -16.31 -19.80 -13.98
N ARG B 131 -16.18 -18.49 -13.76
CA ARG B 131 -16.95 -17.52 -14.52
C ARG B 131 -16.63 -17.61 -16.00
N LEU B 132 -15.35 -17.72 -16.34
CA LEU B 132 -14.97 -17.84 -17.75
C LEU B 132 -15.55 -19.10 -18.36
N LEU B 133 -15.50 -20.22 -17.64
CA LEU B 133 -16.03 -21.48 -18.15
C LEU B 133 -17.54 -21.38 -18.37
N PHE B 134 -18.26 -20.78 -17.41
CA PHE B 134 -19.71 -20.66 -17.55
C PHE B 134 -20.08 -19.71 -18.69
N ALA B 135 -19.30 -18.66 -18.89
CA ALA B 135 -19.58 -17.74 -19.99
C ALA B 135 -19.29 -18.39 -21.34
N ARG B 136 -18.25 -19.22 -21.42
CA ARG B 136 -17.84 -19.76 -22.71
C ARG B 136 -18.64 -21.00 -23.10
N ILE B 137 -18.89 -21.91 -22.15
CA ILE B 137 -19.52 -23.19 -22.45
C ILE B 137 -20.94 -23.31 -21.91
N GLY B 138 -21.37 -22.38 -21.05
CA GLY B 138 -22.69 -22.47 -20.46
C GLY B 138 -23.79 -22.33 -21.50
N THR B 139 -24.89 -23.05 -21.27
CA THR B 139 -26.02 -23.03 -22.17
C THR B 139 -27.23 -22.39 -21.51
N PRO B 140 -28.05 -21.67 -22.27
CA PRO B 140 -29.25 -21.05 -21.67
C PRO B 140 -30.27 -22.11 -21.26
N HIS B 141 -31.06 -21.75 -20.25
CA HIS B 141 -32.10 -22.64 -19.75
C HIS B 141 -33.33 -21.86 -19.31
N ILE B 282 -24.54 -14.51 -22.63
CA ILE B 282 -23.45 -15.39 -22.24
C ILE B 282 -22.14 -14.62 -22.21
N THR B 283 -21.95 -13.82 -21.16
CA THR B 283 -20.76 -13.01 -20.96
C THR B 283 -20.25 -13.22 -19.54
N PRO B 284 -18.94 -13.07 -19.32
CA PRO B 284 -18.39 -13.24 -17.97
C PRO B 284 -18.60 -12.05 -17.05
N ARG B 285 -19.45 -11.10 -17.41
CA ARG B 285 -19.68 -9.93 -16.58
C ARG B 285 -20.82 -10.13 -15.58
N MET B 286 -21.85 -10.89 -15.97
CA MET B 286 -23.01 -11.09 -15.13
C MET B 286 -22.92 -12.36 -14.29
N PHE B 287 -21.82 -13.09 -14.35
CA PHE B 287 -21.63 -14.29 -13.56
C PHE B 287 -20.96 -14.03 -12.22
N SER B 288 -20.69 -12.76 -11.89
CA SER B 288 -20.00 -12.41 -10.67
C SER B 288 -20.87 -11.52 -9.81
N PHE B 289 -20.73 -11.65 -8.49
CA PHE B 289 -21.45 -10.83 -7.53
C PHE B 289 -20.71 -9.56 -7.18
N ASN B 290 -19.49 -9.36 -7.70
CA ASN B 290 -18.71 -8.16 -7.44
C ASN B 290 -18.99 -7.03 -8.42
N ASN B 291 -19.89 -7.24 -9.38
CA ASN B 291 -20.23 -6.23 -10.37
C ASN B 291 -21.75 -6.08 -10.43
N PRO B 292 -22.23 -4.88 -10.77
CA PRO B 292 -23.68 -4.68 -10.84
C PRO B 292 -24.37 -5.51 -11.91
N TYR B 293 -23.61 -6.06 -12.86
CA TYR B 293 -24.22 -6.79 -13.98
C TYR B 293 -24.95 -8.03 -13.49
N GLY B 294 -24.39 -8.74 -12.51
CA GLY B 294 -24.98 -10.00 -12.09
C GLY B 294 -25.36 -10.09 -10.63
N ALA B 295 -24.91 -9.15 -9.81
CA ALA B 295 -25.21 -9.18 -8.39
C ALA B 295 -26.71 -9.04 -8.16
N CYS B 296 -27.21 -9.74 -7.14
CA CYS B 296 -28.62 -9.67 -6.81
C CYS B 296 -28.97 -8.30 -6.27
N PRO B 297 -29.95 -7.60 -6.86
CA PRO B 297 -30.26 -6.23 -6.39
C PRO B 297 -30.74 -6.17 -4.95
N GLU B 298 -31.44 -7.20 -4.47
CA GLU B 298 -32.03 -7.13 -3.14
C GLU B 298 -30.96 -7.15 -2.05
N CYS B 299 -30.01 -8.08 -2.14
CA CYS B 299 -28.96 -8.23 -1.15
C CYS B 299 -27.67 -7.52 -1.54
N THR B 300 -27.67 -6.79 -2.66
CA THR B 300 -26.51 -6.05 -3.15
C THR B 300 -25.31 -6.94 -3.42
N GLY B 301 -25.55 -8.25 -3.61
CA GLY B 301 -24.49 -9.18 -3.93
C GLY B 301 -23.82 -9.83 -2.73
N LEU B 302 -24.11 -9.37 -1.51
CA LEU B 302 -23.51 -9.96 -0.33
C LEU B 302 -23.99 -11.39 -0.12
N GLY B 303 -25.27 -11.65 -0.40
CA GLY B 303 -25.85 -12.97 -0.23
C GLY B 303 -26.47 -13.22 1.13
N SER B 304 -26.39 -12.28 2.06
CA SER B 304 -26.99 -12.45 3.38
C SER B 304 -27.27 -11.06 3.94
N LEU B 305 -28.54 -10.69 4.01
CA LEU B 305 -28.93 -9.40 4.56
C LEU B 305 -28.62 -9.35 6.05
N MET B 306 -27.59 -8.60 6.42
CA MET B 306 -27.16 -8.49 7.82
C MET B 306 -27.66 -7.16 8.36
N ARG B 307 -28.89 -7.17 8.86
CA ARG B 307 -29.51 -5.99 9.45
C ARG B 307 -29.39 -6.05 10.97
N ILE B 308 -30.03 -5.11 11.65
CA ILE B 308 -30.01 -5.03 13.11
C ILE B 308 -31.33 -5.60 13.63
N ASP B 309 -31.24 -6.62 14.47
CA ASP B 309 -32.43 -7.23 15.04
C ASP B 309 -33.07 -6.28 16.04
N PRO B 310 -34.36 -5.99 15.92
CA PRO B 310 -35.01 -5.11 16.90
C PRO B 310 -34.95 -5.63 18.32
N ASP B 311 -34.98 -6.96 18.51
CA ASP B 311 -34.87 -7.51 19.85
C ASP B 311 -33.50 -7.22 20.46
N LEU B 312 -32.44 -7.31 19.65
CA LEU B 312 -31.10 -7.02 20.16
C LEU B 312 -30.93 -5.54 20.48
N VAL B 313 -31.58 -4.65 19.73
CA VAL B 313 -31.48 -3.22 19.98
C VAL B 313 -32.09 -2.87 21.33
N ILE B 314 -33.24 -3.44 21.65
CA ILE B 314 -33.92 -3.17 22.92
C ILE B 314 -34.25 -4.48 23.60
N PRO B 315 -33.27 -5.14 24.23
CA PRO B 315 -33.58 -6.42 24.91
C PRO B 315 -34.59 -6.29 26.03
N ASP B 316 -34.62 -5.17 26.73
CA ASP B 316 -35.53 -4.94 27.86
C ASP B 316 -36.57 -3.92 27.42
N LYS B 317 -37.68 -4.43 26.86
CA LYS B 317 -38.77 -3.55 26.46
C LYS B 317 -39.57 -3.03 27.65
N LYS B 318 -39.56 -3.78 28.77
CA LYS B 318 -40.29 -3.34 29.96
C LYS B 318 -39.68 -2.07 30.54
N LEU B 319 -38.35 -1.97 30.52
CA LEU B 319 -37.67 -0.80 31.07
C LEU B 319 -37.99 0.45 30.26
N SER B 320 -38.06 1.57 30.95
CA SER B 320 -38.38 2.84 30.31
C SER B 320 -37.14 3.43 29.64
N LEU B 321 -37.35 4.52 28.90
CA LEU B 321 -36.25 5.19 28.21
C LEU B 321 -35.24 5.75 29.20
N ALA B 322 -35.72 6.32 30.31
CA ALA B 322 -34.82 6.87 31.31
C ALA B 322 -33.97 5.80 31.98
N GLN B 323 -34.52 4.59 32.12
CA GLN B 323 -33.79 3.50 32.76
C GLN B 323 -32.67 2.96 31.89
N GLY B 324 -32.59 3.36 30.63
CA GLY B 324 -31.54 2.89 29.74
C GLY B 324 -31.97 1.74 28.87
N ALA B 325 -33.13 1.87 28.22
CA ALA B 325 -33.62 0.83 27.33
C ALA B 325 -32.69 0.65 26.13
N VAL B 326 -32.20 1.75 25.56
CA VAL B 326 -31.31 1.71 24.41
C VAL B 326 -29.88 1.54 24.94
N ARG B 327 -29.36 0.32 24.84
CA ARG B 327 -28.01 0.02 25.29
C ARG B 327 -26.97 0.12 24.19
N ALA B 328 -27.38 0.48 22.98
CA ALA B 328 -26.43 0.60 21.88
C ALA B 328 -25.49 1.79 22.09
N SER B 329 -24.24 1.62 21.68
CA SER B 329 -23.26 2.68 21.82
C SER B 329 -23.62 3.86 20.91
N GLY B 330 -23.39 5.07 21.42
CA GLY B 330 -23.71 6.27 20.68
C GLY B 330 -25.16 6.72 20.77
N TRP B 331 -26.00 6.00 21.52
CA TRP B 331 -27.41 6.38 21.67
C TRP B 331 -27.88 6.29 23.11
N ASN B 332 -26.97 6.37 24.08
CA ASN B 332 -27.34 6.27 25.49
C ASN B 332 -27.84 7.61 26.01
N ILE B 333 -28.99 7.59 26.66
CA ILE B 333 -29.59 8.80 27.22
C ILE B 333 -29.41 8.87 28.73
N ALA B 334 -28.39 8.18 29.27
CA ALA B 334 -28.17 8.19 30.71
C ALA B 334 -27.85 9.58 31.22
N ASN B 335 -27.01 10.33 30.50
CA ASN B 335 -26.64 11.68 30.88
C ASN B 335 -27.43 12.67 30.04
N ASP B 336 -28.11 13.60 30.72
CA ASP B 336 -28.95 14.58 30.02
C ASP B 336 -28.13 15.55 29.19
N GLU B 337 -26.85 15.73 29.51
CA GLU B 337 -25.99 16.65 28.77
C GLU B 337 -25.42 16.03 27.50
N SER B 338 -25.63 14.73 27.28
CA SER B 338 -25.11 14.08 26.09
C SER B 338 -25.92 14.48 24.86
N TYR B 339 -25.29 14.36 23.69
CA TYR B 339 -25.96 14.67 22.44
C TYR B 339 -27.11 13.71 22.18
N ALA B 340 -26.95 12.44 22.60
CA ALA B 340 -28.03 11.47 22.43
C ALA B 340 -29.25 11.87 23.24
N ARG B 341 -29.05 12.37 24.46
CA ARG B 341 -30.17 12.83 25.27
C ARG B 341 -30.88 14.01 24.62
N MET B 342 -30.10 14.94 24.05
CA MET B 342 -30.71 16.07 23.35
C MET B 342 -31.51 15.60 22.14
N TYR B 343 -30.99 14.64 21.38
CA TYR B 343 -31.73 14.11 20.25
C TYR B 343 -33.00 13.42 20.68
N ILE B 344 -32.93 12.66 21.79
CA ILE B 344 -34.13 12.00 22.31
C ILE B 344 -35.17 13.01 22.75
N ASP B 345 -34.73 14.09 23.42
CA ASP B 345 -35.65 15.13 23.84
C ASP B 345 -36.29 15.82 22.64
N ALA B 346 -35.49 16.09 21.60
CA ALA B 346 -36.05 16.71 20.39
C ALA B 346 -37.07 15.79 19.73
N LEU B 347 -36.78 14.49 19.66
CA LEU B 347 -37.72 13.55 19.07
C LEU B 347 -39.01 13.47 19.89
N ALA B 348 -38.88 13.49 21.22
CA ALA B 348 -40.06 13.46 22.08
C ALA B 348 -40.89 14.72 21.91
N LYS B 349 -40.22 15.87 21.77
CA LYS B 349 -40.95 17.12 21.52
C LYS B 349 -41.67 17.08 20.18
N HIS B 350 -41.01 16.56 19.14
CA HIS B 350 -41.63 16.51 17.82
C HIS B 350 -42.82 15.55 17.80
N TYR B 351 -42.70 14.40 18.45
CA TYR B 351 -43.74 13.38 18.43
C TYR B 351 -44.71 13.49 19.58
N ASN B 352 -44.54 14.49 20.46
CA ASN B 352 -45.40 14.67 21.63
C ASN B 352 -45.45 13.41 22.49
N PHE B 353 -44.28 13.03 23.00
CA PHE B 353 -44.12 11.84 23.82
C PHE B 353 -43.34 12.19 25.08
N SER B 354 -43.29 11.24 26.02
CA SER B 354 -42.58 11.41 27.27
C SER B 354 -41.53 10.33 27.42
N VAL B 355 -40.31 10.73 27.80
CA VAL B 355 -39.23 9.78 27.97
C VAL B 355 -39.49 8.88 29.18
N ASP B 356 -40.05 9.45 30.25
CA ASP B 356 -40.31 8.68 31.46
C ASP B 356 -41.36 7.60 31.27
N THR B 357 -42.16 7.70 30.21
CA THR B 357 -43.18 6.68 29.96
C THR B 357 -42.51 5.36 29.60
N PRO B 358 -43.10 4.23 30.02
CA PRO B 358 -42.50 2.93 29.68
C PRO B 358 -42.48 2.70 28.18
N VAL B 359 -41.46 1.96 27.73
CA VAL B 359 -41.32 1.67 26.31
C VAL B 359 -42.49 0.83 25.81
N GLU B 360 -42.91 -0.16 26.59
CA GLU B 360 -44.05 -0.99 26.20
C GLU B 360 -45.33 -0.16 26.14
N GLU B 361 -45.52 0.74 27.11
CA GLU B 361 -46.72 1.57 27.13
C GLU B 361 -46.73 2.60 26.02
N LEU B 362 -45.57 2.93 25.45
CA LEU B 362 -45.51 3.91 24.37
C LEU B 362 -46.18 3.35 23.12
N PRO B 363 -46.78 4.21 22.30
CA PRO B 363 -47.41 3.75 21.06
C PRO B 363 -46.39 3.10 20.14
N PRO B 364 -46.78 2.04 19.43
CA PRO B 364 -45.83 1.40 18.49
C PRO B 364 -45.36 2.32 17.39
N HIS B 365 -46.22 3.25 16.94
CA HIS B 365 -45.82 4.15 15.86
C HIS B 365 -44.68 5.06 16.30
N ILE B 366 -44.73 5.58 17.52
CA ILE B 366 -43.67 6.46 18.02
C ILE B 366 -42.36 5.70 18.10
N LEU B 367 -42.39 4.46 18.64
CA LEU B 367 -41.18 3.67 18.74
C LEU B 367 -40.61 3.35 17.36
N ASP B 368 -41.48 3.01 16.41
CA ASP B 368 -41.02 2.71 15.06
C ASP B 368 -40.38 3.94 14.41
N ILE B 369 -40.99 5.11 14.60
CA ILE B 369 -40.44 6.34 14.05
C ILE B 369 -39.09 6.66 14.68
N ILE B 370 -38.97 6.45 15.99
CA ILE B 370 -37.70 6.71 16.67
C ILE B 370 -36.62 5.76 16.17
N LEU B 371 -36.97 4.48 16.00
CA LEU B 371 -35.97 3.49 15.60
C LEU B 371 -35.54 3.66 14.15
N TYR B 372 -36.49 3.88 13.25
CA TYR B 372 -36.20 3.96 11.82
C TYR B 372 -35.96 5.39 11.35
N GLY B 373 -36.02 6.38 12.24
CA GLY B 373 -35.81 7.76 11.85
C GLY B 373 -37.03 8.36 11.20
N THR B 374 -36.86 9.61 10.74
CA THR B 374 -37.91 10.35 10.08
C THR B 374 -37.86 10.24 8.56
N ASN B 375 -36.92 9.45 8.03
CA ASN B 375 -36.78 9.27 6.58
C ASN B 375 -36.58 10.61 5.87
N GLY B 376 -35.79 11.49 6.47
CA GLY B 376 -35.50 12.78 5.89
C GLY B 376 -36.51 13.87 6.16
N GLU B 377 -37.55 13.58 6.94
CA GLU B 377 -38.56 14.60 7.25
C GLU B 377 -37.96 15.70 8.10
N LYS B 378 -38.34 16.93 7.80
CA LYS B 378 -37.84 18.09 8.53
C LYS B 378 -38.45 18.13 9.93
N ILE B 379 -37.61 18.29 10.95
CA ILE B 379 -38.05 18.33 12.33
C ILE B 379 -37.33 19.48 13.04
N LYS B 380 -37.89 19.90 14.16
CA LYS B 380 -37.33 20.96 14.98
C LYS B 380 -36.57 20.35 16.15
N ILE B 381 -35.33 20.81 16.34
CA ILE B 381 -34.45 20.31 17.40
C ILE B 381 -34.04 21.48 18.27
N GLU B 382 -34.17 21.31 19.59
CA GLU B 382 -33.79 22.33 20.56
C GLU B 382 -32.51 21.89 21.25
N TYR B 383 -31.51 22.78 21.27
CA TYR B 383 -30.21 22.50 21.88
C TYR B 383 -30.05 23.32 23.15
N GLU B 384 -29.70 22.65 24.25
CA GLU B 384 -29.48 23.30 25.53
C GLU B 384 -28.11 22.91 26.05
N ARG B 385 -27.32 23.91 26.47
CA ARG B 385 -25.98 23.66 26.97
C ARG B 385 -25.74 24.39 28.29
N GLU B 386 -24.51 24.33 28.78
CA GLU B 386 -24.19 25.00 30.05
C GLU B 386 -24.34 26.51 29.93
N ASN B 387 -23.90 27.09 28.81
CA ASN B 387 -23.98 28.53 28.63
C ASN B 387 -24.44 28.94 27.24
N GLU B 388 -24.89 27.99 26.42
CA GLU B 388 -25.37 28.27 25.07
C GLU B 388 -26.77 27.73 24.90
N LYS B 389 -27.67 28.57 24.38
CA LYS B 389 -29.06 28.19 24.15
C LYS B 389 -29.44 28.58 22.73
N GLY B 390 -30.17 27.69 22.07
CA GLY B 390 -30.60 27.94 20.70
C GLY B 390 -31.36 26.75 20.15
N THR B 391 -31.76 26.90 18.90
CA THR B 391 -32.51 25.86 18.20
C THR B 391 -32.04 25.79 16.75
N PHE B 392 -32.26 24.63 16.14
CA PHE B 392 -31.88 24.40 14.76
C PHE B 392 -32.83 23.40 14.14
N MET B 393 -32.90 23.41 12.81
CA MET B 393 -33.75 22.51 12.05
C MET B 393 -32.90 21.47 11.34
N ALA B 394 -33.26 20.20 11.52
CA ALA B 394 -32.53 19.09 10.92
C ALA B 394 -33.47 17.90 10.85
N SER B 395 -32.90 16.72 10.57
CA SER B 395 -33.66 15.49 10.49
C SER B 395 -33.04 14.45 11.41
N PHE B 396 -33.88 13.54 11.92
CA PHE B 396 -33.43 12.52 12.84
C PHE B 396 -33.17 11.24 12.08
N PRO B 397 -31.92 10.79 11.93
CA PRO B 397 -31.67 9.53 11.22
C PRO B 397 -32.27 8.31 11.88
N GLY B 398 -32.37 8.30 13.20
CA GLY B 398 -32.84 7.13 13.92
C GLY B 398 -31.68 6.29 14.42
N ILE B 399 -31.93 5.59 15.54
CA ILE B 399 -30.87 4.80 16.16
C ILE B 399 -30.44 3.65 15.26
N ILE B 400 -31.40 2.92 14.70
CA ILE B 400 -31.09 1.76 13.87
C ILE B 400 -30.37 2.20 12.60
N ASN B 401 -30.88 3.26 11.96
CA ASN B 401 -30.26 3.74 10.72
C ASN B 401 -28.85 4.27 10.99
N SER B 402 -28.66 5.00 12.09
CA SER B 402 -27.34 5.50 12.43
C SER B 402 -26.37 4.37 12.70
N MET B 403 -26.82 3.34 13.43
CA MET B 403 -25.95 2.19 13.69
C MET B 403 -25.59 1.47 12.40
N GLU B 404 -26.56 1.30 11.50
CA GLU B 404 -26.29 0.65 10.23
C GLU B 404 -25.30 1.46 9.40
N ARG B 405 -25.46 2.78 9.38
CA ARG B 405 -24.53 3.64 8.63
C ARG B 405 -23.12 3.57 9.23
N ARG B 406 -23.03 3.57 10.56
CA ARG B 406 -21.72 3.46 11.20
C ARG B 406 -21.07 2.12 10.89
N TYR B 407 -21.85 1.03 10.90
CA TYR B 407 -21.30 -0.28 10.54
C TYR B 407 -20.83 -0.30 9.08
N LYS B 408 -21.62 0.31 8.18
CA LYS B 408 -21.24 0.33 6.77
C LYS B 408 -19.97 1.15 6.55
N GLU B 409 -19.83 2.26 7.26
CA GLU B 409 -18.65 3.10 7.12
C GLU B 409 -17.45 2.59 7.89
N THR B 410 -17.61 1.54 8.70
CA THR B 410 -16.51 0.99 9.47
C THR B 410 -15.57 0.17 8.59
N VAL B 414 -13.12 -4.59 17.55
CA VAL B 414 -13.74 -3.70 18.51
C VAL B 414 -15.07 -3.18 17.98
N MET B 415 -15.00 -2.17 17.11
CA MET B 415 -16.22 -1.61 16.53
C MET B 415 -16.95 -2.65 15.68
N LYS B 416 -16.22 -3.43 14.90
CA LYS B 416 -16.84 -4.47 14.08
C LYS B 416 -17.52 -5.51 14.95
N GLN B 417 -16.87 -5.94 16.03
CA GLN B 417 -17.47 -6.92 16.93
C GLN B 417 -18.72 -6.34 17.60
N TYR B 418 -18.65 -5.09 18.03
CA TYR B 418 -19.82 -4.46 18.65
C TYR B 418 -20.98 -4.36 17.68
N TYR B 419 -20.70 -4.01 16.42
CA TYR B 419 -21.76 -3.94 15.42
C TYR B 419 -22.34 -5.32 15.13
N GLU B 420 -21.49 -6.35 15.05
CA GLU B 420 -21.96 -7.69 14.78
C GLU B 420 -22.74 -8.28 15.96
N ASN B 421 -22.48 -7.81 17.17
CA ASN B 421 -23.20 -8.31 18.34
C ASN B 421 -24.70 -8.04 18.27
N PHE B 422 -25.10 -6.91 17.67
CA PHE B 422 -26.51 -6.56 17.53
C PHE B 422 -27.06 -6.92 16.15
N MET B 423 -26.28 -7.63 15.33
CA MET B 423 -26.68 -8.00 13.99
C MET B 423 -26.86 -9.51 13.89
N SER B 424 -27.95 -9.92 13.25
CA SER B 424 -28.25 -11.35 13.04
C SER B 424 -28.15 -11.63 11.55
N ASN B 425 -27.34 -12.63 11.19
CA ASN B 425 -27.15 -12.96 9.79
C ASN B 425 -28.25 -13.89 9.30
N ILE B 426 -28.88 -13.52 8.18
CA ILE B 426 -29.93 -14.35 7.59
C ILE B 426 -29.74 -14.37 6.08
N PRO B 427 -30.10 -15.49 5.45
CA PRO B 427 -30.01 -15.57 3.99
C PRO B 427 -30.99 -14.64 3.31
N CYS B 428 -30.63 -14.21 2.11
CA CYS B 428 -31.49 -13.31 1.34
C CYS B 428 -32.80 -14.01 0.99
N PRO B 429 -33.95 -13.38 1.24
CA PRO B 429 -35.23 -14.05 0.94
C PRO B 429 -35.42 -14.40 -0.53
N VAL B 430 -34.86 -13.62 -1.44
CA VAL B 430 -35.09 -13.83 -2.87
C VAL B 430 -34.08 -14.82 -3.44
N CYS B 431 -32.80 -14.48 -3.34
CA CYS B 431 -31.76 -15.32 -3.94
C CYS B 431 -31.43 -16.55 -3.11
N LYS B 432 -31.95 -16.66 -1.89
CA LYS B 432 -31.72 -17.81 -1.02
C LYS B 432 -30.23 -18.06 -0.79
N GLY B 433 -29.48 -16.97 -0.59
CA GLY B 433 -28.07 -17.07 -0.31
C GLY B 433 -27.17 -17.26 -1.50
N ALA B 434 -27.73 -17.30 -2.72
CA ALA B 434 -26.91 -17.49 -3.90
C ALA B 434 -26.12 -16.23 -4.28
N ARG B 435 -26.62 -15.06 -3.92
CA ARG B 435 -25.96 -13.79 -4.22
C ARG B 435 -25.77 -13.59 -5.73
N LEU B 436 -26.75 -14.01 -6.52
CA LEU B 436 -26.73 -13.85 -7.96
C LEU B 436 -28.12 -13.56 -8.47
N LYS B 437 -28.19 -12.98 -9.67
CA LYS B 437 -29.47 -12.69 -10.30
C LYS B 437 -30.08 -13.96 -10.86
N LYS B 438 -31.38 -13.90 -11.16
CA LYS B 438 -32.08 -15.08 -11.68
C LYS B 438 -31.54 -15.51 -13.03
N GLU B 439 -31.24 -14.54 -13.91
CA GLU B 439 -30.75 -14.87 -15.24
C GLU B 439 -29.42 -15.61 -15.17
N SER B 440 -28.52 -15.15 -14.30
CA SER B 440 -27.22 -15.81 -14.15
C SER B 440 -27.40 -17.23 -13.61
N LEU B 441 -28.28 -17.40 -12.62
CA LEU B 441 -28.53 -18.73 -12.08
C LEU B 441 -29.23 -19.66 -13.07
N ALA B 442 -29.91 -19.10 -14.07
CA ALA B 442 -30.61 -19.93 -15.04
C ALA B 442 -29.65 -20.81 -15.82
N VAL B 443 -28.50 -20.27 -16.22
CA VAL B 443 -27.53 -21.02 -17.00
C VAL B 443 -26.95 -22.13 -16.14
N THR B 444 -26.93 -23.35 -16.67
CA THR B 444 -26.42 -24.51 -15.95
C THR B 444 -25.54 -25.35 -16.87
N ILE B 445 -24.59 -26.05 -16.27
CA ILE B 445 -23.69 -26.96 -16.97
C ILE B 445 -23.98 -28.37 -16.49
N GLY B 446 -24.45 -29.23 -17.40
CA GLY B 446 -24.73 -30.60 -17.05
C GLY B 446 -25.77 -30.76 -15.97
N GLY B 447 -26.79 -29.89 -15.96
CA GLY B 447 -27.84 -29.97 -14.98
C GLY B 447 -27.54 -29.32 -13.65
N LYS B 448 -26.37 -28.69 -13.49
CA LYS B 448 -25.99 -28.02 -12.26
C LYS B 448 -25.58 -26.59 -12.58
N ASN B 449 -26.17 -25.63 -11.86
CA ASN B 449 -25.86 -24.22 -12.08
C ASN B 449 -24.54 -23.86 -11.40
N ILE B 450 -24.24 -22.56 -11.34
CA ILE B 450 -22.98 -22.12 -10.74
C ILE B 450 -22.97 -22.40 -9.25
N TYR B 451 -24.09 -22.19 -8.57
CA TYR B 451 -24.13 -22.37 -7.12
C TYR B 451 -23.99 -23.83 -6.73
N GLU B 452 -24.55 -24.73 -7.53
CA GLU B 452 -24.43 -26.16 -7.23
C GLU B 452 -22.98 -26.61 -7.27
N VAL B 453 -22.22 -26.14 -8.26
CA VAL B 453 -20.80 -26.48 -8.34
C VAL B 453 -20.03 -25.79 -7.22
N CYS B 454 -20.35 -24.53 -6.94
CA CYS B 454 -19.60 -23.75 -5.96
C CYS B 454 -19.96 -24.10 -4.51
N CYS B 455 -20.99 -24.91 -4.28
CA CYS B 455 -21.39 -25.23 -2.92
C CYS B 455 -21.29 -26.73 -2.66
N LEU B 456 -20.19 -27.34 -3.08
CA LEU B 456 -19.93 -28.75 -2.84
C LEU B 456 -18.51 -28.92 -2.33
N SER B 457 -18.19 -30.15 -1.93
CA SER B 457 -16.84 -30.45 -1.47
C SER B 457 -15.85 -30.32 -2.61
N ILE B 458 -14.60 -29.98 -2.26
CA ILE B 458 -13.57 -29.81 -3.27
C ILE B 458 -13.29 -31.13 -3.97
N GLY B 459 -13.21 -32.23 -3.21
CA GLY B 459 -13.00 -33.52 -3.83
C GLY B 459 -14.15 -33.92 -4.75
N GLU B 460 -15.38 -33.71 -4.28
CA GLU B 460 -16.54 -34.02 -5.11
C GLU B 460 -16.59 -33.14 -6.36
N ALA B 461 -16.26 -31.86 -6.21
CA ALA B 461 -16.24 -30.97 -7.37
C ALA B 461 -15.18 -31.39 -8.37
N LYS B 462 -14.00 -31.79 -7.89
CA LYS B 462 -12.96 -32.27 -8.80
C LYS B 462 -13.39 -33.54 -9.51
N GLU B 463 -14.04 -34.46 -8.78
CA GLU B 463 -14.53 -35.69 -9.40
C GLU B 463 -15.58 -35.38 -10.47
N PHE B 464 -16.48 -34.44 -10.17
CA PHE B 464 -17.51 -34.07 -11.14
C PHE B 464 -16.91 -33.41 -12.37
N PHE B 465 -15.91 -32.54 -12.19
CA PHE B 465 -15.26 -31.89 -13.32
C PHE B 465 -14.50 -32.90 -14.17
N ALA B 466 -13.84 -33.87 -13.53
CA ALA B 466 -13.08 -34.86 -14.29
C ALA B 466 -13.98 -35.71 -15.17
N ASN B 467 -15.16 -36.08 -14.65
CA ASN B 467 -16.10 -36.93 -15.37
C ASN B 467 -17.00 -36.16 -16.33
N LEU B 468 -16.86 -34.84 -16.40
CA LEU B 468 -17.67 -34.05 -17.31
C LEU B 468 -17.35 -34.40 -18.76
N ASN B 469 -18.40 -34.49 -19.58
CA ASN B 469 -18.28 -34.83 -20.98
C ASN B 469 -18.88 -33.72 -21.84
N LEU B 470 -18.23 -33.44 -22.96
CA LEU B 470 -18.68 -32.38 -23.86
C LEU B 470 -18.30 -32.76 -25.29
N THR B 471 -18.87 -32.03 -26.25
CA THR B 471 -18.60 -32.28 -27.66
C THR B 471 -17.16 -31.90 -28.00
N GLU B 472 -16.78 -32.20 -29.25
CA GLU B 472 -15.42 -31.91 -29.69
C GLU B 472 -15.13 -30.42 -29.70
N ARG B 473 -16.08 -29.62 -30.22
CA ARG B 473 -15.89 -28.18 -30.25
C ARG B 473 -15.85 -27.60 -28.84
N GLN B 474 -16.74 -28.09 -27.96
CA GLN B 474 -16.74 -27.61 -26.58
C GLN B 474 -15.44 -27.97 -25.87
N GLN B 475 -14.92 -29.17 -26.11
CA GLN B 475 -13.65 -29.55 -25.53
C GLN B 475 -12.52 -28.68 -26.06
N LEU B 476 -12.54 -28.38 -27.36
CA LEU B 476 -11.50 -27.54 -27.95
C LEU B 476 -11.53 -26.13 -27.38
N ILE B 477 -12.73 -25.57 -27.18
CA ILE B 477 -12.85 -24.20 -26.68
C ILE B 477 -12.78 -24.10 -25.17
N ALA B 478 -12.85 -25.20 -24.45
CA ALA B 478 -12.82 -25.18 -22.99
C ALA B 478 -11.62 -25.90 -22.39
N ARG B 479 -10.68 -26.37 -23.21
CA ARG B 479 -9.52 -27.09 -22.68
C ARG B 479 -8.65 -26.17 -21.82
N GLN B 480 -8.41 -24.94 -22.29
CA GLN B 480 -7.52 -24.03 -21.60
C GLN B 480 -8.06 -23.62 -20.23
N ILE B 481 -9.35 -23.77 -19.98
CA ILE B 481 -9.95 -23.47 -18.69
C ILE B 481 -10.08 -24.72 -17.83
N LEU B 482 -10.48 -25.84 -18.45
CA LEU B 482 -10.63 -27.08 -17.71
C LEU B 482 -9.29 -27.55 -17.16
N LYS B 483 -8.21 -27.40 -17.94
CA LYS B 483 -6.89 -27.80 -17.45
C LYS B 483 -6.49 -27.01 -16.23
N GLU B 484 -6.69 -25.68 -16.26
CA GLU B 484 -6.34 -24.85 -15.12
C GLU B 484 -7.20 -25.19 -13.91
N ILE B 485 -8.49 -25.42 -14.11
CA ILE B 485 -9.38 -25.76 -13.00
C ILE B 485 -8.95 -27.07 -12.37
N ASN B 486 -8.66 -28.08 -13.20
CA ASN B 486 -8.23 -29.37 -12.69
C ASN B 486 -6.92 -29.25 -11.92
N ALA B 487 -5.96 -28.49 -12.46
CA ALA B 487 -4.68 -28.33 -11.78
C ALA B 487 -4.85 -27.65 -10.43
N ARG B 488 -5.64 -26.57 -10.40
CA ARG B 488 -5.83 -25.84 -9.14
C ARG B 488 -6.55 -26.70 -8.10
N LEU B 489 -7.59 -27.43 -8.52
CA LEU B 489 -8.29 -28.30 -7.59
C LEU B 489 -7.38 -29.42 -7.08
N GLY B 490 -6.56 -29.98 -7.97
CA GLY B 490 -5.63 -30.99 -7.53
C GLY B 490 -4.63 -30.47 -6.52
N PHE B 491 -4.11 -29.27 -6.74
CA PHE B 491 -3.19 -28.67 -5.76
C PHE B 491 -3.89 -28.42 -4.44
N LEU B 492 -5.12 -27.90 -4.49
CA LEU B 492 -5.86 -27.61 -3.25
C LEU B 492 -6.13 -28.88 -2.46
N VAL B 493 -6.51 -29.97 -3.14
CA VAL B 493 -6.76 -31.22 -2.44
C VAL B 493 -5.47 -31.90 -2.01
N ASP B 494 -4.35 -31.62 -2.68
CA ASP B 494 -3.07 -32.18 -2.26
C ASP B 494 -2.50 -31.47 -1.05
N VAL B 495 -2.84 -30.19 -0.87
CA VAL B 495 -2.39 -29.46 0.32
C VAL B 495 -2.93 -30.11 1.58
N GLY B 496 -4.20 -30.50 1.57
CA GLY B 496 -4.79 -31.17 2.71
C GLY B 496 -6.23 -30.80 2.96
N LEU B 497 -6.72 -29.76 2.27
CA LEU B 497 -8.10 -29.32 2.43
C LEU B 497 -8.97 -30.06 1.41
N ASP B 498 -9.48 -31.21 1.86
CA ASP B 498 -10.37 -32.03 1.05
C ASP B 498 -11.81 -31.97 1.54
N TYR B 499 -12.15 -30.97 2.35
CA TYR B 499 -13.49 -30.87 2.92
C TYR B 499 -14.09 -29.47 2.84
N LEU B 500 -13.38 -28.50 2.27
CA LEU B 500 -13.87 -27.14 2.22
C LEU B 500 -14.97 -27.00 1.16
N THR B 501 -15.68 -25.88 1.22
CA THR B 501 -16.71 -25.55 0.25
C THR B 501 -16.35 -24.24 -0.43
N LEU B 502 -16.45 -24.21 -1.76
CA LEU B 502 -16.02 -23.03 -2.51
C LEU B 502 -16.87 -21.80 -2.22
N ALA B 503 -18.05 -21.98 -1.63
CA ALA B 503 -18.92 -20.85 -1.29
C ALA B 503 -18.74 -20.38 0.14
N ARG B 504 -17.84 -20.99 0.90
CA ARG B 504 -17.66 -20.60 2.30
C ARG B 504 -17.03 -19.22 2.40
N ALA B 505 -17.56 -18.41 3.31
CA ALA B 505 -17.01 -17.08 3.52
C ALA B 505 -15.62 -17.17 4.13
N ALA B 506 -14.71 -16.33 3.63
CA ALA B 506 -13.32 -16.37 4.09
C ALA B 506 -13.15 -15.82 5.49
N GLY B 507 -14.15 -15.12 6.05
CA GLY B 507 -14.02 -14.58 7.38
C GLY B 507 -13.95 -15.65 8.45
N THR B 508 -14.71 -16.73 8.29
CA THR B 508 -14.79 -17.79 9.28
C THR B 508 -13.78 -18.90 9.01
N LEU B 509 -12.51 -18.54 8.90
CA LEU B 509 -11.44 -19.50 8.65
C LEU B 509 -10.39 -19.39 9.75
N SER B 510 -9.88 -20.53 10.20
CA SER B 510 -8.87 -20.55 11.24
C SER B 510 -7.51 -20.19 10.64
N GLY B 511 -6.50 -20.10 11.51
CA GLY B 511 -5.17 -19.72 11.05
C GLY B 511 -4.56 -20.76 10.11
N GLY B 512 -4.64 -22.03 10.50
CA GLY B 512 -4.04 -23.08 9.68
C GLY B 512 -4.70 -23.23 8.33
N GLU B 513 -6.05 -23.20 8.31
CA GLU B 513 -6.76 -23.32 7.04
C GLU B 513 -6.44 -22.15 6.12
N ALA B 514 -6.41 -20.93 6.67
CA ALA B 514 -6.09 -19.77 5.85
C ALA B 514 -4.66 -19.84 5.33
N GLN B 515 -3.72 -20.26 6.17
CA GLN B 515 -2.33 -20.38 5.74
C GLN B 515 -2.18 -21.40 4.62
N ARG B 516 -2.84 -22.55 4.75
CA ARG B 516 -2.73 -23.57 3.70
C ARG B 516 -3.46 -23.14 2.43
N ILE B 517 -4.56 -22.41 2.55
CA ILE B 517 -5.22 -21.85 1.37
C ILE B 517 -4.28 -20.90 0.65
N ARG B 518 -3.60 -20.02 1.39
CA ARG B 518 -2.67 -19.09 0.76
C ARG B 518 -1.51 -19.82 0.12
N LEU B 519 -1.01 -20.87 0.76
CA LEU B 519 0.07 -21.65 0.17
C LEU B 519 -0.37 -22.31 -1.13
N ALA B 520 -1.60 -22.87 -1.15
CA ALA B 520 -2.11 -23.46 -2.39
C ALA B 520 -2.26 -22.42 -3.49
N THR B 521 -2.76 -21.23 -3.13
CA THR B 521 -2.90 -20.17 -4.11
C THR B 521 -1.56 -19.76 -4.69
N GLN B 522 -0.54 -19.64 -3.83
CA GLN B 522 0.78 -19.28 -4.32
C GLN B 522 1.39 -20.39 -5.18
N ILE B 523 1.16 -21.65 -4.81
CA ILE B 523 1.69 -22.75 -5.62
C ILE B 523 1.03 -22.78 -6.99
N GLY B 524 -0.26 -22.42 -7.05
CA GLY B 524 -0.97 -22.43 -8.32
C GLY B 524 -0.84 -21.20 -9.17
N SER B 525 -0.45 -20.05 -8.58
CA SER B 525 -0.38 -18.82 -9.35
C SER B 525 0.75 -18.85 -10.37
N GLY B 526 1.88 -19.43 -10.01
CA GLY B 526 3.02 -19.50 -10.91
C GLY B 526 4.08 -18.45 -10.71
N LEU B 527 4.07 -17.72 -9.60
CA LEU B 527 5.09 -16.72 -9.35
C LEU B 527 6.46 -17.36 -9.26
N MET B 528 7.45 -16.74 -9.90
CA MET B 528 8.79 -17.28 -9.99
C MET B 528 9.80 -16.23 -9.53
N GLY B 529 10.80 -16.67 -8.77
CA GLY B 529 11.86 -15.79 -8.30
C GLY B 529 11.47 -14.95 -7.10
N VAL B 530 10.98 -15.58 -6.05
CA VAL B 530 10.54 -14.89 -4.85
C VAL B 530 10.96 -15.71 -3.63
N ILE B 531 11.45 -15.02 -2.59
CA ILE B 531 11.76 -15.67 -1.32
C ILE B 531 10.47 -15.89 -0.55
N TYR B 532 10.14 -17.16 -0.28
CA TYR B 532 8.95 -17.51 0.46
C TYR B 532 9.34 -17.81 1.90
N ILE B 533 8.81 -17.03 2.84
CA ILE B 533 9.09 -17.20 4.26
C ILE B 533 7.81 -17.71 4.92
N LEU B 534 7.85 -18.95 5.39
CA LEU B 534 6.70 -19.60 5.99
C LEU B 534 6.81 -19.59 7.50
N ASP B 535 5.69 -19.88 8.17
CA ASP B 535 5.62 -19.93 9.63
C ASP B 535 4.96 -21.24 10.03
N GLU B 536 5.78 -22.29 10.16
CA GLU B 536 5.33 -23.62 10.56
C GLU B 536 4.16 -24.08 9.70
N PRO B 537 4.42 -24.47 8.44
CA PRO B 537 3.31 -24.86 7.56
C PRO B 537 2.48 -26.02 8.09
N SER B 538 3.10 -26.97 8.79
CA SER B 538 2.38 -28.13 9.32
C SER B 538 1.83 -27.79 10.70
N ILE B 539 0.84 -26.91 10.71
CA ILE B 539 0.16 -26.47 11.92
C ILE B 539 -1.31 -26.90 11.82
N GLY B 540 -1.80 -27.55 12.87
CA GLY B 540 -3.17 -28.05 12.85
C GLY B 540 -3.43 -29.06 11.76
N LEU B 541 -2.48 -29.96 11.54
CA LEU B 541 -2.58 -30.95 10.46
C LEU B 541 -2.13 -32.29 10.99
N HIS B 542 -2.93 -33.33 10.73
CA HIS B 542 -2.62 -34.66 11.22
C HIS B 542 -1.37 -35.21 10.54
N GLN B 543 -0.69 -36.13 11.23
CA GLN B 543 0.56 -36.66 10.74
C GLN B 543 0.40 -37.51 9.48
N ARG B 544 -0.82 -37.87 9.11
CA ARG B 544 -1.03 -38.64 7.88
C ARG B 544 -0.92 -37.79 6.62
N ASP B 545 -1.03 -36.48 6.75
CA ASP B 545 -0.96 -35.58 5.60
C ASP B 545 0.41 -34.94 5.42
N ASN B 546 1.39 -35.29 6.26
CA ASN B 546 2.72 -34.71 6.12
C ASN B 546 3.39 -35.17 4.84
N ASP B 547 3.20 -36.44 4.45
CA ASP B 547 3.82 -36.96 3.24
C ASP B 547 3.32 -36.25 2.00
N ARG B 548 2.16 -35.61 2.05
CA ARG B 548 1.65 -34.82 0.93
C ARG B 548 1.94 -33.34 1.07
N LEU B 549 1.93 -32.80 2.30
CA LEU B 549 2.30 -31.40 2.49
C LEU B 549 3.76 -31.17 2.11
N LEU B 550 4.65 -32.10 2.46
CA LEU B 550 6.05 -31.97 2.08
C LEU B 550 6.21 -32.04 0.57
N ARG B 551 5.44 -32.89 -0.10
CA ARG B 551 5.49 -32.96 -1.56
C ARG B 551 5.02 -31.65 -2.19
N SER B 552 3.96 -31.05 -1.64
CA SER B 552 3.50 -29.76 -2.15
C SER B 552 4.55 -28.69 -1.95
N LEU B 553 5.20 -28.67 -0.78
CA LEU B 553 6.24 -27.67 -0.53
C LEU B 553 7.43 -27.87 -1.45
N LYS B 554 7.81 -29.13 -1.70
CA LYS B 554 8.90 -29.40 -2.62
C LYS B 554 8.55 -28.99 -4.05
N LYS B 555 7.30 -29.18 -4.45
CA LYS B 555 6.87 -28.71 -5.77
C LYS B 555 6.96 -27.19 -5.84
N LEU B 556 6.53 -26.50 -4.78
CA LEU B 556 6.64 -25.04 -4.76
C LEU B 556 8.10 -24.59 -4.86
N ARG B 557 8.99 -25.27 -4.16
CA ARG B 557 10.42 -24.95 -4.25
C ARG B 557 10.94 -25.21 -5.66
N ASP B 558 10.54 -26.33 -6.27
CA ASP B 558 10.99 -26.67 -7.62
C ASP B 558 10.42 -25.73 -8.66
N LEU B 559 9.35 -25.00 -8.35
CA LEU B 559 8.79 -24.03 -9.28
C LEU B 559 9.78 -22.91 -9.62
N GLY B 560 10.84 -22.74 -8.82
CA GLY B 560 11.81 -21.70 -9.08
C GLY B 560 11.91 -20.69 -7.96
N ASN B 561 11.68 -21.13 -6.73
CA ASN B 561 11.70 -20.23 -5.58
C ASN B 561 12.66 -20.74 -4.51
N THR B 562 12.66 -20.08 -3.35
CA THR B 562 13.40 -20.54 -2.19
C THR B 562 12.51 -20.42 -0.97
N LEU B 563 12.77 -21.25 0.04
CA LEU B 563 11.90 -21.37 1.19
C LEU B 563 12.67 -21.16 2.49
N LEU B 564 12.01 -20.51 3.44
CA LEU B 564 12.55 -20.26 4.77
C LEU B 564 11.64 -20.89 5.82
N VAL B 565 11.25 -22.14 5.60
CA VAL B 565 10.28 -22.81 6.47
C VAL B 565 10.83 -22.90 7.88
N VAL B 566 10.05 -22.38 8.85
CA VAL B 566 10.42 -22.45 10.27
C VAL B 566 9.62 -23.60 10.86
N GLU B 567 10.22 -24.79 10.87
CA GLU B 567 9.53 -26.00 11.27
C GLU B 567 10.28 -26.70 12.39
N HIS B 568 9.52 -27.38 13.26
CA HIS B 568 10.08 -28.13 14.37
C HIS B 568 9.80 -29.63 14.29
N ASP B 569 8.86 -30.06 13.46
CA ASP B 569 8.49 -31.47 13.40
C ASP B 569 9.65 -32.32 12.89
N GLU B 570 9.80 -33.51 13.48
CA GLU B 570 10.89 -34.40 13.09
C GLU B 570 10.74 -34.93 11.67
N ASP B 571 9.53 -34.90 11.11
CA ASP B 571 9.30 -35.38 9.76
C ASP B 571 9.67 -34.35 8.71
N THR B 572 9.88 -33.09 9.09
CA THR B 572 10.23 -32.03 8.15
C THR B 572 11.74 -31.95 7.92
N MET B 573 12.53 -32.19 8.96
CA MET B 573 13.97 -32.05 8.84
C MET B 573 14.56 -33.09 7.91
N TYR B 574 14.00 -34.30 7.90
CA TYR B 574 14.54 -35.38 7.07
C TYR B 574 14.34 -35.13 5.58
N ALA B 575 13.51 -34.16 5.19
CA ALA B 575 13.26 -33.87 3.78
C ALA B 575 13.67 -32.44 3.43
N SER B 576 14.72 -31.94 4.07
CA SER B 576 15.22 -30.59 3.83
C SER B 576 16.62 -30.67 3.24
N ASP B 577 17.17 -29.51 2.89
CA ASP B 577 18.48 -29.40 2.27
C ASP B 577 19.48 -28.68 3.15
N TYR B 578 19.10 -27.54 3.74
CA TYR B 578 19.97 -26.76 4.61
C TYR B 578 19.27 -26.55 5.94
N ILE B 579 19.97 -26.81 7.03
CA ILE B 579 19.43 -26.69 8.38
C ILE B 579 20.26 -25.65 9.12
N ILE B 580 19.60 -24.62 9.63
CA ILE B 580 20.24 -23.56 10.40
C ILE B 580 19.65 -23.61 11.80
N ASP B 581 20.47 -23.98 12.78
CA ASP B 581 20.03 -24.13 14.16
C ASP B 581 20.59 -23.00 15.02
N LEU B 582 19.70 -22.30 15.70
CA LEU B 582 20.07 -21.20 16.57
C LEU B 582 20.20 -21.70 18.01
N GLY B 583 20.41 -20.78 18.94
CA GLY B 583 20.55 -21.13 20.34
C GLY B 583 21.79 -20.54 20.96
N PRO B 584 22.44 -21.30 21.85
CA PRO B 584 22.08 -22.65 22.32
C PRO B 584 21.01 -22.61 23.38
N GLY B 585 20.69 -21.43 23.91
CA GLY B 585 19.65 -21.29 24.91
C GLY B 585 18.49 -20.46 24.42
N ALA B 586 18.09 -19.47 25.20
CA ALA B 586 17.00 -18.58 24.83
C ALA B 586 17.22 -17.23 25.46
N GLY B 587 16.58 -16.21 24.87
CA GLY B 587 16.70 -14.86 25.41
C GLY B 587 18.12 -14.35 25.32
N SER B 588 18.66 -13.92 26.46
CA SER B 588 20.00 -13.36 26.49
C SER B 588 21.05 -14.40 26.10
N HIS B 589 20.91 -15.63 26.59
CA HIS B 589 21.90 -16.66 26.29
C HIS B 589 21.91 -16.99 24.80
N GLY B 590 20.72 -17.12 24.19
CA GLY B 590 20.63 -17.52 22.80
C GLY B 590 20.75 -16.34 21.85
N GLY B 591 20.97 -16.67 20.58
CA GLY B 591 21.07 -15.67 19.54
C GLY B 591 22.15 -15.95 18.52
N GLN B 592 23.19 -16.68 18.93
CA GLN B 592 24.29 -17.02 18.04
C GLN B 592 23.99 -18.30 17.28
N ILE B 593 24.50 -18.37 16.04
CA ILE B 593 24.29 -19.56 15.22
C ILE B 593 25.11 -20.70 15.78
N VAL B 594 24.43 -21.77 16.21
CA VAL B 594 25.11 -22.88 16.86
C VAL B 594 25.74 -23.81 15.83
N ALA B 595 24.92 -24.40 14.96
CA ALA B 595 25.42 -25.35 13.98
C ALA B 595 24.58 -25.26 12.71
N GLU B 596 25.25 -25.46 11.57
CA GLU B 596 24.61 -25.47 10.27
C GLU B 596 25.07 -26.72 9.51
N GLY B 597 24.44 -26.95 8.36
CA GLY B 597 24.76 -28.07 7.51
C GLY B 597 23.53 -28.88 7.19
N THR B 598 23.75 -30.09 6.70
CA THR B 598 22.66 -30.99 6.35
C THR B 598 22.14 -31.67 7.62
N VAL B 599 21.23 -32.62 7.46
CA VAL B 599 20.64 -33.29 8.62
C VAL B 599 21.67 -34.16 9.32
N GLU B 600 22.51 -34.86 8.56
CA GLU B 600 23.50 -35.76 9.17
C GLU B 600 24.52 -34.98 9.99
N GLU B 601 25.01 -33.85 9.46
CA GLU B 601 26.03 -33.08 10.16
C GLU B 601 25.50 -32.52 11.48
N ILE B 602 24.27 -31.99 11.49
CA ILE B 602 23.71 -31.50 12.74
C ILE B 602 23.37 -32.66 13.67
N LYS B 603 23.02 -33.81 13.13
CA LYS B 603 22.75 -34.98 13.97
C LYS B 603 24.01 -35.42 14.69
N GLN B 604 25.16 -35.41 14.01
CA GLN B 604 26.42 -35.81 14.62
C GLN B 604 27.09 -34.66 15.38
N ASN B 605 26.52 -33.46 15.35
CA ASN B 605 27.11 -32.35 16.09
C ASN B 605 26.88 -32.53 17.59
N PRO B 606 27.94 -32.51 18.41
CA PRO B 606 27.75 -32.77 19.84
C PRO B 606 27.15 -31.61 20.61
N ASN B 607 27.26 -30.38 20.11
CA ASN B 607 26.82 -29.19 20.83
C ASN B 607 25.51 -28.62 20.27
N SER B 608 24.63 -29.49 19.80
CA SER B 608 23.35 -29.08 19.24
C SER B 608 22.21 -29.78 19.97
N VAL B 609 21.27 -29.01 20.49
CA VAL B 609 20.12 -29.59 21.18
C VAL B 609 19.22 -30.31 20.19
N THR B 610 18.91 -29.66 19.07
CA THR B 610 18.08 -30.29 18.05
C THR B 610 18.73 -31.54 17.49
N GLY B 611 20.04 -31.48 17.24
CA GLY B 611 20.75 -32.67 16.80
C GLY B 611 20.76 -33.76 17.85
N GLU B 612 20.87 -33.38 19.12
CA GLU B 612 20.83 -34.37 20.19
C GLU B 612 19.48 -35.08 20.23
N TYR B 613 18.38 -34.33 20.08
CA TYR B 613 17.07 -34.96 20.08
C TYR B 613 16.85 -35.81 18.82
N LEU B 614 17.38 -35.35 17.68
CA LEU B 614 17.25 -36.13 16.45
C LEU B 614 18.01 -37.45 16.56
N SER B 615 19.20 -37.42 17.16
CA SER B 615 19.97 -38.65 17.34
C SER B 615 19.34 -39.60 18.34
N GLY B 616 18.44 -39.10 19.18
CA GLY B 616 17.79 -39.94 20.18
C GLY B 616 18.52 -40.05 21.50
N ARG B 617 19.47 -39.16 21.78
CA ARG B 617 20.16 -39.22 23.06
C ARG B 617 19.21 -38.97 24.22
N LYS B 618 18.31 -38.00 24.07
CA LYS B 618 17.28 -37.72 25.05
C LYS B 618 15.93 -37.73 24.35
N LYS B 619 15.00 -38.55 24.84
CA LYS B 619 13.70 -38.70 24.23
C LYS B 619 12.63 -38.68 25.31
N ILE B 620 11.41 -38.33 24.90
CA ILE B 620 10.28 -38.29 25.80
C ILE B 620 9.86 -39.72 26.11
N GLU B 621 10.22 -40.21 27.29
CA GLU B 621 9.88 -41.57 27.68
C GLU B 621 8.38 -41.73 27.88
N VAL B 622 7.83 -42.84 27.41
CA VAL B 622 6.41 -43.12 27.54
C VAL B 622 6.11 -43.47 29.00
N PRO B 623 4.93 -43.11 29.51
CA PRO B 623 4.59 -43.49 30.89
C PRO B 623 4.38 -44.99 31.03
N LYS B 624 4.57 -45.48 32.24
CA LYS B 624 4.36 -46.90 32.54
C LYS B 624 2.93 -47.15 33.04
N GLU B 625 2.52 -46.42 34.07
CA GLU B 625 1.18 -46.53 34.63
C GLU B 625 0.41 -45.24 34.38
N ARG B 626 -0.84 -45.37 33.96
CA ARG B 626 -1.69 -44.23 33.64
C ARG B 626 -2.85 -44.16 34.62
N ARG B 627 -3.30 -42.94 34.89
CA ARG B 627 -4.40 -42.74 35.82
C ARG B 627 -5.70 -43.30 35.25
N LYS B 628 -6.59 -43.71 36.16
CA LYS B 628 -7.89 -44.22 35.80
C LYS B 628 -9.00 -43.27 36.24
N PRO B 629 -10.14 -43.25 35.55
CA PRO B 629 -11.23 -42.36 35.96
C PRO B 629 -11.73 -42.71 37.35
N ASN B 630 -12.16 -41.67 38.07
CA ASN B 630 -12.60 -41.80 39.46
C ASN B 630 -14.13 -41.94 39.58
N GLY B 631 -14.80 -42.32 38.49
CA GLY B 631 -16.24 -42.50 38.51
C GLY B 631 -17.05 -41.28 38.15
N LYS B 632 -16.41 -40.12 37.99
CA LYS B 632 -17.09 -38.89 37.59
C LYS B 632 -16.80 -38.64 36.11
N TRP B 633 -17.86 -38.50 35.33
CA TRP B 633 -17.74 -38.32 33.88
C TRP B 633 -18.59 -37.15 33.43
N LEU B 634 -18.14 -36.50 32.36
CA LEU B 634 -18.91 -35.46 31.70
C LEU B 634 -19.64 -36.06 30.50
N GLU B 635 -20.94 -35.82 30.42
CA GLU B 635 -21.80 -36.45 29.42
C GLU B 635 -22.25 -35.40 28.41
N ILE B 636 -22.09 -35.72 27.13
CA ILE B 636 -22.54 -34.86 26.03
C ILE B 636 -23.68 -35.60 25.33
N ILE B 637 -24.83 -34.94 25.22
CA ILE B 637 -26.02 -35.52 24.63
C ILE B 637 -26.48 -34.62 23.49
N GLY B 638 -26.78 -35.23 22.35
CA GLY B 638 -27.26 -34.48 21.20
C GLY B 638 -26.25 -33.53 20.58
N ALA B 639 -25.01 -33.97 20.40
CA ALA B 639 -23.99 -33.16 19.74
C ALA B 639 -24.24 -33.21 18.23
N ARG B 640 -24.74 -32.11 17.67
CA ARG B 640 -25.07 -32.08 16.26
C ARG B 640 -24.60 -30.81 15.56
N GLU B 641 -23.70 -30.03 16.18
CA GLU B 641 -23.23 -28.80 15.57
C GLU B 641 -22.39 -29.11 14.33
N ASN B 642 -22.63 -28.32 13.26
CA ASN B 642 -21.87 -28.39 12.01
C ASN B 642 -22.03 -29.80 11.43
N ASN B 643 -20.97 -30.59 11.32
CA ASN B 643 -21.04 -31.90 10.68
C ASN B 643 -21.15 -33.05 11.67
N LEU B 644 -21.43 -32.77 12.94
CA LEU B 644 -21.56 -33.82 13.93
C LEU B 644 -22.78 -34.68 13.62
N LYS B 645 -22.58 -35.99 13.59
CA LYS B 645 -23.64 -36.94 13.24
C LYS B 645 -24.39 -37.44 14.46
N ASN B 646 -24.85 -36.52 15.31
CA ASN B 646 -25.66 -36.84 16.48
C ASN B 646 -24.98 -37.89 17.36
N ILE B 647 -23.83 -37.52 17.89
CA ILE B 647 -23.01 -38.44 18.67
C ILE B 647 -23.02 -38.01 20.14
N ASN B 648 -22.77 -38.98 21.02
CA ASN B 648 -22.66 -38.75 22.45
C ASN B 648 -21.30 -39.23 22.92
N VAL B 649 -20.61 -38.38 23.68
CA VAL B 649 -19.26 -38.69 24.15
C VAL B 649 -19.22 -38.55 25.66
N ARG B 650 -18.25 -39.23 26.27
CA ARG B 650 -18.03 -39.18 27.70
C ARG B 650 -16.56 -38.85 27.95
N ILE B 651 -16.31 -37.79 28.69
CA ILE B 651 -14.95 -37.32 29.01
C ILE B 651 -14.69 -37.61 30.48
N PRO B 652 -13.71 -38.45 30.81
CA PRO B 652 -13.42 -38.73 32.21
C PRO B 652 -12.90 -37.49 32.92
N LEU B 653 -13.17 -37.43 34.23
CA LEU B 653 -12.77 -36.31 35.06
C LEU B 653 -11.63 -36.73 35.97
N GLY B 654 -10.65 -35.84 36.14
CA GLY B 654 -9.49 -36.12 36.95
C GLY B 654 -8.37 -36.85 36.24
N VAL B 655 -8.49 -37.06 34.93
CA VAL B 655 -7.47 -37.73 34.13
C VAL B 655 -7.19 -36.89 32.90
N PHE B 656 -5.93 -36.85 32.47
CA PHE B 656 -5.55 -36.11 31.28
C PHE B 656 -6.27 -36.66 30.07
N THR B 657 -6.87 -35.77 29.28
CA THR B 657 -7.67 -36.16 28.12
C THR B 657 -7.15 -35.45 26.88
N CYS B 658 -6.92 -36.22 25.81
CA CYS B 658 -6.48 -35.70 24.53
C CYS B 658 -7.51 -36.04 23.47
N ILE B 659 -7.95 -35.03 22.73
CA ILE B 659 -8.92 -35.20 21.66
C ILE B 659 -8.17 -35.07 20.35
N THR B 660 -8.11 -36.16 19.58
CA THR B 660 -7.42 -36.20 18.30
C THR B 660 -8.45 -36.30 17.18
N GLY B 661 -7.96 -36.45 15.96
CA GLY B 661 -8.81 -36.59 14.79
C GLY B 661 -8.19 -35.94 13.57
N VAL B 662 -8.62 -36.40 12.39
CA VAL B 662 -8.13 -35.87 11.12
C VAL B 662 -8.65 -34.45 10.94
N SER B 663 -8.09 -33.73 9.98
CA SER B 663 -8.50 -32.35 9.73
C SER B 663 -9.96 -32.31 9.29
N GLY B 664 -10.74 -31.41 9.89
CA GLY B 664 -12.12 -31.22 9.54
C GLY B 664 -13.09 -32.20 10.18
N SER B 665 -12.62 -33.07 11.07
CA SER B 665 -13.51 -34.05 11.69
C SER B 665 -14.54 -33.41 12.62
N GLY B 666 -14.33 -32.15 13.00
CA GLY B 666 -15.25 -31.47 13.89
C GLY B 666 -14.86 -31.44 15.34
N LYS B 667 -13.65 -31.89 15.70
CA LYS B 667 -13.23 -31.89 17.09
C LYS B 667 -13.10 -30.47 17.63
N SER B 668 -12.54 -29.56 16.83
CA SER B 668 -12.40 -28.17 17.28
C SER B 668 -13.75 -27.54 17.52
N SER B 669 -14.71 -27.78 16.63
CA SER B 669 -16.07 -27.30 16.86
C SER B 669 -16.65 -27.93 18.12
N LEU B 670 -16.59 -29.26 18.22
CA LEU B 670 -17.15 -29.97 19.36
C LEU B 670 -16.63 -29.44 20.68
N ILE B 671 -15.36 -29.06 20.73
CA ILE B 671 -14.81 -28.52 21.97
C ILE B 671 -15.24 -27.07 22.13
N ASN B 672 -14.76 -26.20 21.24
CA ASN B 672 -14.88 -24.77 21.46
C ASN B 672 -16.33 -24.30 21.43
N GLU B 673 -17.08 -24.66 20.38
CA GLU B 673 -18.40 -24.08 20.21
C GLU B 673 -19.47 -24.77 21.06
N ILE B 674 -19.14 -25.87 21.73
CA ILE B 674 -20.13 -26.58 22.54
C ILE B 674 -19.70 -26.62 24.00
N LEU B 675 -18.60 -27.33 24.28
CA LEU B 675 -18.29 -27.66 25.67
C LEU B 675 -17.84 -26.42 26.44
N TYR B 676 -16.86 -25.70 25.90
CA TYR B 676 -16.36 -24.50 26.58
C TYR B 676 -17.46 -23.45 26.69
N LYS B 677 -18.25 -23.28 25.63
CA LYS B 677 -19.31 -22.27 25.65
C LYS B 677 -20.36 -22.60 26.71
N ARG B 678 -20.83 -23.85 26.74
CA ARG B 678 -21.84 -24.23 27.73
C ARG B 678 -21.29 -24.15 29.14
N LEU B 679 -20.05 -24.60 29.34
CA LEU B 679 -19.46 -24.53 30.68
C LEU B 679 -19.31 -23.09 31.15
N ALA B 680 -18.87 -22.20 30.25
CA ALA B 680 -18.76 -20.78 30.61
C ALA B 680 -20.12 -20.20 30.95
N ALA B 681 -21.14 -20.52 30.15
CA ALA B 681 -22.48 -20.01 30.43
C ALA B 681 -23.00 -20.52 31.78
N GLU B 682 -22.71 -21.79 32.11
CA GLU B 682 -23.21 -22.38 33.34
C GLU B 682 -22.46 -21.90 34.57
N LEU B 683 -21.17 -21.62 34.45
CA LEU B 683 -20.33 -21.32 35.62
C LEU B 683 -19.91 -19.86 35.71
N ASN B 684 -19.30 -19.32 34.66
CA ASN B 684 -18.81 -17.95 34.67
C ASN B 684 -19.87 -16.93 34.27
N ARG B 685 -21.08 -17.38 33.99
CA ARG B 685 -22.18 -16.50 33.57
C ARG B 685 -21.81 -15.71 32.32
N ALA B 686 -21.08 -16.34 31.41
CA ALA B 686 -20.70 -15.71 30.16
C ALA B 686 -21.90 -15.62 29.23
N SER B 687 -21.85 -14.64 28.33
CA SER B 687 -22.92 -14.39 27.37
C SER B 687 -22.38 -14.70 25.97
N VAL B 688 -22.47 -15.97 25.58
CA VAL B 688 -22.07 -16.43 24.25
C VAL B 688 -23.15 -17.37 23.72
N LYS B 689 -23.16 -17.51 22.40
CA LYS B 689 -24.14 -18.38 21.76
C LYS B 689 -23.72 -19.83 21.93
N PRO B 690 -24.53 -20.67 22.57
CA PRO B 690 -24.16 -22.08 22.73
C PRO B 690 -24.28 -22.84 21.42
N GLY B 691 -23.63 -24.00 21.38
CA GLY B 691 -23.70 -24.86 20.22
C GLY B 691 -24.97 -25.68 20.18
N GLU B 692 -25.08 -26.51 19.14
CA GLU B 692 -26.24 -27.36 18.94
C GLU B 692 -26.09 -28.64 19.78
N HIS B 693 -26.21 -28.46 21.09
CA HIS B 693 -26.11 -29.55 22.05
C HIS B 693 -27.43 -29.67 22.81
N ASP B 694 -27.91 -30.91 22.94
CA ASP B 694 -29.20 -31.13 23.61
C ASP B 694 -29.08 -30.90 25.11
N LEU B 695 -28.26 -31.71 25.78
CA LEU B 695 -28.08 -31.60 27.23
C LEU B 695 -26.67 -32.03 27.59
N ILE B 696 -26.19 -31.50 28.71
CA ILE B 696 -24.89 -31.86 29.26
C ILE B 696 -25.07 -32.25 30.73
N LYS B 697 -24.55 -33.41 31.10
CA LYS B 697 -24.70 -33.95 32.44
C LYS B 697 -23.36 -33.88 33.18
N GLY B 698 -23.42 -33.63 34.48
CA GLY B 698 -22.21 -33.52 35.28
C GLY B 698 -21.61 -32.14 35.37
N ILE B 699 -22.39 -31.10 35.04
CA ILE B 699 -21.86 -29.74 35.08
C ILE B 699 -21.53 -29.32 36.52
N GLU B 700 -22.32 -29.79 37.49
CA GLU B 700 -22.14 -29.36 38.87
C GLU B 700 -20.81 -29.82 39.47
N TYR B 701 -20.12 -30.77 38.83
CA TYR B 701 -18.85 -31.27 39.33
C TYR B 701 -17.67 -30.40 38.90
N LEU B 702 -17.89 -29.37 38.10
CA LEU B 702 -16.82 -28.50 37.62
C LEU B 702 -17.03 -27.11 38.21
N ASP B 703 -16.14 -26.71 39.13
CA ASP B 703 -16.30 -25.42 39.80
C ASP B 703 -15.92 -24.26 38.88
N LYS B 704 -14.84 -24.39 38.13
CA LYS B 704 -14.34 -23.31 37.30
C LYS B 704 -13.80 -23.87 35.99
N VAL B 705 -13.91 -23.08 34.93
CA VAL B 705 -13.37 -23.41 33.62
C VAL B 705 -12.49 -22.26 33.17
N ILE B 706 -11.27 -22.57 32.72
CA ILE B 706 -10.31 -21.57 32.28
C ILE B 706 -9.80 -21.97 30.90
N ASP B 707 -9.82 -21.01 29.97
CA ASP B 707 -9.36 -21.23 28.61
C ASP B 707 -8.03 -20.51 28.41
N ILE B 708 -7.05 -21.24 27.88
CA ILE B 708 -5.71 -20.71 27.63
C ILE B 708 -5.52 -20.60 26.12
N ASP B 709 -5.24 -19.39 25.65
CA ASP B 709 -5.10 -19.12 24.23
C ASP B 709 -3.77 -18.43 23.97
N GLN B 710 -3.53 -18.09 22.71
CA GLN B 710 -2.29 -17.45 22.30
C GLN B 710 -2.38 -15.94 22.28
N SER B 711 -3.50 -15.37 22.71
CA SER B 711 -3.65 -13.93 22.72
C SER B 711 -2.69 -13.30 23.73
N PRO B 712 -2.17 -12.11 23.43
CA PRO B 712 -1.27 -11.44 24.39
C PRO B 712 -1.99 -11.11 25.68
N ILE B 713 -1.23 -11.07 26.77
CA ILE B 713 -1.80 -10.82 28.09
C ILE B 713 -2.44 -9.44 28.15
N GLY B 714 -1.76 -8.43 27.62
CA GLY B 714 -2.29 -7.09 27.61
C GLY B 714 -1.73 -6.28 26.46
N ARG B 715 -2.49 -5.25 26.06
CA ARG B 715 -2.09 -4.36 24.98
C ARG B 715 -1.46 -3.06 25.46
N THR B 716 -1.89 -2.55 26.61
CA THR B 716 -1.31 -1.33 27.14
C THR B 716 0.13 -1.58 27.59
N PRO B 717 0.99 -0.55 27.53
CA PRO B 717 2.36 -0.73 28.04
C PRO B 717 2.44 -1.01 29.52
N ARG B 718 1.39 -0.71 30.28
CA ARG B 718 1.39 -0.93 31.72
C ARG B 718 0.92 -2.35 32.06
N SER B 719 1.70 -3.32 31.60
CA SER B 719 1.44 -4.73 31.91
C SER B 719 2.72 -5.51 31.64
N ASN B 720 3.21 -6.21 32.65
CA ASN B 720 4.44 -6.96 32.59
C ASN B 720 4.24 -8.35 33.16
N PRO B 721 5.08 -9.32 32.78
CA PRO B 721 4.98 -10.66 33.38
C PRO B 721 5.23 -10.69 34.89
N ALA B 722 5.56 -9.56 35.51
CA ALA B 722 5.63 -9.48 36.96
C ALA B 722 4.36 -8.94 37.58
N THR B 723 3.64 -8.06 36.89
CA THR B 723 2.37 -7.56 37.39
C THR B 723 1.25 -8.60 37.23
N TYR B 724 1.24 -9.31 36.10
CA TYR B 724 0.19 -10.30 35.86
C TYR B 724 0.26 -11.45 36.85
N THR B 725 1.47 -11.97 37.10
CA THR B 725 1.62 -13.09 38.02
C THR B 725 1.23 -12.73 39.45
N GLY B 726 1.26 -11.45 39.80
CA GLY B 726 0.95 -11.02 41.15
C GLY B 726 2.15 -10.90 42.07
N VAL B 727 3.34 -11.29 41.61
CA VAL B 727 4.54 -11.15 42.41
C VAL B 727 4.87 -9.68 42.67
N PHE B 728 4.42 -8.79 41.80
CA PHE B 728 4.75 -7.38 41.93
C PHE B 728 4.17 -6.78 43.21
N ASP B 729 2.95 -7.18 43.58
CA ASP B 729 2.37 -6.67 44.82
C ASP B 729 3.19 -7.12 46.03
N PHE B 730 3.60 -8.38 46.06
CA PHE B 730 4.42 -8.86 47.17
C PHE B 730 5.76 -8.14 47.22
N ILE B 731 6.37 -7.90 46.05
CA ILE B 731 7.66 -7.22 46.02
C ILE B 731 7.51 -5.77 46.45
N ARG B 732 6.40 -5.13 46.10
CA ARG B 732 6.14 -3.77 46.55
C ARG B 732 5.97 -3.72 48.07
N GLU B 733 5.26 -4.70 48.63
CA GLU B 733 5.12 -4.77 50.07
C GLU B 733 6.47 -4.98 50.75
N ILE B 734 7.31 -5.83 50.15
CA ILE B 734 8.64 -6.06 50.71
C ILE B 734 9.46 -4.77 50.68
N PHE B 735 9.39 -4.02 49.58
CA PHE B 735 10.10 -2.76 49.51
C PHE B 735 9.58 -1.76 50.55
N ALA B 736 8.26 -1.71 50.72
CA ALA B 736 7.68 -0.78 51.68
C ALA B 736 7.94 -1.19 53.13
N ASN B 737 8.28 -2.46 53.37
CA ASN B 737 8.57 -2.92 54.72
C ASN B 737 10.01 -2.65 55.15
N THR B 738 10.84 -2.08 54.28
CA THR B 738 12.22 -1.80 54.64
C THR B 738 12.30 -0.63 55.61
N THR B 739 13.48 -0.49 56.23
CA THR B 739 13.68 0.56 57.21
C THR B 739 13.59 1.95 56.58
N GLU B 740 14.19 2.13 55.40
CA GLU B 740 14.18 3.43 54.75
C GLU B 740 12.77 3.85 54.37
N ALA B 741 11.96 2.91 53.86
CA ALA B 741 10.59 3.24 53.49
C ALA B 741 9.77 3.67 54.71
N LYS B 742 9.94 2.98 55.83
CA LYS B 742 9.25 3.37 57.05
C LYS B 742 9.73 4.73 57.54
N THR B 743 11.04 4.99 57.43
CA THR B 743 11.59 6.28 57.85
C THR B 743 11.02 7.42 57.03
N ARG B 744 10.92 7.24 55.72
CA ARG B 744 10.42 8.28 54.83
C ARG B 744 8.89 8.30 54.74
N GLY B 745 8.21 7.37 55.39
CA GLY B 745 6.75 7.38 55.41
C GLY B 745 6.11 7.16 54.05
N TYR B 746 6.61 6.21 53.28
CA TYR B 746 6.02 5.88 51.99
C TYR B 746 4.85 4.93 52.16
N LYS B 747 4.24 4.54 51.05
CA LYS B 747 3.10 3.63 51.03
C LYS B 747 3.49 2.33 50.33
N ALA B 748 2.66 1.31 50.55
CA ALA B 748 2.90 0.01 49.93
C ALA B 748 2.84 0.10 48.41
N GLY B 749 1.87 0.83 47.88
CA GLY B 749 1.71 1.02 46.46
C GLY B 749 2.43 2.22 45.89
N ARG B 750 3.28 2.89 46.67
CA ARG B 750 3.99 4.07 46.16
C ARG B 750 4.96 3.69 45.05
N PHE B 751 5.59 2.53 45.15
CA PHE B 751 6.58 2.10 44.17
C PHE B 751 5.94 1.39 42.98
N SER B 752 4.95 2.05 42.37
CA SER B 752 4.26 1.51 41.21
C SER B 752 4.21 2.55 40.11
N PHE B 753 4.30 2.08 38.86
CA PHE B 753 4.34 2.96 37.70
C PHE B 753 2.96 3.21 37.10
N ASN B 754 1.90 3.15 37.92
CA ASN B 754 0.56 3.47 37.43
C ASN B 754 -0.22 4.31 38.43
N VAL B 755 0.45 4.96 39.39
CA VAL B 755 -0.20 5.82 40.36
C VAL B 755 0.58 7.13 40.45
N LYS B 756 -0.09 8.16 40.96
CA LYS B 756 0.50 9.48 41.07
C LYS B 756 1.21 9.61 42.41
N GLY B 757 2.48 9.98 42.37
CA GLY B 757 3.26 10.19 43.58
C GLY B 757 4.63 9.56 43.56
N GLY B 758 4.78 8.44 42.86
CA GLY B 758 6.05 7.74 42.81
C GLY B 758 6.65 7.67 41.42
N ARG B 759 5.80 7.63 40.40
CA ARG B 759 6.28 7.54 39.03
C ARG B 759 6.85 8.88 38.57
N CYS B 760 7.62 8.83 37.49
CA CYS B 760 8.20 10.03 36.92
C CYS B 760 7.11 10.86 36.24
N GLU B 761 6.86 12.06 36.78
CA GLU B 761 5.76 12.87 36.28
C GLU B 761 6.02 13.43 34.88
N ALA B 762 7.27 13.38 34.41
CA ALA B 762 7.57 13.92 33.08
C ALA B 762 6.88 13.13 31.98
N CYS B 763 6.97 11.80 32.03
CA CYS B 763 6.33 10.94 31.05
C CYS B 763 5.07 10.28 31.57
N ALA B 764 4.59 10.68 32.75
CA ALA B 764 3.37 10.15 33.36
C ALA B 764 3.46 8.63 33.56
N GLY B 765 4.66 8.13 33.81
CA GLY B 765 4.85 6.71 34.07
C GLY B 765 4.89 5.83 32.84
N ASP B 766 4.59 6.36 31.65
CA ASP B 766 4.66 5.55 30.45
C ASP B 766 6.10 5.14 30.14
N GLY B 767 7.05 6.04 30.38
CA GLY B 767 8.44 5.78 30.12
C GLY B 767 8.94 6.19 28.75
N ILE B 768 8.04 6.56 27.85
CA ILE B 768 8.41 6.99 26.50
C ILE B 768 7.73 8.32 26.22
N ASN B 769 8.50 9.31 25.79
CA ASN B 769 7.96 10.62 25.43
C ASN B 769 7.61 10.65 23.95
N LYS B 770 6.67 11.54 23.60
CA LYS B 770 6.19 11.67 22.23
C LYS B 770 6.65 13.00 21.66
N ILE B 771 7.28 12.95 20.49
CA ILE B 771 7.76 14.14 19.79
C ILE B 771 7.12 14.14 18.40
N GLU B 772 6.49 15.25 18.05
CA GLU B 772 5.78 15.39 16.78
C GLU B 772 6.52 16.37 15.88
N MET B 773 6.73 15.97 14.62
CA MET B 773 7.39 16.81 13.64
C MET B 773 6.35 17.49 12.75
N HIS B 774 6.83 18.32 11.83
CA HIS B 774 5.92 19.06 10.95
C HIS B 774 5.24 18.14 9.94
N PHE B 775 5.98 17.18 9.37
CA PHE B 775 5.43 16.30 8.34
C PHE B 775 5.73 14.83 8.63
N LEU B 776 5.98 14.47 9.88
CA LEU B 776 6.27 13.10 10.26
C LEU B 776 5.35 12.66 11.37
N PRO B 777 5.05 11.37 11.46
CA PRO B 777 4.29 10.86 12.60
C PRO B 777 5.09 10.97 13.89
N ASP B 778 4.38 10.90 15.01
CA ASP B 778 5.02 11.02 16.32
C ASP B 778 6.06 9.92 16.50
N ILE B 779 7.24 10.31 16.97
CA ILE B 779 8.36 9.41 17.18
C ILE B 779 8.62 9.28 18.68
N TYR B 780 8.61 8.04 19.17
CA TYR B 780 8.79 7.79 20.59
C TYR B 780 10.28 7.72 20.93
N VAL B 781 10.68 8.47 21.94
CA VAL B 781 12.08 8.52 22.37
C VAL B 781 12.12 8.33 23.89
N PRO B 782 13.22 7.81 24.43
CA PRO B 782 13.31 7.64 25.89
C PRO B 782 13.19 8.96 26.62
N CYS B 783 12.55 8.93 27.79
CA CYS B 783 12.35 10.14 28.58
C CYS B 783 13.69 10.64 29.10
N GLU B 784 13.90 11.96 28.99
CA GLU B 784 15.15 12.55 29.42
C GLU B 784 15.22 12.68 30.93
N VAL B 785 14.10 13.00 31.58
CA VAL B 785 14.13 13.24 33.02
C VAL B 785 14.38 11.95 33.78
N CYS B 786 13.68 10.87 33.42
CA CYS B 786 13.80 9.61 34.14
C CYS B 786 14.80 8.65 33.52
N LYS B 787 15.32 8.95 32.34
CA LYS B 787 16.32 8.11 31.66
C LYS B 787 15.81 6.69 31.44
N GLY B 788 14.51 6.54 31.19
CA GLY B 788 13.95 5.23 30.88
C GLY B 788 13.70 4.32 32.07
N LYS B 789 13.92 4.80 33.30
CA LYS B 789 13.69 3.98 34.48
C LYS B 789 12.24 4.01 34.95
N ARG B 790 11.39 4.83 34.33
CA ARG B 790 9.97 4.94 34.65
C ARG B 790 9.70 5.39 36.07
N TYR B 791 10.70 5.90 36.78
CA TYR B 791 10.54 6.29 38.17
C TYR B 791 11.27 7.59 38.44
N ASN B 792 10.83 8.29 39.47
CA ASN B 792 11.47 9.53 39.89
C ASN B 792 12.72 9.22 40.72
N ARG B 793 13.54 10.25 40.93
CA ARG B 793 14.77 10.08 41.70
C ARG B 793 14.48 9.75 43.16
N GLU B 794 13.41 10.33 43.72
CA GLU B 794 13.09 10.07 45.13
C GLU B 794 12.77 8.60 45.36
N THR B 795 12.02 7.99 44.45
CA THR B 795 11.71 6.57 44.60
C THR B 795 12.97 5.71 44.44
N LEU B 796 13.81 6.03 43.45
CA LEU B 796 15.05 5.29 43.25
C LEU B 796 16.05 5.50 44.37
N GLU B 797 15.85 6.53 45.21
CA GLU B 797 16.76 6.74 46.34
C GLU B 797 16.70 5.57 47.32
N VAL B 798 15.52 5.01 47.53
CA VAL B 798 15.38 3.87 48.45
C VAL B 798 16.06 2.66 47.85
N ARG B 799 16.94 2.03 48.63
CA ARG B 799 17.71 0.87 48.19
C ARG B 799 17.46 -0.30 49.11
N TYR B 800 17.17 -1.46 48.53
CA TYR B 800 16.96 -2.70 49.28
C TYR B 800 18.04 -3.68 48.89
N LYS B 801 18.95 -3.97 49.82
CA LYS B 801 20.08 -4.87 49.59
C LYS B 801 20.90 -4.42 48.38
N GLY B 802 21.06 -3.10 48.25
CA GLY B 802 21.85 -2.54 47.16
C GLY B 802 21.15 -2.48 45.82
N LYS B 803 19.86 -2.74 45.76
CA LYS B 803 19.12 -2.72 44.51
C LYS B 803 17.88 -1.84 44.66
N ASN B 804 17.60 -1.05 43.62
CA ASN B 804 16.46 -0.17 43.59
C ASN B 804 15.31 -0.83 42.85
N ILE B 805 14.19 -0.11 42.72
CA ILE B 805 13.02 -0.67 42.05
C ILE B 805 13.30 -0.88 40.57
N ALA B 806 14.05 0.04 39.95
CA ALA B 806 14.40 -0.11 38.54
C ALA B 806 15.31 -1.31 38.32
N GLU B 807 16.28 -1.51 39.22
CA GLU B 807 17.17 -2.65 39.11
C GLU B 807 16.40 -3.97 39.23
N VAL B 808 15.45 -4.03 40.16
CA VAL B 808 14.65 -5.23 40.31
C VAL B 808 13.78 -5.46 39.08
N LEU B 809 13.13 -4.40 38.59
CA LEU B 809 12.28 -4.54 37.41
C LEU B 809 13.08 -4.84 36.15
N ASP B 810 14.38 -4.59 36.16
CA ASP B 810 15.24 -4.91 35.01
C ASP B 810 16.10 -6.14 35.25
N MET B 811 15.64 -7.06 36.11
CA MET B 811 16.38 -8.26 36.44
C MET B 811 15.61 -9.49 35.96
N THR B 812 16.34 -10.42 35.34
CA THR B 812 15.72 -11.61 34.79
C THR B 812 15.27 -12.55 35.90
N VAL B 813 14.41 -13.51 35.52
CA VAL B 813 13.84 -14.44 36.49
C VAL B 813 14.92 -15.36 37.06
N GLU B 814 15.90 -15.73 36.25
CA GLU B 814 16.95 -16.64 36.72
C GLU B 814 17.72 -16.03 37.88
N GLU B 815 18.05 -14.73 37.79
CA GLU B 815 18.73 -14.07 38.89
C GLU B 815 17.78 -13.86 40.07
N ALA B 816 16.51 -13.57 39.79
CA ALA B 816 15.54 -13.34 40.86
C ALA B 816 15.30 -14.59 41.68
N LEU B 817 15.48 -15.77 41.09
CA LEU B 817 15.32 -17.01 41.84
C LEU B 817 16.33 -17.09 42.98
N GLU B 818 17.59 -16.75 42.69
CA GLU B 818 18.62 -16.76 43.74
C GLU B 818 18.50 -15.53 44.65
N PHE B 819 18.07 -14.40 44.10
CA PHE B 819 18.05 -13.16 44.89
C PHE B 819 17.03 -13.24 46.02
N PHE B 820 15.84 -13.77 45.76
CA PHE B 820 14.75 -13.81 46.74
C PHE B 820 14.56 -15.18 47.35
N LYS B 821 15.65 -15.92 47.58
CA LYS B 821 15.53 -17.24 48.18
C LYS B 821 15.11 -17.18 49.65
N ASN B 822 15.31 -16.04 50.31
CA ASN B 822 14.98 -15.94 51.73
C ASN B 822 13.47 -15.90 51.96
N ILE B 823 12.76 -15.11 51.19
CA ILE B 823 11.32 -14.93 51.36
C ILE B 823 10.60 -16.02 50.55
N PRO B 824 9.80 -16.87 51.18
CA PRO B 824 9.14 -17.95 50.42
C PRO B 824 7.93 -17.50 49.63
N ARG B 825 7.26 -16.41 50.04
CA ARG B 825 6.06 -15.97 49.33
C ARG B 825 6.36 -15.58 47.89
N ILE B 826 7.47 -14.87 47.67
CA ILE B 826 7.89 -14.56 46.30
C ILE B 826 8.61 -15.75 45.68
N HIS B 827 9.31 -16.54 46.51
CA HIS B 827 10.09 -17.66 45.98
C HIS B 827 9.22 -18.69 45.31
N LYS B 828 8.03 -18.96 45.87
CA LYS B 828 7.15 -19.96 45.28
C LYS B 828 6.73 -19.56 43.87
N LYS B 829 6.27 -18.32 43.70
CA LYS B 829 5.85 -17.87 42.38
C LYS B 829 7.02 -17.79 41.41
N ILE B 830 8.19 -17.34 41.88
CA ILE B 830 9.34 -17.25 41.00
C ILE B 830 9.77 -18.65 40.54
N GLU B 831 9.76 -19.62 41.45
CA GLU B 831 10.12 -20.99 41.09
C GLU B 831 9.10 -21.57 40.11
N THR B 832 7.81 -21.28 40.32
CA THR B 832 6.80 -21.72 39.37
C THR B 832 7.05 -21.14 37.98
N LEU B 833 7.35 -19.84 37.92
CA LEU B 833 7.61 -19.20 36.64
C LEU B 833 8.85 -19.79 35.97
N TYR B 834 9.89 -20.08 36.76
CA TYR B 834 11.09 -20.70 36.22
C TYR B 834 10.81 -22.10 35.71
N ASP B 835 9.98 -22.86 36.43
CA ASP B 835 9.65 -24.23 36.02
C ASP B 835 8.81 -24.24 34.76
N VAL B 836 7.98 -23.22 34.54
CA VAL B 836 7.21 -23.13 33.30
C VAL B 836 8.16 -23.04 32.10
N GLY B 837 9.28 -22.33 32.26
CA GLY B 837 10.27 -22.25 31.21
C GLY B 837 10.57 -20.83 30.75
N LEU B 838 10.31 -19.85 31.61
CA LEU B 838 10.50 -18.44 31.28
C LEU B 838 11.74 -17.87 31.95
N GLY B 839 12.81 -18.66 32.04
CA GLY B 839 14.00 -18.24 32.73
C GLY B 839 14.96 -17.40 31.90
N TYR B 840 14.45 -16.69 30.90
CA TYR B 840 15.26 -15.80 30.09
C TYR B 840 14.69 -14.39 29.93
N ILE B 841 13.39 -14.20 30.08
CA ILE B 841 12.81 -12.86 30.03
C ILE B 841 13.00 -12.18 31.38
N LYS B 842 12.78 -10.88 31.44
CA LYS B 842 12.91 -10.11 32.68
C LYS B 842 11.54 -9.56 33.09
N LEU B 843 11.43 -9.25 34.37
CA LEU B 843 10.15 -8.85 34.97
C LEU B 843 9.61 -7.54 34.44
N GLY B 844 10.42 -6.75 33.74
CA GLY B 844 10.00 -5.46 33.23
C GLY B 844 9.65 -5.41 31.77
N GLN B 845 9.65 -6.55 31.07
CA GLN B 845 9.36 -6.55 29.64
C GLN B 845 7.91 -6.15 29.40
N SER B 846 7.70 -5.25 28.45
CA SER B 846 6.35 -4.80 28.13
C SER B 846 5.56 -5.92 27.48
N SER B 847 4.24 -5.94 27.76
CA SER B 847 3.38 -6.98 27.22
C SER B 847 3.24 -6.88 25.70
N THR B 848 3.50 -5.71 25.12
CA THR B 848 3.44 -5.58 23.67
C THR B 848 4.50 -6.43 22.99
N THR B 849 5.70 -6.49 23.57
CA THR B 849 6.80 -7.27 23.00
C THR B 849 6.64 -8.77 23.22
N LEU B 850 5.71 -9.19 24.06
CA LEU B 850 5.52 -10.62 24.31
C LEU B 850 4.87 -11.29 23.11
N SER B 851 5.31 -12.51 22.81
CA SER B 851 4.77 -13.28 21.71
C SER B 851 3.72 -14.26 22.22
N GLY B 852 3.20 -15.11 21.33
CA GLY B 852 2.17 -16.05 21.73
C GLY B 852 2.65 -17.09 22.72
N GLY B 853 3.83 -17.66 22.46
CA GLY B 853 4.35 -18.67 23.36
C GLY B 853 4.64 -18.14 24.74
N GLU B 854 5.22 -16.95 24.82
CA GLU B 854 5.49 -16.34 26.12
C GLU B 854 4.19 -16.03 26.86
N ALA B 855 3.17 -15.57 26.13
CA ALA B 855 1.88 -15.31 26.76
C ALA B 855 1.27 -16.61 27.30
N GLN B 856 1.35 -17.69 26.54
CA GLN B 856 0.83 -18.96 27.01
C GLN B 856 1.58 -19.44 28.25
N ARG B 857 2.90 -19.28 28.26
CA ARG B 857 3.68 -19.68 29.42
C ARG B 857 3.34 -18.83 30.64
N VAL B 858 3.12 -17.53 30.44
CA VAL B 858 2.71 -16.66 31.54
C VAL B 858 1.37 -17.10 32.11
N LYS B 859 0.42 -17.41 31.23
CA LYS B 859 -0.89 -17.85 31.70
C LYS B 859 -0.79 -19.18 32.43
N LEU B 860 0.05 -20.10 31.94
CA LEU B 860 0.25 -21.37 32.63
C LEU B 860 0.85 -21.15 34.02
N ALA B 861 1.83 -20.25 34.13
CA ALA B 861 2.42 -19.97 35.42
C ALA B 861 1.39 -19.36 36.38
N THR B 862 0.56 -18.45 35.88
CA THR B 862 -0.47 -17.84 36.72
C THR B 862 -1.47 -18.90 37.20
N GLU B 863 -1.88 -19.80 36.30
CA GLU B 863 -2.81 -20.86 36.70
C GLU B 863 -2.18 -21.81 37.71
N LEU B 864 -0.89 -22.13 37.53
CA LEU B 864 -0.22 -23.03 38.46
C LEU B 864 -0.05 -22.39 39.83
N SER B 865 0.22 -21.09 39.88
CA SER B 865 0.45 -20.42 41.17
C SER B 865 -0.79 -20.45 42.05
N ARG B 866 -1.99 -20.39 41.45
CA ARG B 866 -3.22 -20.36 42.22
C ARG B 866 -3.42 -21.67 42.96
N LYS B 867 -4.13 -21.59 44.10
CA LYS B 867 -4.39 -22.77 44.90
C LYS B 867 -5.32 -23.72 44.16
N SER B 868 -5.09 -25.02 44.35
CA SER B 868 -5.86 -26.06 43.69
C SER B 868 -7.11 -26.39 44.50
N THR B 869 -8.26 -26.37 43.83
CA THR B 869 -9.52 -26.70 44.47
C THR B 869 -10.02 -28.10 44.12
N GLY B 870 -9.41 -28.76 43.13
CA GLY B 870 -9.80 -30.10 42.75
C GLY B 870 -10.97 -30.18 41.78
N LYS B 871 -11.54 -29.03 41.39
CA LYS B 871 -12.67 -28.99 40.46
C LYS B 871 -12.42 -27.92 39.40
N THR B 872 -11.23 -27.94 38.82
CA THR B 872 -10.84 -26.97 37.80
C THR B 872 -10.74 -27.65 36.44
N MET B 873 -11.30 -27.00 35.43
CA MET B 873 -11.30 -27.49 34.06
C MET B 873 -10.45 -26.56 33.20
N TYR B 874 -9.49 -27.12 32.47
CA TYR B 874 -8.60 -26.37 31.61
C TYR B 874 -8.70 -26.88 30.19
N ILE B 875 -8.80 -25.96 29.23
CA ILE B 875 -8.95 -26.30 27.82
C ILE B 875 -7.80 -25.64 27.07
N LEU B 876 -7.03 -26.46 26.36
CA LEU B 876 -5.91 -25.98 25.56
C LEU B 876 -6.16 -26.30 24.09
N ASP B 877 -5.99 -25.30 23.23
CA ASP B 877 -6.18 -25.44 21.79
C ASP B 877 -4.82 -25.39 21.11
N GLU B 878 -4.29 -26.55 20.73
CA GLU B 878 -2.99 -26.70 20.09
C GLU B 878 -1.92 -26.01 20.92
N PRO B 879 -1.57 -26.56 22.09
CA PRO B 879 -0.58 -25.89 22.95
C PRO B 879 0.84 -25.95 22.40
N THR B 880 1.14 -26.84 21.46
CA THR B 880 2.48 -26.99 20.92
C THR B 880 2.72 -26.15 19.67
N THR B 881 2.02 -25.03 19.53
CA THR B 881 2.20 -24.15 18.38
C THR B 881 3.46 -23.32 18.58
N GLY B 882 4.45 -23.52 17.71
CA GLY B 882 5.71 -22.81 17.82
C GLY B 882 6.54 -23.19 19.03
N LEU B 883 6.61 -24.47 19.36
CA LEU B 883 7.44 -24.98 20.45
C LEU B 883 8.35 -26.07 19.93
N HIS B 884 9.62 -26.01 20.33
CA HIS B 884 10.58 -27.04 19.97
C HIS B 884 10.28 -28.32 20.76
N MET B 885 11.03 -29.38 20.45
CA MET B 885 10.80 -30.65 21.11
C MET B 885 11.10 -30.57 22.60
N ALA B 886 12.15 -29.85 22.99
CA ALA B 886 12.42 -29.65 24.41
C ALA B 886 11.30 -28.88 25.08
N ASP B 887 10.77 -27.86 24.41
CA ASP B 887 9.62 -27.14 24.93
C ASP B 887 8.41 -28.06 25.06
N VAL B 888 8.25 -28.99 24.11
CA VAL B 888 7.16 -29.95 24.19
C VAL B 888 7.33 -30.84 25.42
N HIS B 889 8.54 -31.31 25.68
CA HIS B 889 8.79 -32.13 26.85
C HIS B 889 8.50 -31.36 28.14
N ARG B 890 8.96 -30.10 28.22
CA ARG B 890 8.72 -29.30 29.41
C ARG B 890 7.23 -29.04 29.60
N LEU B 891 6.50 -28.75 28.53
CA LEU B 891 5.06 -28.53 28.62
C LEU B 891 4.32 -29.80 29.02
N VAL B 892 4.77 -30.95 28.53
CA VAL B 892 4.16 -32.22 28.95
C VAL B 892 4.34 -32.42 30.45
N GLY B 893 5.56 -32.16 30.93
CA GLY B 893 5.80 -32.27 32.37
C GLY B 893 4.95 -31.32 33.18
N ILE B 894 4.82 -30.07 32.72
CA ILE B 894 4.02 -29.08 33.43
C ILE B 894 2.56 -29.49 33.45
N LEU B 895 2.04 -29.98 32.31
CA LEU B 895 0.65 -30.40 32.26
C LEU B 895 0.38 -31.59 33.16
N HIS B 896 1.31 -32.55 33.19
CA HIS B 896 1.14 -33.69 34.10
C HIS B 896 1.17 -33.25 35.55
N ARG B 897 2.06 -32.31 35.90
CA ARG B 897 2.09 -31.78 37.26
C ARG B 897 0.78 -31.08 37.60
N LEU B 898 0.24 -30.32 36.66
CA LEU B 898 -1.03 -29.63 36.88
C LEU B 898 -2.16 -30.64 37.09
N VAL B 899 -2.19 -31.70 36.28
CA VAL B 899 -3.24 -32.71 36.40
C VAL B 899 -3.12 -33.45 37.73
N GLU B 900 -1.89 -33.68 38.20
CA GLU B 900 -1.69 -34.38 39.46
C GLU B 900 -2.25 -33.62 40.65
N ALA B 901 -2.47 -32.30 40.51
CA ALA B 901 -3.00 -31.50 41.61
C ALA B 901 -4.48 -31.76 41.87
N GLY B 902 -5.19 -32.41 40.94
CA GLY B 902 -6.60 -32.69 41.13
C GLY B 902 -7.45 -32.21 39.97
N ASN B 903 -7.02 -31.14 39.32
CA ASN B 903 -7.75 -30.61 38.18
C ASN B 903 -7.55 -31.50 36.95
N SER B 904 -8.50 -31.40 36.02
CA SER B 904 -8.46 -32.14 34.77
C SER B 904 -8.38 -31.17 33.60
N VAL B 905 -7.55 -31.51 32.62
CA VAL B 905 -7.31 -30.66 31.46
C VAL B 905 -7.55 -31.48 30.19
N VAL B 906 -8.27 -30.91 29.24
CA VAL B 906 -8.56 -31.54 27.96
C VAL B 906 -7.83 -30.75 26.88
N VAL B 907 -7.01 -31.44 26.10
CA VAL B 907 -6.10 -30.80 25.13
C VAL B 907 -6.39 -31.34 23.74
N ILE B 908 -6.55 -30.43 22.79
CA ILE B 908 -6.64 -30.79 21.38
C ILE B 908 -5.23 -30.84 20.81
N GLU B 909 -4.74 -32.04 20.56
CA GLU B 909 -3.34 -32.21 20.18
C GLU B 909 -3.23 -33.02 18.90
N HIS B 910 -2.14 -32.81 18.19
CA HIS B 910 -1.85 -33.56 16.97
C HIS B 910 -0.46 -34.20 17.05
N ASN B 911 0.45 -33.55 17.78
CA ASN B 911 1.80 -34.08 17.92
C ASN B 911 1.76 -35.43 18.64
N LEU B 912 2.50 -36.40 18.09
CA LEU B 912 2.49 -37.74 18.69
C LEU B 912 3.17 -37.75 20.05
N ASP B 913 4.10 -36.82 20.29
CA ASP B 913 4.78 -36.78 21.59
C ASP B 913 3.82 -36.51 22.72
N VAL B 914 2.90 -35.55 22.54
CA VAL B 914 1.91 -35.27 23.57
C VAL B 914 0.89 -36.40 23.66
N ILE B 915 0.51 -36.97 22.51
CA ILE B 915 -0.52 -38.00 22.49
C ILE B 915 -0.06 -39.26 23.22
N LYS B 916 1.18 -39.69 22.99
CA LYS B 916 1.64 -40.95 23.54
C LYS B 916 1.77 -40.91 25.06
N THR B 917 1.82 -39.73 25.67
CA THR B 917 1.92 -39.61 27.11
C THR B 917 0.59 -39.26 27.76
N ALA B 918 -0.50 -39.29 27.00
CA ALA B 918 -1.81 -38.95 27.54
C ALA B 918 -2.39 -40.13 28.32
N ASP B 919 -3.53 -39.89 28.95
CA ASP B 919 -4.22 -40.89 29.76
C ASP B 919 -5.49 -41.42 29.12
N TYR B 920 -6.34 -40.54 28.58
CA TYR B 920 -7.55 -40.94 27.89
C TYR B 920 -7.61 -40.23 26.56
N ILE B 921 -7.90 -40.98 25.49
CA ILE B 921 -7.86 -40.47 24.13
C ILE B 921 -9.25 -40.65 23.51
N ILE B 922 -9.78 -39.57 22.93
CA ILE B 922 -11.03 -39.60 22.18
C ILE B 922 -10.71 -39.32 20.73
N ASP B 923 -11.07 -40.23 19.84
CA ASP B 923 -10.75 -40.13 18.42
C ASP B 923 -12.03 -39.84 17.63
N LEU B 924 -11.98 -38.84 16.76
CA LEU B 924 -13.10 -38.44 15.92
C LEU B 924 -12.71 -38.61 14.46
N GLY B 925 -13.56 -39.32 13.70
CA GLY B 925 -13.31 -39.53 12.30
C GLY B 925 -14.54 -40.05 11.58
N PRO B 926 -14.35 -40.97 10.63
CA PRO B 926 -13.08 -41.53 10.17
C PRO B 926 -12.48 -40.73 9.02
N GLU B 927 -13.14 -39.65 8.61
CA GLU B 927 -12.65 -38.80 7.53
C GLU B 927 -12.98 -37.36 7.89
N GLY B 928 -12.70 -36.44 6.97
CA GLY B 928 -12.93 -35.03 7.17
C GLY B 928 -14.21 -34.55 6.50
N GLY B 929 -14.78 -33.48 7.05
CA GLY B 929 -15.95 -32.87 6.44
C GLY B 929 -17.22 -33.67 6.67
N SER B 930 -18.09 -33.65 5.67
CA SER B 930 -19.38 -34.31 5.77
C SER B 930 -19.26 -35.82 5.87
N GLY B 931 -18.13 -36.39 5.43
CA GLY B 931 -17.97 -37.83 5.51
C GLY B 931 -17.88 -38.32 6.94
N GLY B 932 -17.19 -37.58 7.81
CA GLY B 932 -16.99 -37.95 9.19
C GLY B 932 -17.76 -37.07 10.15
N GLY B 933 -17.53 -37.33 11.44
CA GLY B 933 -18.19 -36.60 12.49
C GLY B 933 -18.58 -37.49 13.67
N LEU B 934 -18.43 -38.79 13.50
CA LEU B 934 -18.76 -39.76 14.53
C LEU B 934 -17.52 -40.14 15.33
N VAL B 935 -17.75 -40.85 16.42
CA VAL B 935 -16.67 -41.31 17.30
C VAL B 935 -16.22 -42.69 16.82
N VAL B 936 -14.92 -42.86 16.63
CA VAL B 936 -14.37 -44.11 16.12
C VAL B 936 -13.84 -44.94 17.29
N ALA B 937 -12.88 -44.41 18.02
CA ALA B 937 -12.26 -45.11 19.13
C ALA B 937 -12.20 -44.21 20.35
N GLU B 938 -12.33 -44.81 21.52
CA GLU B 938 -12.25 -44.09 22.78
C GLU B 938 -11.73 -45.04 23.87
N GLY B 939 -10.80 -44.55 24.67
CA GLY B 939 -10.23 -45.32 25.75
C GLY B 939 -8.75 -45.04 25.88
N THR B 940 -8.05 -46.01 26.48
CA THR B 940 -6.62 -45.88 26.68
C THR B 940 -5.89 -45.94 25.34
N PRO B 941 -4.69 -45.35 25.24
CA PRO B 941 -3.95 -45.41 23.98
C PRO B 941 -3.66 -46.83 23.51
N GLU B 942 -3.44 -47.76 24.43
CA GLU B 942 -3.22 -49.15 24.04
C GLU B 942 -4.44 -49.73 23.33
N GLU B 943 -5.63 -49.43 23.84
CA GLU B 943 -6.85 -49.91 23.21
C GLU B 943 -7.03 -49.28 21.83
N VAL B 944 -6.75 -47.98 21.71
CA VAL B 944 -6.91 -47.30 20.43
C VAL B 944 -5.93 -47.84 19.40
N ALA B 945 -4.72 -48.19 19.83
CA ALA B 945 -3.71 -48.70 18.91
C ALA B 945 -4.10 -50.03 18.29
N LYS B 946 -5.08 -50.74 18.87
CA LYS B 946 -5.51 -52.03 18.36
C LYS B 946 -6.64 -51.93 17.34
N VAL B 947 -7.13 -50.73 17.04
CA VAL B 947 -8.22 -50.55 16.09
C VAL B 947 -7.62 -50.32 14.72
N GLU B 948 -8.05 -51.15 13.75
CA GLU B 948 -7.53 -51.01 12.39
C GLU B 948 -8.07 -49.77 11.70
N ASN B 949 -9.31 -49.39 12.00
CA ASN B 949 -9.95 -48.25 11.34
C ASN B 949 -9.67 -46.94 12.08
N SER B 950 -8.39 -46.64 12.30
CA SER B 950 -8.02 -45.39 12.96
C SER B 950 -6.58 -45.07 12.61
N TYR B 951 -6.37 -43.97 11.89
CA TYR B 951 -5.01 -43.54 11.55
C TYR B 951 -4.23 -43.19 12.80
N THR B 952 -4.87 -42.53 13.77
CA THR B 952 -4.21 -42.23 15.03
C THR B 952 -3.79 -43.50 15.75
N GLY B 953 -4.65 -44.53 15.74
CA GLY B 953 -4.28 -45.79 16.36
C GLY B 953 -3.09 -46.45 15.68
N GLN B 954 -3.07 -46.42 14.35
CA GLN B 954 -1.94 -47.00 13.62
C GLN B 954 -0.65 -46.26 13.94
N PHE B 955 -0.70 -44.93 13.96
CA PHE B 955 0.51 -44.16 14.26
C PHE B 955 0.97 -44.38 15.69
N LEU B 956 0.03 -44.48 16.63
CA LEU B 956 0.40 -44.78 18.01
C LEU B 956 1.01 -46.16 18.14
N LYS B 957 0.49 -47.14 17.40
CA LYS B 957 1.11 -48.46 17.39
C LYS B 957 2.53 -48.40 16.83
N LYS B 958 2.73 -47.62 15.76
CA LYS B 958 4.06 -47.48 15.19
C LYS B 958 5.03 -46.83 16.18
N VAL B 959 4.58 -45.79 16.88
CA VAL B 959 5.45 -45.12 17.84
C VAL B 959 5.78 -46.04 19.01
N LEU B 960 4.76 -46.70 19.55
CA LEU B 960 4.96 -47.59 20.70
C LEU B 960 5.61 -48.91 20.27
#